data_6JHM
#
_entry.id   6JHM
#
_cell.length_a   97.924
_cell.length_b   128.143
_cell.length_c   182.182
_cell.angle_alpha   90.000
_cell.angle_beta   90.000
_cell.angle_gamma   90.000
#
_symmetry.space_group_name_H-M   'P 21 21 21'
#
loop_
_entity.id
_entity.type
_entity.pdbx_description
1 polymer 'Chlorophenol monooxygenase'
2 water water
#
_entity_poly.entity_id   1
_entity_poly.type   'polypeptide(L)'
_entity_poly.pdbx_seq_one_letter_code
;MIRTGTQYLESLNDGRNVWVGNEKIDNVATHPKTRDYAQRHADFYDLHHRPDLQDVMTYIDEGGQRRAMQWFGHRDKEQL
RRKRKYHETVMREMAGASFPRTPDVNNYVLTTYIDDPAPWETQSIGDDGHIKAGKIVDFIRYAREHDLNCAPQFVDPQMD
RSNPDAQERSPGLRVVEKNEKGIVVNGVKAIGTGVAFADWIHIGVFFRPGIPGDQVIFAATPVNTPGVTIVCRESLVKDD
KVEHPLAAQGDELDGMTVFENVFIPWSHVFHIGNPNHAKLYPQRVFDWLHYHALIRQMVRAELVAGLAVLITEHIGTNKI
PAVQTRVAKLIGFHQAMLAHLIASEELGFHTPGGHYKPNILIYDFGRALYLENFSQMIYELVDLSGRSALIFASEDQWND
DKLNGWFERMNNGPVGRPHDRVKIGRVIRDLFLTDWGSRLFVFENFNGTPLQGIRMLTMQRAEFSGSGPYGKLARQVCGI
DSAVTDDTEYRKTADYAKALDAARHQEEVALAGAMAI
;
_entity_poly.pdbx_strand_id   A,B,C,D
#
# COMPACT_ATOMS: atom_id res chain seq x y z
N MET A 1 41.75 -12.28 29.56
CA MET A 1 41.50 -13.07 28.34
C MET A 1 40.21 -12.57 27.66
N ILE A 2 39.90 -13.26 26.58
CA ILE A 2 38.61 -13.26 25.96
C ILE A 2 38.04 -14.68 26.03
N ARG A 3 36.82 -14.78 26.49
CA ARG A 3 36.21 -16.08 26.69
C ARG A 3 36.24 -16.85 25.36
N THR A 4 36.33 -18.17 25.47
CA THR A 4 36.26 -19.08 24.34
C THR A 4 34.90 -19.79 24.29
N GLY A 5 34.49 -20.20 23.10
CA GLY A 5 33.23 -20.97 23.00
C GLY A 5 33.24 -22.21 23.90
N THR A 6 34.41 -22.84 24.08
CA THR A 6 34.50 -24.03 24.92
C THR A 6 34.17 -23.67 26.38
N GLN A 7 34.81 -22.62 26.85
CA GLN A 7 34.53 -22.04 28.18
C GLN A 7 33.02 -21.77 28.33
N TYR A 8 32.43 -21.05 27.38
CA TYR A 8 31.00 -20.78 27.40
C TYR A 8 30.23 -22.10 27.54
N LEU A 9 30.49 -23.08 26.67
CA LEU A 9 29.63 -24.30 26.65
C LEU A 9 29.69 -25.03 27.99
N GLU A 10 30.90 -25.11 28.56
CA GLU A 10 31.11 -25.72 29.87
C GLU A 10 30.26 -25.00 30.93
N SER A 11 30.15 -23.65 30.79
CA SER A 11 29.47 -22.84 31.78
C SER A 11 27.95 -23.09 31.78
N LEU A 12 27.38 -23.60 30.70
CA LEU A 12 25.91 -23.81 30.60
C LEU A 12 25.44 -24.94 31.52
N ASN A 13 26.32 -25.87 31.86
CA ASN A 13 25.94 -27.03 32.68
C ASN A 13 26.00 -26.65 34.17
N ASP A 14 25.12 -25.74 34.58
CA ASP A 14 25.18 -25.10 35.92
C ASP A 14 23.89 -25.34 36.70
N GLY A 15 23.04 -26.26 36.19
CA GLY A 15 21.79 -26.70 36.86
C GLY A 15 20.59 -25.78 36.65
N ARG A 16 20.69 -24.88 35.69
CA ARG A 16 19.57 -23.97 35.44
C ARG A 16 18.33 -24.81 35.17
N ASN A 17 17.18 -24.25 35.50
CA ASN A 17 15.93 -24.97 35.34
C ASN A 17 15.24 -24.46 34.06
N VAL A 18 15.20 -25.31 33.02
CA VAL A 18 14.80 -24.84 31.67
C VAL A 18 13.79 -25.82 31.09
N TRP A 19 12.60 -25.30 30.81
CA TRP A 19 11.64 -25.94 29.92
C TRP A 19 11.86 -25.40 28.50
N VAL A 20 11.95 -26.39 27.58
CA VAL A 20 11.86 -26.16 26.16
C VAL A 20 10.73 -27.06 25.68
N GLY A 21 9.59 -26.43 25.43
CA GLY A 21 8.39 -27.14 25.17
C GLY A 21 8.01 -28.02 26.34
N ASN A 22 7.70 -29.29 26.01
CA ASN A 22 7.25 -30.28 26.99
C ASN A 22 8.43 -30.80 27.82
N GLU A 23 9.68 -30.51 27.41
CA GLU A 23 10.87 -31.19 27.96
C GLU A 23 11.66 -30.33 28.93
N LYS A 24 12.23 -30.98 29.93
CA LYS A 24 13.19 -30.35 30.79
C LYS A 24 14.59 -30.57 30.21
N ILE A 25 15.45 -29.57 30.33
CA ILE A 25 16.76 -29.60 29.71
C ILE A 25 17.83 -29.85 30.78
N ASP A 26 18.50 -30.99 30.67
CA ASP A 26 19.54 -31.42 31.62
C ASP A 26 20.72 -30.47 31.47
N ASN A 27 21.08 -30.23 30.19
CA ASN A 27 22.25 -29.45 29.86
C ASN A 27 22.03 -28.84 28.47
N VAL A 28 21.80 -27.52 28.49
CA VAL A 28 21.59 -26.68 27.31
C VAL A 28 22.70 -26.88 26.28
N ALA A 29 23.93 -27.11 26.73
CA ALA A 29 25.05 -27.29 25.79
C ALA A 29 24.88 -28.56 24.91
N THR A 30 24.18 -29.58 25.37
CA THR A 30 24.21 -30.90 24.71
C THR A 30 22.81 -31.42 24.36
N HIS A 31 21.75 -30.89 24.94
CA HIS A 31 20.41 -31.38 24.61
C HIS A 31 20.10 -31.10 23.13
N PRO A 32 19.44 -32.07 22.45
CA PRO A 32 19.14 -31.94 21.01
C PRO A 32 18.37 -30.66 20.65
N LYS A 33 17.48 -30.19 21.51
CA LYS A 33 16.62 -29.04 21.13
C LYS A 33 17.36 -27.70 21.28
N THR A 34 18.49 -27.68 21.99
CA THR A 34 19.20 -26.42 22.28
C THR A 34 20.63 -26.37 21.74
N ARG A 35 21.29 -27.51 21.45
CA ARG A 35 22.76 -27.53 21.38
C ARG A 35 23.29 -26.74 20.18
N ASP A 36 22.52 -26.66 19.11
CA ASP A 36 22.97 -25.91 17.93
C ASP A 36 22.96 -24.41 18.25
N TYR A 37 21.93 -23.88 18.90
CA TYR A 37 22.01 -22.41 19.14
C TYR A 37 23.10 -22.17 20.20
N ALA A 38 23.28 -23.15 21.10
CA ALA A 38 24.36 -23.02 22.10
C ALA A 38 25.71 -22.86 21.39
N GLN A 39 25.88 -23.65 20.35
CA GLN A 39 27.09 -23.65 19.58
C GLN A 39 27.18 -22.33 18.76
N ARG A 40 26.05 -21.77 18.38
CA ARG A 40 26.08 -20.46 17.72
C ARG A 40 26.63 -19.41 18.71
N HIS A 41 26.26 -19.47 19.97
CA HIS A 41 26.89 -18.60 20.98
C HIS A 41 28.37 -18.98 21.14
N ALA A 42 28.69 -20.27 21.19
CA ALA A 42 30.11 -20.71 21.20
C ALA A 42 30.87 -20.11 20.00
N ASP A 43 30.27 -20.12 18.82
CA ASP A 43 30.90 -19.52 17.64
C ASP A 43 31.09 -18.01 17.83
N PHE A 44 30.14 -17.34 18.47
CA PHE A 44 30.27 -15.93 18.70
C PHE A 44 31.52 -15.66 19.52
N TYR A 45 31.71 -16.37 20.60
CA TYR A 45 32.87 -16.13 21.44
C TYR A 45 34.14 -16.38 20.61
N ASP A 46 34.23 -17.52 19.92
CA ASP A 46 35.45 -17.95 19.14
C ASP A 46 35.76 -16.96 18.02
N LEU A 47 34.75 -16.35 17.43
CA LEU A 47 34.93 -15.35 16.37
C LEU A 47 35.91 -14.26 16.84
N HIS A 48 35.94 -13.99 18.16
CA HIS A 48 36.78 -12.93 18.73
C HIS A 48 38.28 -13.33 18.77
N HIS A 49 38.57 -14.61 18.58
CA HIS A 49 39.93 -15.16 18.60
C HIS A 49 40.49 -15.38 17.19
N ARG A 50 39.71 -15.13 16.16
CA ARG A 50 40.15 -15.38 14.78
C ARG A 50 41.18 -14.32 14.35
N PRO A 51 42.42 -14.75 14.05
CA PRO A 51 43.51 -13.76 13.83
C PRO A 51 43.19 -12.72 12.75
N ASP A 52 42.47 -13.11 11.73
CA ASP A 52 42.15 -12.21 10.62
C ASP A 52 41.06 -11.19 11.03
N LEU A 53 40.28 -11.44 12.09
CA LEU A 53 39.27 -10.48 12.52
C LEU A 53 39.68 -9.70 13.79
N GLN A 54 40.95 -9.68 14.17
CA GLN A 54 41.34 -9.09 15.48
C GLN A 54 41.05 -7.58 15.55
N ASP A 55 41.23 -6.86 14.46
CA ASP A 55 41.08 -5.41 14.45
C ASP A 55 39.59 -5.02 14.43
N VAL A 56 38.73 -5.92 13.93
CA VAL A 56 37.31 -5.66 13.92
C VAL A 56 36.72 -6.03 15.28
N MET A 57 37.21 -7.12 15.87
CA MET A 57 36.47 -7.85 16.91
C MET A 57 36.91 -7.46 18.32
N THR A 58 38.10 -6.88 18.47
CA THR A 58 38.74 -6.61 19.74
C THR A 58 39.30 -5.18 19.74
N TYR A 59 39.54 -4.65 20.93
CA TYR A 59 40.30 -3.39 21.17
C TYR A 59 41.20 -3.58 22.40
N ILE A 60 42.05 -2.57 22.60
CA ILE A 60 42.90 -2.45 23.75
C ILE A 60 42.25 -1.37 24.61
N ASP A 61 41.83 -1.72 25.81
CA ASP A 61 41.23 -0.72 26.67
C ASP A 61 42.35 0.15 27.26
N GLU A 62 41.95 1.24 27.91
CA GLU A 62 42.85 2.24 28.55
C GLU A 62 43.96 1.52 29.32
N GLY A 63 43.60 0.52 30.12
CA GLY A 63 44.53 -0.23 30.96
C GLY A 63 45.30 -1.32 30.23
N GLY A 64 45.51 -1.18 28.91
CA GLY A 64 46.43 -2.05 28.14
C GLY A 64 45.88 -3.44 27.80
N GLN A 65 44.61 -3.72 28.11
CA GLN A 65 44.04 -5.10 27.96
C GLN A 65 43.23 -5.24 26.68
N ARG A 66 43.41 -6.37 26.00
CA ARG A 66 42.64 -6.70 24.80
C ARG A 66 41.30 -7.30 25.20
N ARG A 67 40.19 -6.64 24.82
CA ARG A 67 38.84 -7.16 25.14
C ARG A 67 38.00 -7.25 23.87
N ALA A 68 36.96 -8.06 23.94
CA ALA A 68 35.95 -8.16 22.88
C ALA A 68 35.25 -6.81 22.70
N MET A 69 34.94 -6.42 21.46
CA MET A 69 34.39 -5.09 21.13
C MET A 69 32.98 -4.91 21.69
N GLN A 70 32.36 -5.98 22.18
CA GLN A 70 31.02 -5.87 22.75
C GLN A 70 31.08 -4.98 23.98
N TRP A 71 32.24 -4.87 24.62
CA TRP A 71 32.44 -4.03 25.82
C TRP A 71 32.92 -2.62 25.49
N PHE A 72 33.14 -2.31 24.24
CA PHE A 72 33.76 -1.02 23.83
C PHE A 72 32.78 0.16 23.95
N GLY A 73 33.17 1.22 24.63
CA GLY A 73 32.34 2.44 24.71
C GLY A 73 32.75 3.50 23.71
N HIS A 74 31.81 3.96 22.90
CA HIS A 74 32.19 4.83 21.80
C HIS A 74 31.83 6.28 22.18
N ARG A 75 32.83 7.15 22.08
CA ARG A 75 32.81 8.51 22.62
C ARG A 75 32.72 9.54 21.49
N ASP A 76 32.88 9.10 20.24
CA ASP A 76 32.67 9.98 19.10
C ASP A 76 32.12 9.15 17.95
N LYS A 77 31.76 9.85 16.88
CA LYS A 77 31.15 9.24 15.69
C LYS A 77 32.05 8.17 15.05
N GLU A 78 33.38 8.34 15.06
CA GLU A 78 34.23 7.39 14.33
C GLU A 78 34.37 6.10 15.18
N GLN A 79 34.40 6.27 16.50
CA GLN A 79 34.30 5.11 17.38
C GLN A 79 32.92 4.44 17.26
N LEU A 80 31.85 5.22 17.10
CA LEU A 80 30.52 4.65 16.86
C LEU A 80 30.57 3.75 15.63
N ARG A 81 31.18 4.23 14.55
CA ARG A 81 31.20 3.47 13.30
C ARG A 81 31.99 2.17 13.47
N ARG A 82 33.07 2.19 14.28
CA ARG A 82 33.82 1.00 14.58
C ARG A 82 32.94 -0.03 15.29
N LYS A 83 32.11 0.44 16.23
CA LYS A 83 31.16 -0.45 16.93
C LYS A 83 30.13 -1.03 15.94
N ARG A 84 29.51 -0.17 15.15
CA ARG A 84 28.63 -0.69 14.11
C ARG A 84 29.38 -1.73 13.26
N LYS A 85 30.56 -1.37 12.79
CA LYS A 85 31.34 -2.29 11.94
C LYS A 85 31.46 -3.67 12.62
N TYR A 86 31.75 -3.72 13.92
CA TYR A 86 31.84 -4.98 14.69
C TYR A 86 30.49 -5.72 14.70
N HIS A 87 29.36 -5.02 14.98
CA HIS A 87 28.04 -5.69 15.04
C HIS A 87 27.68 -6.24 13.64
N GLU A 88 28.10 -5.53 12.60
CA GLU A 88 27.81 -5.96 11.22
C GLU A 88 28.54 -7.26 10.92
N THR A 89 29.80 -7.33 11.33
CA THR A 89 30.66 -8.46 11.06
C THR A 89 30.10 -9.69 11.76
N VAL A 90 29.68 -9.54 12.99
CA VAL A 90 29.14 -10.63 13.74
C VAL A 90 27.91 -11.15 12.98
N MET A 91 27.09 -10.25 12.49
CA MET A 91 25.81 -10.75 12.05
C MET A 91 25.95 -11.33 10.63
N ARG A 92 26.94 -10.83 9.88
CA ARG A 92 27.23 -11.35 8.56
C ARG A 92 27.85 -12.72 8.68
N GLU A 93 28.64 -12.91 9.73
CA GLU A 93 29.33 -14.16 9.92
C GLU A 93 28.34 -15.19 10.45
N MET A 94 27.23 -14.76 11.02
CA MET A 94 26.33 -15.71 11.69
C MET A 94 24.97 -15.77 10.97
N ALA A 95 25.02 -16.32 9.77
CA ALA A 95 23.86 -16.79 9.01
C ALA A 95 23.01 -15.59 8.56
N GLY A 96 23.67 -14.57 8.05
CA GLY A 96 22.99 -13.38 7.51
C GLY A 96 21.99 -12.79 8.50
N ALA A 97 22.45 -12.57 9.73
CA ALA A 97 21.73 -11.90 10.78
C ALA A 97 20.49 -12.67 11.18
N SER A 98 20.52 -14.00 11.27
CA SER A 98 19.35 -14.81 11.76
C SER A 98 19.35 -14.96 13.28
N PHE A 99 20.37 -14.49 14.00
CA PHE A 99 20.39 -14.58 15.45
C PHE A 99 20.49 -13.18 16.05
N PRO A 100 19.34 -12.59 16.33
CA PRO A 100 19.25 -11.22 16.69
C PRO A 100 19.72 -10.88 18.11
N ARG A 101 19.76 -11.88 18.99
CA ARG A 101 20.05 -11.61 20.37
C ARG A 101 21.30 -12.39 20.78
N THR A 102 22.36 -12.12 20.04
CA THR A 102 23.73 -12.53 20.43
C THR A 102 24.19 -11.61 21.56
N PRO A 103 25.20 -12.03 22.32
CA PRO A 103 25.60 -11.37 23.54
C PRO A 103 26.02 -9.93 23.30
N ASP A 104 26.56 -9.64 22.13
CA ASP A 104 26.95 -8.28 21.85
C ASP A 104 25.73 -7.34 21.91
N VAL A 105 24.53 -7.86 21.61
CA VAL A 105 23.33 -7.03 21.60
C VAL A 105 22.80 -6.85 23.02
N ASN A 106 22.64 -7.97 23.72
CA ASN A 106 22.17 -8.05 25.09
C ASN A 106 22.98 -7.10 25.98
N ASN A 107 24.32 -7.15 25.90
CA ASN A 107 25.19 -6.41 26.83
C ASN A 107 25.42 -4.95 26.38
N TYR A 108 25.01 -4.57 25.17
CA TYR A 108 25.26 -3.26 24.62
C TYR A 108 24.55 -2.20 25.49
N VAL A 109 23.50 -2.65 26.08
CA VAL A 109 22.49 -1.92 26.80
C VAL A 109 22.99 -1.49 28.19
N LEU A 110 23.91 -2.26 28.78
CA LEU A 110 24.53 -1.92 30.04
C LEU A 110 25.25 -0.56 29.92
N THR A 111 25.56 -0.11 28.70
CA THR A 111 26.30 1.19 28.49
C THR A 111 25.59 2.33 29.23
N THR A 112 24.25 2.28 29.30
CA THR A 112 23.47 3.40 29.88
C THR A 112 23.76 3.54 31.40
N TYR A 113 23.88 2.45 32.14
CA TYR A 113 24.32 2.42 33.55
C TYR A 113 25.73 3.00 33.70
N ILE A 114 26.68 2.53 32.92
CA ILE A 114 28.06 3.02 33.00
C ILE A 114 28.11 4.51 32.72
N ASP A 115 27.30 4.96 31.78
CA ASP A 115 27.28 6.35 31.35
C ASP A 115 26.94 7.31 32.51
N ASP A 116 25.93 6.94 33.27
CA ASP A 116 25.35 7.84 34.27
C ASP A 116 24.68 6.97 35.32
N PRO A 117 25.46 6.42 36.21
CA PRO A 117 24.90 5.47 37.18
C PRO A 117 24.09 6.10 38.33
N ALA A 118 24.38 7.33 38.73
CA ALA A 118 23.86 7.91 40.02
C ALA A 118 22.33 7.95 40.06
N PRO A 119 21.69 8.35 38.99
CA PRO A 119 20.20 8.46 39.10
C PRO A 119 19.47 7.15 39.45
N TRP A 120 20.03 6.04 39.03
CA TRP A 120 19.48 4.73 39.37
C TRP A 120 19.34 4.59 40.89
N GLU A 121 20.36 5.05 41.59
CA GLU A 121 20.43 5.02 43.05
C GLU A 121 19.63 6.17 43.68
N THR A 122 19.82 7.42 43.24
CA THR A 122 19.25 8.62 43.94
C THR A 122 17.74 8.71 43.72
N GLN A 123 17.27 8.14 42.64
CA GLN A 123 15.85 8.15 42.31
C GLN A 123 15.16 6.91 42.87
N SER A 124 15.88 5.95 43.47
CA SER A 124 15.26 4.76 44.09
C SER A 124 14.38 5.17 45.29
N ILE A 125 13.26 4.48 45.45
CA ILE A 125 12.44 4.68 46.63
C ILE A 125 12.24 3.32 47.32
N GLY A 126 12.30 3.32 48.65
CA GLY A 126 11.94 2.14 49.44
C GLY A 126 13.11 1.19 49.66
N ASP A 127 14.33 1.60 49.32
CA ASP A 127 15.48 0.74 49.51
C ASP A 127 16.19 1.02 50.85
N ASP A 128 15.77 2.05 51.59
CA ASP A 128 16.34 2.35 52.92
C ASP A 128 17.83 2.65 52.77
N GLY A 129 18.16 3.34 51.68
CA GLY A 129 19.53 3.71 51.34
C GLY A 129 20.45 2.52 51.05
N HIS A 130 19.95 1.29 50.86
CA HIS A 130 20.89 0.16 50.61
C HIS A 130 21.49 0.19 49.20
N ILE A 131 20.82 0.78 48.21
CA ILE A 131 21.36 0.70 46.84
C ILE A 131 22.51 1.71 46.65
N LYS A 132 23.60 1.25 46.01
CA LYS A 132 24.73 2.15 45.62
C LYS A 132 25.00 2.11 44.11
N ALA A 133 25.13 3.28 43.52
CA ALA A 133 25.45 3.43 42.09
C ALA A 133 26.72 2.65 41.73
N GLY A 134 27.77 2.89 42.54
CA GLY A 134 29.03 2.19 42.41
C GLY A 134 28.85 0.69 42.16
N LYS A 135 27.82 0.06 42.70
CA LYS A 135 27.68 -1.40 42.60
C LYS A 135 27.16 -1.84 41.21
N ILE A 136 26.38 -0.98 40.53
CA ILE A 136 25.94 -1.33 39.17
C ILE A 136 27.20 -1.41 38.28
N VAL A 137 28.05 -0.43 38.45
CA VAL A 137 29.24 -0.29 37.67
C VAL A 137 30.18 -1.48 37.99
N ASP A 138 30.27 -1.86 39.26
CA ASP A 138 31.03 -3.02 39.70
C ASP A 138 30.52 -4.29 39.03
N PHE A 139 29.21 -4.46 38.92
CA PHE A 139 28.68 -5.69 38.33
C PHE A 139 29.08 -5.74 36.87
N ILE A 140 28.94 -4.58 36.24
CA ILE A 140 29.26 -4.50 34.83
C ILE A 140 30.76 -4.76 34.63
N ARG A 141 31.61 -4.37 35.55
CA ARG A 141 33.05 -4.60 35.37
C ARG A 141 33.31 -6.11 35.47
N TYR A 142 32.59 -6.75 36.37
CA TYR A 142 32.61 -8.20 36.58
C TYR A 142 32.09 -8.95 35.34
N ALA A 143 31.06 -8.44 34.69
CA ALA A 143 30.50 -9.10 33.52
C ALA A 143 31.51 -9.00 32.37
N ARG A 144 32.08 -7.83 32.20
CA ARG A 144 33.03 -7.54 31.16
C ARG A 144 34.26 -8.46 31.29
N GLU A 145 34.70 -8.69 32.50
CA GLU A 145 35.95 -9.33 32.72
C GLU A 145 35.82 -10.81 32.34
N HIS A 146 34.65 -11.33 32.58
CA HIS A 146 34.35 -12.72 32.28
C HIS A 146 33.53 -12.85 30.98
N ASP A 147 33.39 -11.79 30.20
CA ASP A 147 32.57 -11.79 28.94
C ASP A 147 31.20 -12.49 29.15
N LEU A 148 30.50 -12.12 30.22
CA LEU A 148 29.25 -12.77 30.59
C LEU A 148 28.11 -12.17 29.76
N ASN A 149 27.19 -13.06 29.38
CA ASN A 149 26.02 -12.67 28.60
C ASN A 149 24.89 -12.28 29.56
N CYS A 150 24.56 -11.01 29.60
CA CYS A 150 23.43 -10.54 30.43
C CYS A 150 22.18 -10.27 29.55
N ALA A 151 21.24 -11.23 29.47
CA ALA A 151 19.97 -11.18 28.71
C ALA A 151 18.93 -10.26 29.39
N PRO A 152 18.48 -9.25 28.66
CA PRO A 152 17.54 -8.30 29.27
C PRO A 152 16.13 -8.85 29.29
N GLN A 153 15.49 -8.79 30.45
CA GLN A 153 14.06 -9.05 30.54
C GLN A 153 13.37 -7.83 31.15
N PHE A 154 12.84 -6.97 30.30
CA PHE A 154 12.11 -5.77 30.78
C PHE A 154 10.61 -5.89 30.52
N VAL A 155 10.22 -6.36 29.35
CA VAL A 155 8.85 -6.16 28.79
C VAL A 155 7.79 -6.96 29.58
N ASP A 156 6.60 -6.37 29.70
CA ASP A 156 5.41 -6.94 30.43
C ASP A 156 4.21 -7.02 29.44
N PRO A 157 3.03 -7.58 29.86
CA PRO A 157 1.90 -7.82 28.91
C PRO A 157 1.45 -6.51 28.23
N GLN A 167 -2.44 -2.50 40.07
CA GLN A 167 -3.54 -3.34 40.55
C GLN A 167 -2.96 -4.66 41.11
N GLU A 168 -3.74 -5.24 42.02
CA GLU A 168 -3.30 -6.28 42.97
C GLU A 168 -3.45 -7.68 42.34
N ARG A 169 -3.62 -7.74 41.02
CA ARG A 169 -3.83 -8.99 40.30
C ARG A 169 -2.72 -9.21 39.26
N SER A 170 -1.91 -8.20 38.93
CA SER A 170 -0.84 -8.41 37.91
C SER A 170 0.17 -9.48 38.38
N PRO A 171 0.47 -10.43 37.49
CA PRO A 171 1.52 -11.40 37.83
C PRO A 171 2.97 -10.94 37.60
N GLY A 172 3.19 -9.71 37.15
CA GLY A 172 4.56 -9.28 36.83
C GLY A 172 5.47 -9.28 38.05
N LEU A 173 6.75 -9.49 37.83
CA LEU A 173 7.76 -9.53 38.87
C LEU A 173 7.51 -8.42 39.91
N ARG A 174 7.30 -8.74 41.19
CA ARG A 174 7.29 -7.71 42.23
C ARG A 174 8.08 -8.14 43.47
N VAL A 175 8.45 -7.08 44.18
CA VAL A 175 9.20 -7.17 45.40
C VAL A 175 8.22 -7.56 46.51
N VAL A 176 8.49 -8.69 47.15
CA VAL A 176 7.57 -9.23 48.15
C VAL A 176 8.24 -9.24 49.54
N GLU A 177 9.58 -9.14 49.59
CA GLU A 177 10.35 -8.97 50.83
C GLU A 177 11.49 -7.95 50.61
N LYS A 178 11.71 -7.09 51.60
CA LYS A 178 12.93 -6.28 51.66
C LYS A 178 13.53 -6.48 53.05
N ASN A 179 14.84 -6.66 53.14
CA ASN A 179 15.52 -6.79 54.40
C ASN A 179 16.91 -6.14 54.27
N GLU A 180 17.80 -6.50 55.20
CA GLU A 180 19.10 -5.87 55.30
C GLU A 180 20.02 -6.48 54.26
N LYS A 181 19.66 -7.66 53.76
CA LYS A 181 20.57 -8.35 52.86
C LYS A 181 20.19 -8.06 51.40
N GLY A 182 18.90 -7.86 51.17
CA GLY A 182 18.46 -7.88 49.80
C GLY A 182 16.98 -7.75 49.61
N ILE A 183 16.52 -8.16 48.42
CA ILE A 183 15.10 -8.14 48.08
C ILE A 183 14.72 -9.58 47.75
N VAL A 184 13.44 -9.91 47.85
CA VAL A 184 12.92 -11.16 47.35
C VAL A 184 11.82 -10.80 46.36
N VAL A 185 11.92 -11.35 45.13
CA VAL A 185 10.99 -11.05 44.08
C VAL A 185 10.24 -12.33 43.74
N ASN A 186 9.00 -12.14 43.29
CA ASN A 186 8.12 -13.20 42.94
C ASN A 186 7.31 -12.76 41.72
N GLY A 187 7.20 -13.63 40.73
CA GLY A 187 6.37 -13.33 39.58
C GLY A 187 7.06 -13.66 38.27
N VAL A 188 6.65 -12.98 37.21
CA VAL A 188 6.98 -13.39 35.85
C VAL A 188 7.53 -12.20 35.07
N LYS A 189 8.58 -12.47 34.31
CA LYS A 189 9.02 -11.61 33.21
C LYS A 189 8.70 -12.36 31.92
N ALA A 190 7.73 -11.83 31.22
CA ALA A 190 6.94 -12.57 30.28
C ALA A 190 7.70 -12.70 28.97
N ILE A 191 8.57 -11.77 28.63
CA ILE A 191 9.30 -11.96 27.43
C ILE A 191 10.80 -11.96 27.73
N GLY A 192 11.43 -12.86 27.03
CA GLY A 192 12.82 -13.13 27.08
C GLY A 192 13.25 -13.91 25.86
N THR A 193 14.35 -13.49 25.28
CA THR A 193 14.96 -14.13 24.14
C THR A 193 16.34 -14.62 24.52
N GLY A 194 16.56 -15.93 24.41
CA GLY A 194 17.85 -16.57 24.58
C GLY A 194 18.26 -16.67 26.03
N VAL A 195 17.35 -16.32 26.96
CA VAL A 195 17.70 -16.40 28.41
C VAL A 195 18.23 -17.79 28.75
N ALA A 196 17.74 -18.84 28.13
CA ALA A 196 18.20 -20.16 28.56
C ALA A 196 19.67 -20.35 28.24
N PHE A 197 20.25 -19.48 27.41
CA PHE A 197 21.59 -19.58 26.85
C PHE A 197 22.53 -18.50 27.45
N ALA A 198 21.99 -17.64 28.33
CA ALA A 198 22.73 -16.50 28.87
C ALA A 198 23.45 -16.89 30.17
N ASP A 199 24.21 -15.98 30.74
CA ASP A 199 24.91 -16.25 32.00
C ASP A 199 24.07 -15.61 33.13
N TRP A 200 23.57 -14.40 32.89
CA TRP A 200 22.80 -13.63 33.87
C TRP A 200 21.54 -13.06 33.21
N ILE A 201 20.49 -12.89 34.04
CA ILE A 201 19.28 -12.22 33.67
C ILE A 201 19.42 -10.75 34.12
N HIS A 202 19.25 -9.83 33.18
CA HIS A 202 19.22 -8.38 33.48
C HIS A 202 17.75 -7.96 33.53
N ILE A 203 17.29 -7.59 34.74
CA ILE A 203 15.88 -7.38 35.06
C ILE A 203 15.62 -5.88 34.92
N GLY A 204 14.54 -5.54 34.19
CA GLY A 204 14.08 -4.17 34.12
C GLY A 204 12.57 -4.12 33.95
N VAL A 205 12.02 -2.91 33.84
CA VAL A 205 10.62 -2.77 33.63
C VAL A 205 10.41 -1.49 32.80
N PHE A 206 9.32 -1.38 32.06
CA PHE A 206 8.91 -0.11 31.51
C PHE A 206 7.76 0.47 32.33
N PHE A 207 7.67 1.78 32.47
CA PHE A 207 6.43 2.38 33.04
C PHE A 207 5.16 1.95 32.29
N ARG A 208 4.11 1.66 33.03
CA ARG A 208 2.75 1.56 32.49
C ARG A 208 1.84 2.30 33.48
N PRO A 209 0.78 2.98 33.01
CA PRO A 209 -0.11 3.70 33.91
C PRO A 209 -0.50 2.86 35.14
N GLY A 210 -0.23 3.38 36.32
CA GLY A 210 -0.67 2.75 37.55
C GLY A 210 0.36 1.79 38.13
N ILE A 211 1.51 1.65 37.50
CA ILE A 211 2.43 0.63 37.97
C ILE A 211 2.74 0.92 39.44
N PRO A 212 2.68 -0.10 40.30
CA PRO A 212 3.02 0.14 41.67
C PRO A 212 4.53 0.11 41.85
N GLY A 213 5.00 0.72 42.91
CA GLY A 213 6.40 0.82 43.19
C GLY A 213 7.02 -0.54 43.41
N ASP A 214 6.25 -1.51 43.91
CA ASP A 214 6.88 -2.80 44.17
C ASP A 214 7.04 -3.59 42.86
N GLN A 215 6.53 -3.08 41.74
CA GLN A 215 6.85 -3.69 40.45
C GLN A 215 7.84 -2.84 39.65
N VAL A 216 8.42 -1.78 40.20
CA VAL A 216 9.55 -1.08 39.57
C VAL A 216 10.83 -1.71 40.10
N ILE A 217 11.52 -2.47 39.26
CA ILE A 217 12.70 -3.25 39.65
C ILE A 217 13.75 -3.26 38.51
N PHE A 218 14.98 -2.95 38.87
CA PHE A 218 16.11 -3.14 37.98
C PHE A 218 17.19 -3.87 38.77
N ALA A 219 17.65 -5.00 38.23
CA ALA A 219 18.57 -5.88 38.94
C ALA A 219 19.14 -6.93 37.99
N ALA A 220 20.02 -7.73 38.58
CA ALA A 220 20.71 -8.80 37.92
C ALA A 220 20.70 -10.00 38.86
N THR A 221 20.39 -11.16 38.31
CA THR A 221 20.56 -12.43 39.01
C THR A 221 21.03 -13.49 38.00
N PRO A 222 21.83 -14.46 38.43
CA PRO A 222 22.24 -15.49 37.51
C PRO A 222 21.06 -16.32 37.00
N VAL A 223 21.29 -16.96 35.88
CA VAL A 223 20.25 -17.70 35.21
C VAL A 223 19.93 -18.95 36.03
N ASN A 224 20.89 -19.40 36.82
CA ASN A 224 20.67 -20.61 37.64
C ASN A 224 20.29 -20.26 39.10
N THR A 225 19.82 -19.07 39.36
CA THR A 225 19.41 -18.73 40.69
C THR A 225 18.27 -19.65 41.16
N PRO A 226 18.33 -20.12 42.41
CA PRO A 226 17.24 -20.90 42.98
C PRO A 226 15.94 -20.09 42.92
N GLY A 227 14.86 -20.72 42.48
CA GLY A 227 13.60 -20.00 42.32
C GLY A 227 13.36 -19.53 40.89
N VAL A 228 14.43 -19.46 40.08
CA VAL A 228 14.30 -19.05 38.67
C VAL A 228 13.94 -20.26 37.81
N THR A 229 12.84 -20.16 37.04
CA THR A 229 12.53 -21.14 36.00
C THR A 229 12.34 -20.45 34.65
N ILE A 230 12.96 -21.03 33.63
CA ILE A 230 12.90 -20.46 32.28
C ILE A 230 12.04 -21.39 31.47
N VAL A 231 10.99 -20.79 30.92
CA VAL A 231 9.94 -21.55 30.24
C VAL A 231 9.85 -21.07 28.78
N CYS A 232 10.39 -21.88 27.88
CA CYS A 232 10.53 -21.54 26.49
C CYS A 232 9.55 -22.35 25.65
N ARG A 233 9.23 -21.74 24.52
CA ARG A 233 8.50 -22.38 23.45
C ARG A 233 9.30 -23.55 22.85
N GLU A 234 8.61 -24.49 22.18
CA GLU A 234 9.28 -25.61 21.51
C GLU A 234 10.37 -25.11 20.56
N SER A 235 11.41 -25.94 20.42
CA SER A 235 12.53 -25.60 19.55
C SER A 235 12.15 -25.94 18.10
N LEU A 236 12.55 -25.05 17.19
CA LEU A 236 12.19 -25.16 15.78
C LEU A 236 13.39 -25.60 14.95
N VAL A 237 14.51 -25.88 15.58
CA VAL A 237 15.70 -26.39 14.88
C VAL A 237 15.34 -27.59 13.99
N LYS A 238 15.99 -27.65 12.85
CA LYS A 238 15.83 -28.73 11.86
C LYS A 238 16.99 -29.72 11.95
N ASP A 239 16.69 -30.95 11.57
CA ASP A 239 17.61 -32.08 11.74
C ASP A 239 18.61 -32.14 10.59
N ASP A 240 18.14 -31.95 9.36
CA ASP A 240 19.02 -32.13 8.20
C ASP A 240 19.56 -30.76 7.74
N LYS A 241 20.85 -30.54 7.88
CA LYS A 241 21.45 -29.23 7.56
C LYS A 241 21.73 -29.07 6.05
N VAL A 242 21.61 -30.15 5.27
CA VAL A 242 21.77 -30.05 3.82
C VAL A 242 20.48 -29.44 3.26
N GLU A 243 19.33 -29.98 3.67
CA GLU A 243 18.00 -29.47 3.26
C GLU A 243 17.68 -28.13 3.93
N HIS A 244 18.23 -27.91 5.14
CA HIS A 244 17.97 -26.68 5.89
C HIS A 244 19.26 -26.05 6.41
N PRO A 245 20.08 -25.47 5.53
CA PRO A 245 21.40 -24.98 5.95
C PRO A 245 21.40 -23.79 6.94
N LEU A 246 20.28 -23.08 7.10
CA LEU A 246 20.20 -22.04 8.13
C LEU A 246 19.46 -22.58 9.35
N ALA A 247 18.33 -23.26 9.21
CA ALA A 247 17.52 -23.61 10.40
C ALA A 247 18.04 -24.87 11.10
N ALA A 248 19.02 -25.54 10.54
CA ALA A 248 19.70 -26.56 11.30
C ALA A 248 20.69 -25.89 12.28
N GLN A 249 21.02 -24.62 12.13
CA GLN A 249 22.04 -24.03 12.91
C GLN A 249 21.53 -23.74 14.34
N GLY A 250 20.23 -23.71 14.58
CA GLY A 250 19.69 -23.69 15.92
C GLY A 250 18.69 -22.57 16.06
N ASP A 251 17.96 -22.59 17.17
CA ASP A 251 16.79 -21.75 17.37
C ASP A 251 16.99 -20.95 18.65
N GLU A 252 17.02 -19.64 18.46
CA GLU A 252 17.07 -18.70 19.51
C GLU A 252 15.71 -18.68 20.23
N LEU A 253 15.62 -19.42 21.34
CA LEU A 253 14.32 -19.65 21.98
C LEU A 253 13.79 -18.35 22.60
N ASP A 254 12.48 -18.21 22.58
CA ASP A 254 11.79 -17.14 23.30
C ASP A 254 11.00 -17.77 24.45
N GLY A 255 10.66 -16.97 25.47
CA GLY A 255 10.01 -17.57 26.64
C GLY A 255 9.74 -16.58 27.75
N MET A 256 9.23 -17.08 28.86
CA MET A 256 9.05 -16.24 30.01
C MET A 256 9.96 -16.77 31.11
N THR A 257 10.22 -15.97 32.11
CA THR A 257 10.97 -16.42 33.25
C THR A 257 10.07 -16.31 34.49
N VAL A 258 9.93 -17.40 35.27
CA VAL A 258 9.20 -17.42 36.48
C VAL A 258 10.20 -17.31 37.61
N PHE A 259 9.86 -16.42 38.53
CA PHE A 259 10.60 -16.17 39.74
C PHE A 259 9.74 -16.60 40.94
N GLU A 260 10.17 -17.63 41.67
CA GLU A 260 9.48 -17.99 42.91
C GLU A 260 10.39 -17.67 44.11
N ASN A 261 9.98 -16.68 44.89
CA ASN A 261 10.74 -16.13 46.06
C ASN A 261 12.24 -16.13 45.76
N VAL A 262 12.63 -15.33 44.78
CA VAL A 262 14.02 -15.30 44.39
C VAL A 262 14.71 -14.20 45.17
N PHE A 263 15.82 -14.58 45.82
CA PHE A 263 16.62 -13.67 46.57
C PHE A 263 17.67 -12.98 45.68
N ILE A 264 17.64 -11.64 45.72
CA ILE A 264 18.68 -10.83 45.06
C ILE A 264 19.35 -9.95 46.10
N PRO A 265 20.67 -10.02 46.23
CA PRO A 265 21.31 -9.11 47.22
C PRO A 265 21.34 -7.67 46.73
N TRP A 266 21.34 -6.69 47.65
CA TRP A 266 21.28 -5.24 47.33
C TRP A 266 22.40 -4.84 46.36
N SER A 267 23.57 -5.46 46.50
CA SER A 267 24.69 -5.26 45.60
C SER A 267 24.25 -5.42 44.14
N HIS A 268 23.26 -6.30 43.87
CA HIS A 268 22.84 -6.62 42.52
C HIS A 268 21.47 -5.99 42.17
N VAL A 269 21.04 -5.05 42.99
CA VAL A 269 19.82 -4.29 42.73
C VAL A 269 20.28 -2.90 42.27
N PHE A 270 19.83 -2.50 41.08
CA PHE A 270 20.22 -1.24 40.47
C PHE A 270 19.25 -0.11 40.82
N HIS A 271 17.97 -0.43 41.04
CA HIS A 271 16.95 0.58 41.31
C HIS A 271 15.60 -0.09 41.62
N ILE A 272 14.92 0.42 42.63
CA ILE A 272 13.56 0.00 42.91
C ILE A 272 12.72 1.23 43.24
N GLY A 273 11.42 1.14 43.00
CA GLY A 273 10.47 1.98 43.76
C GLY A 273 9.83 3.10 42.96
N ASN A 274 10.48 3.63 41.93
CA ASN A 274 10.10 4.93 41.44
C ASN A 274 9.49 4.82 40.04
N PRO A 275 8.17 4.92 39.95
CA PRO A 275 7.49 4.82 38.64
C PRO A 275 7.85 5.92 37.64
N ASN A 276 8.22 7.11 38.13
CA ASN A 276 8.57 8.22 37.26
C ASN A 276 9.92 7.88 36.60
N HIS A 277 10.88 7.39 37.38
CA HIS A 277 12.14 6.87 36.84
C HIS A 277 11.89 5.83 35.75
N ALA A 278 10.94 4.91 35.95
CA ALA A 278 10.74 3.84 34.96
C ALA A 278 10.21 4.40 33.64
N LYS A 279 9.90 5.68 33.47
CA LYS A 279 9.33 6.00 32.21
C LYS A 279 10.43 6.33 31.19
N LEU A 280 11.42 7.17 31.43
CA LEU A 280 12.44 7.44 30.39
C LEU A 280 13.72 6.64 30.61
N TYR A 281 14.13 6.36 31.85
CA TYR A 281 15.43 5.72 32.02
C TYR A 281 15.51 4.37 31.28
N PRO A 282 14.47 3.51 31.35
CA PRO A 282 14.52 2.26 30.60
C PRO A 282 14.52 2.42 29.07
N GLN A 283 13.93 3.49 28.56
CA GLN A 283 14.10 3.86 27.14
C GLN A 283 15.58 4.18 26.82
N ARG A 284 16.27 4.85 27.74
CA ARG A 284 17.72 5.15 27.59
C ARG A 284 18.57 3.85 27.59
N VAL A 285 18.23 2.85 28.44
CA VAL A 285 18.90 1.53 28.38
C VAL A 285 18.68 0.92 26.98
N PHE A 286 17.45 0.97 26.45
CA PHE A 286 17.11 0.18 25.25
C PHE A 286 17.41 0.93 23.95
N ASP A 287 17.68 2.23 24.01
CA ASP A 287 18.20 2.93 22.84
C ASP A 287 19.33 2.14 22.16
N TRP A 288 20.25 1.55 22.93
CA TRP A 288 21.38 0.85 22.28
C TRP A 288 20.85 -0.37 21.53
N LEU A 289 19.84 -1.02 22.07
CA LEU A 289 19.30 -2.20 21.42
C LEU A 289 18.55 -1.83 20.14
N HIS A 290 17.91 -0.67 20.14
CA HIS A 290 17.16 -0.16 19.01
C HIS A 290 18.08 0.22 17.86
N TYR A 291 19.24 0.77 18.21
CA TYR A 291 20.18 1.19 17.23
C TYR A 291 20.71 -0.06 16.55
N HIS A 292 21.13 -1.02 17.38
CA HIS A 292 21.51 -2.30 16.87
C HIS A 292 20.34 -2.88 16.07
N ALA A 293 19.09 -2.67 16.44
CA ALA A 293 18.02 -3.33 15.64
C ALA A 293 18.04 -2.81 14.20
N LEU A 294 18.35 -1.51 14.05
CA LEU A 294 18.38 -0.88 12.76
C LEU A 294 19.55 -1.47 11.96
N ILE A 295 20.75 -1.59 12.59
CA ILE A 295 21.90 -2.23 11.90
C ILE A 295 21.47 -3.61 11.34
N ARG A 296 20.79 -4.40 12.14
CA ARG A 296 20.30 -5.73 11.70
C ARG A 296 19.28 -5.63 10.55
N GLN A 297 18.38 -4.66 10.66
CA GLN A 297 17.35 -4.40 9.69
C GLN A 297 17.96 -4.05 8.32
N MET A 298 19.01 -3.23 8.30
CA MET A 298 19.77 -2.93 7.06
C MET A 298 20.41 -4.21 6.49
N VAL A 299 20.98 -5.05 7.32
CA VAL A 299 21.62 -6.27 6.79
C VAL A 299 20.55 -7.25 6.27
N ARG A 300 19.43 -7.36 6.95
CA ARG A 300 18.36 -8.28 6.52
C ARG A 300 17.81 -7.83 5.17
N ALA A 301 17.68 -6.51 5.00
CA ALA A 301 17.22 -5.95 3.78
C ALA A 301 18.24 -6.24 2.67
N GLU A 302 19.51 -6.11 3.01
CA GLU A 302 20.57 -6.38 2.06
C GLU A 302 20.51 -7.83 1.58
N LEU A 303 20.18 -8.71 2.52
CA LEU A 303 20.08 -10.12 2.21
C LEU A 303 18.86 -10.37 1.31
N VAL A 304 17.72 -9.77 1.67
CA VAL A 304 16.47 -9.97 0.94
C VAL A 304 16.67 -9.48 -0.51
N ALA A 305 17.31 -8.30 -0.65
CA ALA A 305 17.52 -7.79 -1.98
C ALA A 305 18.51 -8.69 -2.71
N GLY A 306 19.55 -9.09 -2.01
CA GLY A 306 20.56 -9.98 -2.58
C GLY A 306 19.95 -11.28 -3.09
N LEU A 307 19.11 -11.93 -2.27
CA LEU A 307 18.47 -13.21 -2.66
C LEU A 307 17.57 -12.97 -3.88
N ALA A 308 16.98 -11.79 -3.96
CA ALA A 308 16.09 -11.49 -5.04
C ALA A 308 16.89 -11.35 -6.33
N VAL A 309 18.01 -10.63 -6.28
CA VAL A 309 18.84 -10.57 -7.44
C VAL A 309 19.19 -12.02 -7.81
N LEU A 310 19.64 -12.82 -6.86
CA LEU A 310 20.28 -14.09 -7.27
C LEU A 310 19.26 -14.99 -7.95
N ILE A 311 18.05 -15.02 -7.42
CA ILE A 311 17.02 -15.92 -7.93
C ILE A 311 16.48 -15.41 -9.27
N THR A 312 16.25 -14.10 -9.42
CA THR A 312 15.77 -13.60 -10.71
C THR A 312 16.86 -13.82 -11.77
N GLU A 313 18.11 -13.59 -11.43
CA GLU A 313 19.18 -13.86 -12.42
C GLU A 313 19.23 -15.36 -12.72
N HIS A 314 19.09 -16.18 -11.68
CA HIS A 314 19.31 -17.58 -11.92
C HIS A 314 18.21 -18.17 -12.81
N ILE A 315 16.99 -17.65 -12.67
CA ILE A 315 15.81 -18.06 -13.44
C ILE A 315 15.81 -17.34 -14.80
N GLY A 316 16.47 -16.19 -14.92
CA GLY A 316 16.49 -15.45 -16.17
C GLY A 316 15.34 -14.44 -16.29
N THR A 317 14.56 -14.27 -15.21
CA THR A 317 13.49 -13.29 -15.21
C THR A 317 14.04 -11.88 -14.92
N ASN A 318 15.34 -11.76 -14.63
CA ASN A 318 15.86 -10.50 -14.11
C ASN A 318 15.74 -9.39 -15.15
N LYS A 319 15.65 -9.72 -16.44
CA LYS A 319 15.58 -8.71 -17.52
C LYS A 319 14.13 -8.27 -17.79
N ILE A 320 13.13 -8.97 -17.30
CA ILE A 320 11.75 -8.54 -17.53
C ILE A 320 11.56 -7.21 -16.80
N PRO A 321 11.12 -6.19 -17.52
CA PRO A 321 11.13 -4.91 -16.83
C PRO A 321 10.28 -4.91 -15.56
N ALA A 322 9.13 -5.61 -15.59
CA ALA A 322 8.23 -5.60 -14.45
C ALA A 322 8.90 -6.23 -13.22
N VAL A 323 9.81 -7.17 -13.47
CA VAL A 323 10.56 -7.83 -12.41
C VAL A 323 11.66 -6.89 -11.89
N GLN A 324 12.35 -6.25 -12.83
CA GLN A 324 13.40 -5.28 -12.51
C GLN A 324 12.89 -4.26 -11.50
N THR A 325 11.70 -3.69 -11.72
CA THR A 325 11.22 -2.64 -10.83
C THR A 325 10.91 -3.21 -9.44
N ARG A 326 10.47 -4.46 -9.37
CA ARG A 326 10.26 -5.08 -8.07
C ARG A 326 11.61 -5.24 -7.34
N VAL A 327 12.66 -5.66 -8.05
CA VAL A 327 13.96 -5.84 -7.36
C VAL A 327 14.53 -4.47 -6.98
N ALA A 328 14.36 -3.45 -7.84
CA ALA A 328 14.80 -2.09 -7.47
C ALA A 328 14.15 -1.68 -6.15
N LYS A 329 12.94 -2.08 -5.92
CA LYS A 329 12.24 -1.57 -4.75
C LYS A 329 12.80 -2.27 -3.50
N LEU A 330 13.19 -3.53 -3.62
CA LEU A 330 13.85 -4.24 -2.53
C LEU A 330 15.21 -3.60 -2.29
N ILE A 331 15.83 -3.10 -3.35
CA ILE A 331 17.10 -2.43 -3.27
C ILE A 331 16.90 -1.05 -2.66
N GLY A 332 15.89 -0.31 -3.02
CA GLY A 332 15.69 0.99 -2.38
C GLY A 332 15.39 0.87 -0.89
N PHE A 333 14.74 -0.22 -0.46
CA PHE A 333 14.40 -0.42 0.94
C PHE A 333 15.69 -0.51 1.78
N HIS A 334 16.63 -1.35 1.31
CA HIS A 334 17.92 -1.51 1.95
C HIS A 334 18.63 -0.16 2.01
N GLN A 335 18.55 0.61 0.94
CA GLN A 335 19.17 1.92 0.90
C GLN A 335 18.43 2.86 1.88
N ALA A 336 17.13 2.71 2.03
CA ALA A 336 16.36 3.47 3.04
C ALA A 336 16.93 3.15 4.45
N MET A 337 17.06 1.88 4.80
CA MET A 337 17.68 1.49 6.07
C MET A 337 19.08 2.14 6.24
N LEU A 338 19.91 1.96 5.22
CA LEU A 338 21.26 2.55 5.21
C LEU A 338 21.18 4.04 5.50
N ALA A 339 20.33 4.74 4.77
CA ALA A 339 20.25 6.17 4.88
C ALA A 339 19.92 6.58 6.32
N HIS A 340 18.93 5.91 6.93
CA HIS A 340 18.55 6.24 8.31
C HIS A 340 19.72 6.01 9.25
N LEU A 341 20.40 4.90 9.05
CA LEU A 341 21.51 4.49 9.91
C LEU A 341 22.64 5.52 9.81
N ILE A 342 23.05 5.82 8.59
CA ILE A 342 24.14 6.75 8.39
C ILE A 342 23.73 8.14 8.86
N ALA A 343 22.51 8.55 8.61
CA ALA A 343 22.08 9.88 9.08
C ALA A 343 22.07 9.94 10.62
N SER A 344 21.62 8.87 11.24
CA SER A 344 21.52 8.82 12.66
C SER A 344 22.92 8.92 13.27
N GLU A 345 23.92 8.31 12.64
CA GLU A 345 25.32 8.38 13.09
C GLU A 345 25.84 9.82 12.89
N GLU A 346 25.39 10.46 11.85
CA GLU A 346 25.95 11.79 11.49
C GLU A 346 25.41 12.82 12.51
N LEU A 347 24.14 12.73 12.86
CA LEU A 347 23.50 13.74 13.74
C LEU A 347 23.33 13.21 15.17
N GLY A 348 24.31 12.40 15.62
CA GLY A 348 24.35 11.89 16.93
C GLY A 348 24.65 12.96 17.94
N PHE A 349 24.74 12.57 19.21
CA PHE A 349 24.90 13.55 20.32
C PHE A 349 25.61 12.85 21.51
N HIS A 350 26.17 13.63 22.43
CA HIS A 350 26.79 13.12 23.66
C HIS A 350 25.73 12.95 24.75
N THR A 351 25.86 11.85 25.46
CA THR A 351 25.13 11.56 26.70
C THR A 351 25.86 12.20 27.88
N PRO A 352 25.24 12.21 29.09
CA PRO A 352 25.89 12.88 30.26
C PRO A 352 27.34 12.44 30.45
N GLY A 353 27.61 11.13 30.32
CA GLY A 353 28.92 10.60 30.67
C GLY A 353 29.83 10.56 29.47
N GLY A 354 29.44 11.21 28.38
CA GLY A 354 30.32 11.51 27.27
C GLY A 354 30.34 10.42 26.21
N HIS A 355 29.40 9.48 26.27
CA HIS A 355 29.27 8.54 25.15
C HIS A 355 28.66 9.28 23.96
N TYR A 356 29.05 8.87 22.78
CA TYR A 356 28.40 9.34 21.59
C TYR A 356 27.25 8.40 21.18
N LYS A 357 26.07 8.95 21.11
CA LYS A 357 24.91 8.15 20.79
C LYS A 357 24.34 8.60 19.45
N PRO A 358 23.92 7.64 18.65
CA PRO A 358 23.35 7.99 17.40
C PRO A 358 21.99 8.64 17.64
N ASN A 359 21.52 9.42 16.67
CA ASN A 359 20.28 10.19 16.85
C ASN A 359 19.07 9.27 16.97
N ILE A 360 18.50 9.32 18.16
CA ILE A 360 17.44 8.46 18.65
C ILE A 360 16.26 8.51 17.69
N LEU A 361 15.88 9.72 17.30
CA LEU A 361 14.71 9.89 16.47
C LEU A 361 14.92 9.29 15.07
N ILE A 362 16.10 9.49 14.48
CA ILE A 362 16.32 9.06 13.10
C ILE A 362 16.39 7.51 13.05
N TYR A 363 17.12 6.86 13.97
CA TYR A 363 17.22 5.40 13.89
C TYR A 363 15.87 4.78 14.30
N ASP A 364 15.12 5.42 15.18
CA ASP A 364 13.79 4.86 15.54
C ASP A 364 12.85 4.99 14.35
N PHE A 365 12.96 6.05 13.59
CA PHE A 365 12.10 6.20 12.40
C PHE A 365 12.57 5.22 11.32
N GLY A 366 13.88 4.93 11.30
CA GLY A 366 14.39 3.89 10.46
C GLY A 366 13.77 2.55 10.77
N ARG A 367 13.59 2.23 12.06
CA ARG A 367 12.95 0.98 12.47
C ARG A 367 11.46 0.99 12.10
N ALA A 368 10.80 2.13 12.30
CA ALA A 368 9.40 2.21 11.96
C ALA A 368 9.27 1.91 10.47
N LEU A 369 10.17 2.46 9.67
CA LEU A 369 10.04 2.23 8.25
C LEU A 369 10.21 0.73 7.94
N TYR A 370 11.15 0.08 8.57
CA TYR A 370 11.29 -1.35 8.34
C TYR A 370 10.05 -2.08 8.88
N LEU A 371 9.63 -1.77 10.09
CA LEU A 371 8.53 -2.55 10.72
C LEU A 371 7.24 -2.41 9.91
N GLU A 372 7.07 -1.30 9.24
CA GLU A 372 5.86 -1.05 8.52
C GLU A 372 5.89 -1.81 7.18
N ASN A 373 7.09 -2.07 6.63
CA ASN A 373 7.19 -2.42 5.19
C ASN A 373 7.83 -3.81 4.98
N PHE A 374 8.46 -4.41 5.99
CA PHE A 374 9.32 -5.60 5.75
C PHE A 374 8.44 -6.75 5.25
N SER A 375 7.25 -6.82 5.77
CA SER A 375 6.31 -7.87 5.42
C SER A 375 6.06 -7.92 3.89
N GLN A 376 5.77 -6.76 3.30
CA GLN A 376 5.56 -6.61 1.88
C GLN A 376 6.83 -6.98 1.10
N MET A 377 7.99 -6.59 1.63
CA MET A 377 9.25 -6.73 1.01
C MET A 377 9.62 -8.22 0.89
N ILE A 378 9.42 -8.95 1.97
CA ILE A 378 9.66 -10.42 1.99
C ILE A 378 8.64 -11.08 1.04
N TYR A 379 7.40 -10.57 0.99
CA TYR A 379 6.44 -11.19 0.12
C TYR A 379 6.94 -11.08 -1.33
N GLU A 380 7.46 -9.91 -1.68
CA GLU A 380 8.09 -9.68 -2.99
C GLU A 380 9.11 -10.78 -3.32
N LEU A 381 10.05 -11.03 -2.41
CA LEU A 381 11.06 -12.03 -2.65
C LEU A 381 10.37 -13.39 -2.87
N VAL A 382 9.44 -13.75 -2.00
CA VAL A 382 8.78 -15.04 -2.11
C VAL A 382 8.05 -15.14 -3.46
N ASP A 383 7.37 -14.08 -3.86
CA ASP A 383 6.62 -14.10 -5.12
C ASP A 383 7.60 -14.19 -6.30
N LEU A 384 8.69 -13.42 -6.27
CA LEU A 384 9.67 -13.40 -7.37
C LEU A 384 10.37 -14.75 -7.54
N SER A 385 10.49 -15.49 -6.44
CA SER A 385 11.25 -16.70 -6.50
C SER A 385 10.35 -17.80 -7.10
N GLY A 386 9.04 -17.58 -7.14
CA GLY A 386 8.16 -18.48 -7.93
C GLY A 386 8.00 -19.84 -7.28
N ARG A 387 8.15 -20.91 -8.06
CA ARG A 387 7.94 -22.28 -7.48
C ARG A 387 9.21 -22.75 -6.75
N SER A 388 10.33 -22.06 -7.01
CA SER A 388 11.65 -22.39 -6.48
C SER A 388 11.70 -22.25 -4.94
N ALA A 389 10.66 -21.71 -4.34
CA ALA A 389 10.56 -21.60 -2.92
C ALA A 389 9.96 -22.91 -2.36
N LEU A 390 8.76 -23.16 -2.85
CA LEU A 390 7.96 -24.32 -2.50
C LEU A 390 8.66 -25.62 -2.93
N ILE A 391 8.67 -25.88 -4.24
CA ILE A 391 9.09 -27.15 -4.77
C ILE A 391 10.53 -27.05 -5.31
N PHE A 392 11.46 -27.70 -4.66
CA PHE A 392 12.71 -28.00 -5.32
C PHE A 392 13.17 -29.38 -4.86
N ALA A 393 14.14 -29.91 -5.58
CA ALA A 393 14.68 -31.21 -5.32
C ALA A 393 15.29 -31.29 -3.93
N SER A 394 15.11 -32.42 -3.25
CA SER A 394 15.90 -32.76 -2.07
C SER A 394 17.25 -33.25 -2.56
N GLU A 395 18.25 -33.40 -1.69
CA GLU A 395 19.61 -33.68 -2.16
C GLU A 395 19.66 -35.04 -2.83
N ASP A 396 19.06 -36.07 -2.21
CA ASP A 396 19.12 -37.43 -2.77
C ASP A 396 18.33 -37.48 -4.09
N GLN A 397 17.21 -36.76 -4.16
CA GLN A 397 16.50 -36.63 -5.40
C GLN A 397 17.43 -36.07 -6.47
N TRP A 398 18.18 -35.01 -6.14
CA TRP A 398 19.01 -34.33 -7.13
C TRP A 398 20.08 -35.26 -7.68
N ASN A 399 20.64 -36.08 -6.78
CA ASN A 399 21.73 -36.98 -7.17
C ASN A 399 21.20 -38.35 -7.62
N ASP A 400 19.90 -38.60 -7.60
CA ASP A 400 19.47 -39.91 -8.05
C ASP A 400 19.83 -40.04 -9.53
N ASP A 401 20.24 -41.24 -9.96
CA ASP A 401 20.75 -41.48 -11.33
C ASP A 401 19.65 -41.26 -12.39
N LYS A 402 18.39 -41.54 -12.08
CA LYS A 402 17.34 -41.29 -13.06
C LYS A 402 16.90 -39.82 -12.99
N LEU A 403 16.81 -39.23 -11.79
CA LEU A 403 16.15 -37.90 -11.67
C LEU A 403 17.15 -36.81 -12.04
N ASN A 404 18.43 -37.03 -11.79
CA ASN A 404 19.44 -35.96 -11.93
C ASN A 404 19.37 -35.28 -13.30
N GLY A 405 19.07 -36.02 -14.35
CA GLY A 405 19.14 -35.43 -15.68
C GLY A 405 18.00 -34.46 -15.87
N TRP A 406 16.85 -34.84 -15.35
CA TRP A 406 15.67 -33.97 -15.36
C TRP A 406 15.92 -32.69 -14.53
N PHE A 407 16.32 -32.85 -13.28
CA PHE A 407 16.61 -31.68 -12.42
C PHE A 407 17.63 -30.74 -13.04
N GLU A 408 18.71 -31.23 -13.65
CA GLU A 408 19.68 -30.29 -14.22
C GLU A 408 18.99 -29.45 -15.31
N ARG A 409 18.21 -30.10 -16.18
CA ARG A 409 17.57 -29.43 -17.34
C ARG A 409 16.43 -28.51 -16.89
N MET A 410 15.76 -28.86 -15.80
CA MET A 410 14.73 -28.00 -15.23
C MET A 410 15.35 -26.80 -14.51
N ASN A 411 16.58 -26.91 -14.07
CA ASN A 411 17.16 -25.81 -13.27
C ASN A 411 18.22 -25.03 -14.04
N ASN A 412 18.23 -25.14 -15.35
CA ASN A 412 19.22 -24.43 -16.14
C ASN A 412 18.76 -22.98 -16.35
N GLY A 413 19.75 -22.12 -16.56
CA GLY A 413 19.54 -20.73 -16.89
C GLY A 413 20.86 -20.06 -17.19
N PRO A 414 20.88 -18.75 -17.32
CA PRO A 414 22.07 -18.09 -17.83
C PRO A 414 23.28 -18.01 -16.88
N VAL A 415 23.08 -18.01 -15.55
CA VAL A 415 24.21 -17.81 -14.59
C VAL A 415 24.44 -19.07 -13.73
N GLY A 416 25.72 -19.37 -13.43
CA GLY A 416 26.13 -20.39 -12.42
C GLY A 416 25.80 -21.83 -12.78
N ARG A 417 25.82 -22.72 -11.78
CA ARG A 417 25.52 -24.14 -11.95
C ARG A 417 24.02 -24.35 -11.67
N PRO A 418 23.38 -25.35 -12.30
CA PRO A 418 21.95 -25.55 -12.07
C PRO A 418 21.57 -25.77 -10.59
N HIS A 419 22.41 -26.46 -9.82
CA HIS A 419 22.16 -26.81 -8.45
C HIS A 419 22.13 -25.54 -7.59
N ASP A 420 22.68 -24.44 -8.09
CA ASP A 420 22.66 -23.18 -7.34
C ASP A 420 21.22 -22.68 -7.11
N ARG A 421 20.28 -23.05 -7.97
CA ARG A 421 18.90 -22.64 -7.73
C ARG A 421 18.38 -23.33 -6.45
N VAL A 422 18.89 -24.53 -6.20
CA VAL A 422 18.50 -25.25 -4.99
C VAL A 422 19.14 -24.55 -3.79
N LYS A 423 20.42 -24.23 -3.94
CA LYS A 423 21.11 -23.52 -2.88
C LYS A 423 20.35 -22.24 -2.51
N ILE A 424 19.87 -21.51 -3.50
CA ILE A 424 19.16 -20.25 -3.21
C ILE A 424 17.80 -20.57 -2.60
N GLY A 425 17.12 -21.56 -3.20
CA GLY A 425 15.83 -22.00 -2.70
C GLY A 425 15.90 -22.40 -1.23
N ARG A 426 16.99 -23.08 -0.83
CA ARG A 426 17.12 -23.57 0.52
C ARG A 426 17.14 -22.37 1.48
N VAL A 427 17.84 -21.33 1.09
CA VAL A 427 17.96 -20.21 1.96
C VAL A 427 16.62 -19.48 2.03
N ILE A 428 15.90 -19.32 0.93
CA ILE A 428 14.66 -18.55 0.97
C ILE A 428 13.61 -19.32 1.80
N ARG A 429 13.61 -20.62 1.60
CA ARG A 429 12.74 -21.51 2.29
C ARG A 429 13.03 -21.38 3.81
N ASP A 430 14.28 -21.50 4.25
CA ASP A 430 14.55 -21.45 5.70
C ASP A 430 14.16 -20.08 6.26
N LEU A 431 14.64 -19.02 5.62
CA LEU A 431 14.43 -17.67 6.11
C LEU A 431 12.94 -17.32 6.21
N PHE A 432 12.13 -17.68 5.22
CA PHE A 432 10.80 -17.10 5.12
C PHE A 432 9.67 -18.15 5.11
N LEU A 433 9.95 -19.45 5.07
CA LEU A 433 8.84 -20.43 4.86
C LEU A 433 8.94 -21.60 5.83
N THR A 434 9.73 -21.48 6.88
CA THR A 434 9.75 -22.51 7.91
C THR A 434 9.29 -21.88 9.22
N ASP A 435 8.95 -22.73 10.17
CA ASP A 435 8.67 -22.28 11.52
C ASP A 435 9.82 -21.37 11.94
N TRP A 436 10.99 -21.93 11.78
CA TRP A 436 12.20 -21.27 12.25
C TRP A 436 12.27 -19.85 11.67
N GLY A 437 12.06 -19.69 10.38
CA GLY A 437 12.15 -18.37 9.75
C GLY A 437 11.01 -17.47 10.19
N SER A 438 9.81 -18.05 10.39
CA SER A 438 8.58 -17.32 10.78
C SER A 438 8.73 -16.67 12.15
N ARG A 439 9.37 -17.39 13.08
CA ARG A 439 9.61 -16.79 14.37
C ARG A 439 10.42 -15.51 14.20
N LEU A 440 11.45 -15.53 13.35
CA LEU A 440 12.30 -14.35 13.16
C LEU A 440 11.49 -13.20 12.56
N PHE A 441 10.68 -13.56 11.59
CA PHE A 441 9.69 -12.67 11.00
C PHE A 441 8.90 -12.02 12.15
N VAL A 442 8.23 -12.80 13.00
CA VAL A 442 7.38 -12.32 14.13
C VAL A 442 8.22 -11.59 15.19
N PHE A 443 9.43 -12.08 15.49
CA PHE A 443 10.31 -11.43 16.46
C PHE A 443 10.67 -9.98 16.06
N GLU A 444 10.70 -9.63 14.76
CA GLU A 444 11.18 -8.28 14.31
C GLU A 444 10.35 -7.20 15.02
N ASN A 445 9.08 -7.53 15.31
CA ASN A 445 8.08 -6.63 15.94
C ASN A 445 8.22 -6.59 17.47
N PHE A 446 9.06 -7.44 18.05
CA PHE A 446 9.30 -7.43 19.51
C PHE A 446 10.77 -7.09 19.82
N ASN A 447 11.60 -6.91 18.77
CA ASN A 447 13.02 -6.63 18.94
C ASN A 447 13.17 -5.13 19.19
N GLY A 448 12.69 -4.71 20.34
CA GLY A 448 12.55 -3.33 20.63
C GLY A 448 11.10 -2.88 20.46
N THR A 449 10.76 -1.82 21.21
CA THR A 449 9.44 -1.24 21.18
C THR A 449 8.94 -1.29 19.72
N PRO A 450 7.73 -1.85 19.49
CA PRO A 450 7.14 -2.03 18.16
C PRO A 450 6.72 -0.72 17.47
N LEU A 451 6.23 -0.85 16.24
CA LEU A 451 5.85 0.26 15.36
C LEU A 451 4.89 1.24 16.05
N GLN A 452 3.89 0.67 16.71
CA GLN A 452 2.85 1.42 17.38
C GLN A 452 3.48 2.22 18.53
N GLY A 453 4.34 1.59 19.30
CA GLY A 453 5.06 2.25 20.40
C GLY A 453 5.97 3.39 19.91
N ILE A 454 6.66 3.18 18.79
CA ILE A 454 7.56 4.24 18.30
C ILE A 454 6.77 5.52 18.02
N ARG A 455 5.64 5.36 17.36
CA ARG A 455 4.74 6.46 16.97
C ARG A 455 4.02 7.07 18.18
N MET A 456 3.69 6.28 19.18
CA MET A 456 2.93 6.88 20.27
C MET A 456 3.87 7.65 21.20
N LEU A 457 5.00 7.04 21.59
CA LEU A 457 5.95 7.68 22.46
C LEU A 457 6.41 9.01 21.83
N THR A 458 6.61 9.04 20.50
CA THR A 458 7.04 10.26 19.82
C THR A 458 5.99 11.37 19.92
N MET A 459 4.73 11.03 19.63
CA MET A 459 3.69 12.03 19.46
C MET A 459 3.21 12.59 20.82
N GLN A 460 3.37 11.87 21.93
CA GLN A 460 2.95 12.40 23.25
C GLN A 460 3.82 13.61 23.64
N ARG A 461 4.93 13.87 22.94
CA ARG A 461 5.96 14.87 23.36
C ARG A 461 5.70 16.24 22.71
N ALA A 462 6.01 17.27 23.46
CA ALA A 462 5.66 18.66 23.16
C ALA A 462 6.29 19.14 21.85
N GLU A 463 7.49 18.65 21.56
CA GLU A 463 8.26 19.06 20.39
C GLU A 463 7.65 18.50 19.09
N PHE A 464 6.63 17.65 19.17
CA PHE A 464 5.91 17.21 17.94
C PHE A 464 4.53 17.87 17.84
N SER A 465 4.30 18.84 18.71
CA SER A 465 3.07 19.65 18.73
C SER A 465 3.25 20.84 17.79
N GLY A 466 2.22 21.67 17.59
CA GLY A 466 2.34 22.88 16.75
C GLY A 466 3.27 23.90 17.40
N SER A 467 3.71 23.61 18.61
CA SER A 467 4.58 24.50 19.32
C SER A 467 6.05 24.22 18.99
N GLY A 468 6.38 22.98 18.59
CA GLY A 468 7.72 22.60 18.24
C GLY A 468 8.04 22.87 16.77
N PRO A 469 9.17 22.34 16.30
CA PRO A 469 9.77 22.67 15.02
C PRO A 469 8.89 22.41 13.78
N TYR A 470 7.99 21.43 13.86
CA TYR A 470 7.17 21.09 12.70
C TYR A 470 6.04 22.10 12.53
N GLY A 471 5.75 22.90 13.57
CA GLY A 471 4.69 23.88 13.50
C GLY A 471 5.09 25.12 12.70
N LYS A 472 6.40 25.30 12.53
CA LYS A 472 6.96 26.60 12.30
C LYS A 472 6.75 27.03 10.84
N LEU A 473 7.12 26.16 9.90
CA LEU A 473 6.99 26.45 8.48
C LEU A 473 5.51 26.58 8.10
N ALA A 474 4.68 25.65 8.57
CA ALA A 474 3.28 25.73 8.34
C ALA A 474 2.73 27.05 8.90
N ARG A 475 3.08 27.40 10.14
CA ARG A 475 2.57 28.64 10.70
C ARG A 475 2.96 29.83 9.81
N GLN A 476 4.17 29.85 9.24
CA GLN A 476 4.62 31.03 8.42
C GLN A 476 3.86 31.03 7.09
N VAL A 477 3.73 29.89 6.44
CA VAL A 477 2.99 29.77 5.17
C VAL A 477 1.49 30.10 5.36
N CYS A 478 0.87 29.68 6.47
CA CYS A 478 -0.55 30.01 6.77
C CYS A 478 -0.74 31.45 7.30
N GLY A 479 0.32 32.22 7.53
CA GLY A 479 0.20 33.59 8.02
C GLY A 479 -0.29 33.62 9.44
N ILE A 480 0.10 32.63 10.22
CA ILE A 480 -0.41 32.49 11.60
C ILE A 480 0.62 33.09 12.55
N ASP A 481 0.15 34.04 13.38
CA ASP A 481 0.95 34.70 14.45
C ASP A 481 1.91 35.72 13.82
N ASP A 495 23.79 20.46 26.86
CA ASP A 495 23.96 21.04 28.20
C ASP A 495 23.06 20.31 29.24
N TYR A 496 23.61 19.27 29.90
CA TYR A 496 22.83 18.45 30.85
C TYR A 496 22.85 19.01 32.29
N ALA A 497 23.89 19.76 32.63
CA ALA A 497 23.93 20.52 33.89
C ALA A 497 22.61 21.28 34.12
N LYS A 498 22.16 22.00 33.09
CA LYS A 498 21.08 22.97 33.23
C LYS A 498 19.70 22.30 33.07
N ALA A 499 19.63 20.99 32.82
CA ALA A 499 18.33 20.26 32.77
C ALA A 499 18.17 19.38 34.02
N LEU A 500 16.92 19.09 34.32
CA LEU A 500 16.48 18.45 35.57
C LEU A 500 16.35 16.93 35.38
N ASP A 501 15.90 16.56 34.18
CA ASP A 501 15.78 15.16 33.78
C ASP A 501 16.69 14.91 32.56
N ALA A 502 17.84 14.29 32.81
CA ALA A 502 18.84 14.03 31.79
C ALA A 502 18.33 13.02 30.76
N ALA A 503 17.42 12.12 31.12
CA ALA A 503 16.93 11.12 30.16
C ALA A 503 16.01 11.79 29.14
N ARG A 504 15.25 12.78 29.60
CA ARG A 504 14.35 13.58 28.79
C ARG A 504 15.16 14.46 27.83
N HIS A 505 16.21 15.08 28.35
CA HIS A 505 16.98 16.03 27.59
C HIS A 505 17.70 15.36 26.41
N GLN A 506 18.00 14.06 26.51
CA GLN A 506 18.55 13.31 25.37
C GLN A 506 17.58 13.40 24.18
N GLU A 507 16.30 13.31 24.47
CA GLU A 507 15.26 13.31 23.44
C GLU A 507 15.11 14.70 22.80
N GLU A 508 15.28 15.74 23.61
CA GLU A 508 15.19 17.11 23.10
C GLU A 508 16.41 17.42 22.23
N VAL A 509 17.59 17.02 22.71
CA VAL A 509 18.84 17.19 21.96
C VAL A 509 18.77 16.37 20.65
N ALA A 510 18.26 15.14 20.69
CA ALA A 510 18.11 14.36 19.45
C ALA A 510 17.26 15.13 18.43
N LEU A 511 16.10 15.64 18.85
CA LEU A 511 15.26 16.35 17.90
C LEU A 511 15.93 17.65 17.41
N ALA A 512 16.54 18.44 18.26
CA ALA A 512 17.22 19.65 17.80
C ALA A 512 18.25 19.33 16.71
N GLY A 513 19.05 18.28 16.90
CA GLY A 513 20.02 17.85 15.89
C GLY A 513 19.36 17.33 14.61
N ALA A 514 18.22 16.69 14.70
CA ALA A 514 17.50 16.24 13.51
C ALA A 514 16.96 17.45 12.73
N MET A 515 16.44 18.48 13.41
CA MET A 515 15.70 19.58 12.75
C MET A 515 16.56 20.85 12.55
N ALA A 516 17.89 20.80 12.59
CA ALA A 516 18.69 22.04 12.42
C ALA A 516 20.02 21.73 11.72
N MET B 1 27.72 43.78 -8.75
CA MET B 1 26.42 43.96 -8.02
C MET B 1 25.47 42.86 -8.49
N ILE B 2 24.71 42.32 -7.54
CA ILE B 2 23.76 41.25 -7.77
C ILE B 2 22.51 41.85 -8.43
N ARG B 3 21.96 41.12 -9.40
CA ARG B 3 20.76 41.55 -10.13
C ARG B 3 19.61 41.78 -9.14
N THR B 4 18.86 42.85 -9.38
CA THR B 4 17.65 43.23 -8.59
C THR B 4 16.42 42.66 -9.29
N GLY B 5 15.32 42.55 -8.57
CA GLY B 5 14.07 42.20 -9.19
C GLY B 5 13.66 43.18 -10.28
N THR B 6 13.70 44.47 -9.97
CA THR B 6 13.38 45.53 -10.94
C THR B 6 14.16 45.33 -12.25
N GLN B 7 15.45 45.03 -12.22
CA GLN B 7 16.17 44.80 -13.46
C GLN B 7 15.61 43.56 -14.16
N TYR B 8 15.35 42.53 -13.40
CA TYR B 8 14.75 41.34 -13.98
C TYR B 8 13.45 41.71 -14.71
N LEU B 9 12.52 42.41 -14.06
CA LEU B 9 11.19 42.65 -14.69
C LEU B 9 11.35 43.38 -16.02
N GLU B 10 12.27 44.33 -16.05
CA GLU B 10 12.58 45.16 -17.23
C GLU B 10 13.07 44.27 -18.37
N SER B 11 13.93 43.31 -18.06
CA SER B 11 14.59 42.48 -19.08
C SER B 11 13.58 41.57 -19.77
N LEU B 12 12.45 41.30 -19.12
CA LEU B 12 11.47 40.38 -19.66
C LEU B 12 10.83 40.97 -20.92
N ASN B 13 10.69 42.28 -20.96
CA ASN B 13 10.02 42.97 -22.06
C ASN B 13 11.00 43.07 -23.23
N ASP B 14 11.29 41.94 -23.88
CA ASP B 14 12.39 41.89 -24.87
C ASP B 14 11.89 41.34 -26.23
N GLY B 15 10.57 41.36 -26.45
CA GLY B 15 9.96 40.83 -27.72
C GLY B 15 9.82 39.30 -27.75
N ARG B 16 10.20 38.59 -26.69
CA ARG B 16 9.97 37.15 -26.62
C ARG B 16 8.54 36.86 -27.10
N ASN B 17 8.43 35.79 -27.88
CA ASN B 17 7.21 35.26 -28.46
C ASN B 17 6.64 34.15 -27.54
N VAL B 18 5.59 34.47 -26.79
CA VAL B 18 5.04 33.58 -25.77
C VAL B 18 3.52 33.45 -25.91
N TRP B 19 3.03 32.19 -25.93
CA TRP B 19 1.62 31.91 -25.69
C TRP B 19 1.39 31.38 -24.28
N VAL B 20 0.34 31.86 -23.67
CA VAL B 20 -0.21 31.27 -22.49
C VAL B 20 -1.68 30.97 -22.81
N GLY B 21 -2.02 29.69 -22.81
CA GLY B 21 -3.27 29.27 -23.45
C GLY B 21 -3.50 29.98 -24.78
N ASN B 22 -4.71 30.52 -24.92
CA ASN B 22 -5.18 31.18 -26.18
C ASN B 22 -4.57 32.58 -26.39
N GLU B 23 -3.88 33.12 -25.40
CA GLU B 23 -3.47 34.50 -25.45
C GLU B 23 -1.99 34.58 -25.87
N LYS B 24 -1.69 35.68 -26.55
CA LYS B 24 -0.33 36.07 -26.87
C LYS B 24 0.13 37.06 -25.80
N ILE B 25 1.37 36.94 -25.33
CA ILE B 25 1.81 37.73 -24.19
C ILE B 25 2.80 38.79 -24.69
N ASP B 26 2.37 40.04 -24.53
CA ASP B 26 3.11 41.19 -25.03
C ASP B 26 4.26 41.54 -24.07
N ASN B 27 4.00 41.41 -22.77
CA ASN B 27 5.06 41.57 -21.78
C ASN B 27 4.81 40.63 -20.59
N VAL B 28 5.62 39.57 -20.53
CA VAL B 28 5.52 38.62 -19.45
C VAL B 28 5.56 39.35 -18.10
N ALA B 29 6.27 40.45 -17.95
CA ALA B 29 6.29 41.08 -16.59
C ALA B 29 4.94 41.66 -16.20
N THR B 30 4.01 41.98 -17.13
CA THR B 30 2.84 42.82 -16.72
C THR B 30 1.52 42.16 -17.11
N HIS B 31 1.54 41.20 -18.00
CA HIS B 31 0.31 40.52 -18.36
C HIS B 31 -0.34 39.92 -17.11
N PRO B 32 -1.67 40.11 -16.91
CA PRO B 32 -2.31 39.58 -15.71
C PRO B 32 -2.07 38.08 -15.54
N LYS B 33 -1.80 37.39 -16.63
CA LYS B 33 -1.71 35.92 -16.60
C LYS B 33 -0.34 35.47 -16.06
N THR B 34 0.72 36.28 -16.25
CA THR B 34 2.07 35.80 -15.93
C THR B 34 2.74 36.59 -14.80
N ARG B 35 2.14 37.67 -14.34
CA ARG B 35 2.90 38.74 -13.72
C ARG B 35 3.10 38.47 -12.23
N ASP B 36 2.25 37.62 -11.67
CA ASP B 36 2.44 37.20 -10.34
C ASP B 36 3.66 36.26 -10.34
N TYR B 37 3.78 35.26 -11.23
CA TYR B 37 4.93 34.41 -11.20
C TYR B 37 6.17 35.25 -11.53
N ALA B 38 6.06 36.21 -12.43
CA ALA B 38 7.25 36.99 -12.76
C ALA B 38 7.74 37.74 -11.51
N GLN B 39 6.77 38.24 -10.75
CA GLN B 39 7.11 38.95 -9.56
C GLN B 39 7.75 37.95 -8.57
N ARG B 40 7.41 36.67 -8.62
CA ARG B 40 8.03 35.70 -7.72
C ARG B 40 9.52 35.63 -8.08
N HIS B 41 9.81 35.63 -9.39
CA HIS B 41 11.20 35.65 -9.79
C HIS B 41 11.86 36.95 -9.34
N ALA B 42 11.19 38.10 -9.49
CA ALA B 42 11.76 39.36 -9.01
C ALA B 42 12.14 39.27 -7.52
N ASP B 43 11.23 38.79 -6.69
CA ASP B 43 11.46 38.55 -5.26
C ASP B 43 12.66 37.63 -5.01
N PHE B 44 12.81 36.61 -5.87
CA PHE B 44 13.98 35.72 -5.80
C PHE B 44 15.25 36.56 -5.86
N TYR B 45 15.32 37.42 -6.86
CA TYR B 45 16.47 38.28 -6.98
C TYR B 45 16.57 39.18 -5.74
N ASP B 46 15.48 39.75 -5.26
CA ASP B 46 15.55 40.74 -4.16
C ASP B 46 15.88 40.09 -2.81
N LEU B 47 15.78 38.77 -2.75
CA LEU B 47 16.16 38.04 -1.56
C LEU B 47 17.68 38.14 -1.39
N HIS B 48 18.37 38.36 -2.49
CA HIS B 48 19.82 38.40 -2.41
C HIS B 48 20.27 39.79 -1.93
N HIS B 49 19.35 40.72 -1.79
CA HIS B 49 19.70 42.03 -1.30
C HIS B 49 19.08 42.23 0.09
N ARG B 50 18.46 41.22 0.69
CA ARG B 50 17.84 41.43 2.03
C ARG B 50 18.93 41.36 3.11
N PRO B 51 19.17 42.47 3.84
CA PRO B 51 20.26 42.49 4.84
C PRO B 51 20.30 41.27 5.79
N ASP B 52 19.15 40.83 6.25
CA ASP B 52 19.13 39.78 7.28
C ASP B 52 19.44 38.40 6.68
N LEU B 53 19.38 38.21 5.35
CA LEU B 53 19.62 36.90 4.71
C LEU B 53 20.98 36.88 4.00
N GLN B 54 21.83 37.88 4.23
CA GLN B 54 23.03 38.05 3.38
C GLN B 54 24.03 36.89 3.55
N ASP B 55 24.26 36.50 4.80
CA ASP B 55 25.07 35.34 5.16
C ASP B 55 24.65 34.11 4.36
N VAL B 56 23.34 33.87 4.28
CA VAL B 56 22.82 32.68 3.67
C VAL B 56 22.73 32.86 2.14
N MET B 57 22.44 34.08 1.64
CA MET B 57 22.00 34.25 0.22
C MET B 57 23.16 34.57 -0.70
N THR B 58 24.28 35.03 -0.13
CA THR B 58 25.41 35.53 -0.91
C THR B 58 26.74 34.99 -0.39
N TYR B 59 27.77 35.24 -1.19
CA TYR B 59 29.14 34.95 -0.86
C TYR B 59 30.05 36.00 -1.53
N ILE B 60 31.21 36.18 -0.89
CA ILE B 60 32.34 36.93 -1.45
C ILE B 60 33.29 35.92 -2.10
N ASP B 61 33.45 36.06 -3.42
CA ASP B 61 34.35 35.24 -4.18
C ASP B 61 35.77 35.73 -3.92
N GLU B 62 36.72 35.03 -4.50
CA GLU B 62 38.17 35.28 -4.33
C GLU B 62 38.57 36.62 -4.96
N GLY B 63 37.81 37.08 -5.92
CA GLY B 63 37.97 38.40 -6.50
C GLY B 63 37.39 39.48 -5.60
N GLY B 64 36.76 39.11 -4.49
CA GLY B 64 36.18 40.13 -3.57
C GLY B 64 34.77 40.58 -3.93
N GLN B 65 34.15 39.89 -4.89
CA GLN B 65 32.85 40.29 -5.37
C GLN B 65 31.76 39.54 -4.58
N ARG B 66 30.73 40.27 -4.13
CA ARG B 66 29.57 39.65 -3.53
C ARG B 66 28.72 39.02 -4.64
N ARG B 67 28.43 37.74 -4.50
CA ARG B 67 27.71 37.04 -5.53
C ARG B 67 26.58 36.22 -4.89
N ALA B 68 25.52 36.02 -5.64
CA ALA B 68 24.43 35.15 -5.24
C ALA B 68 24.93 33.71 -5.08
N MET B 69 24.44 33.03 -4.04
CA MET B 69 24.90 31.67 -3.73
C MET B 69 24.49 30.71 -4.84
N GLN B 70 23.65 31.15 -5.78
CA GLN B 70 23.23 30.25 -6.87
C GLN B 70 24.42 29.93 -7.75
N TRP B 71 25.48 30.76 -7.74
CA TRP B 71 26.68 30.48 -8.56
C TRP B 71 27.77 29.76 -7.75
N PHE B 72 27.54 29.51 -6.47
CA PHE B 72 28.58 29.06 -5.54
C PHE B 72 28.92 27.59 -5.83
N GLY B 73 30.20 27.34 -6.12
CA GLY B 73 30.73 26.00 -6.33
C GLY B 73 31.17 25.36 -5.01
N HIS B 74 30.78 24.12 -4.75
CA HIS B 74 31.12 23.49 -3.47
C HIS B 74 32.10 22.32 -3.72
N ARG B 75 33.19 22.33 -2.97
CA ARG B 75 34.32 21.41 -3.18
C ARG B 75 34.49 20.44 -2.00
N ASP B 76 33.64 20.57 -0.98
CA ASP B 76 33.62 19.60 0.11
C ASP B 76 32.23 19.53 0.74
N LYS B 77 32.10 18.61 1.70
CA LYS B 77 30.82 18.34 2.30
C LYS B 77 30.30 19.61 3.00
N GLU B 78 31.17 20.39 3.65
CA GLU B 78 30.63 21.55 4.43
C GLU B 78 30.12 22.62 3.46
N GLN B 79 30.77 22.74 2.33
CA GLN B 79 30.34 23.69 1.32
C GLN B 79 29.06 23.18 0.68
N LEU B 80 28.94 21.89 0.42
CA LEU B 80 27.68 21.36 -0.09
C LEU B 80 26.52 21.73 0.86
N ARG B 81 26.72 21.60 2.16
CA ARG B 81 25.65 21.84 3.13
C ARG B 81 25.24 23.31 3.11
N ARG B 82 26.22 24.20 3.01
CA ARG B 82 25.96 25.65 2.88
C ARG B 82 25.09 25.97 1.65
N LYS B 83 25.33 25.30 0.52
CA LYS B 83 24.55 25.48 -0.73
C LYS B 83 23.11 25.00 -0.48
N ARG B 84 22.97 23.82 0.14
CA ARG B 84 21.67 23.25 0.42
C ARG B 84 20.86 24.20 1.32
N LYS B 85 21.53 24.78 2.31
CA LYS B 85 20.89 25.71 3.20
C LYS B 85 20.43 26.93 2.41
N TYR B 86 21.21 27.40 1.45
CA TYR B 86 20.73 28.45 0.51
C TYR B 86 19.43 28.01 -0.21
N HIS B 87 19.44 26.84 -0.85
CA HIS B 87 18.27 26.44 -1.62
C HIS B 87 17.04 26.32 -0.69
N GLU B 88 17.27 25.71 0.46
CA GLU B 88 16.27 25.56 1.50
C GLU B 88 15.71 26.92 1.92
N THR B 89 16.55 27.92 2.10
CA THR B 89 16.05 29.21 2.56
C THR B 89 15.23 29.87 1.46
N VAL B 90 15.71 29.76 0.23
CA VAL B 90 14.98 30.30 -0.90
C VAL B 90 13.58 29.70 -0.92
N MET B 91 13.47 28.38 -0.86
CA MET B 91 12.14 27.80 -1.04
C MET B 91 11.30 28.00 0.22
N ARG B 92 11.90 28.05 1.41
CA ARG B 92 11.09 28.28 2.63
C ARG B 92 10.44 29.65 2.59
N GLU B 93 11.17 30.64 2.06
CA GLU B 93 10.74 32.04 1.98
C GLU B 93 9.68 32.20 0.90
N MET B 94 9.67 31.32 -0.11
CA MET B 94 8.83 31.50 -1.30
C MET B 94 7.70 30.48 -1.29
N ALA B 95 6.77 30.70 -0.35
CA ALA B 95 5.46 29.95 -0.27
C ALA B 95 5.69 28.45 -0.11
N GLY B 96 6.72 28.13 0.64
CA GLY B 96 6.94 26.81 1.17
C GLY B 96 7.20 25.80 0.08
N ALA B 97 8.12 26.18 -0.79
CA ALA B 97 8.68 25.36 -1.84
C ALA B 97 7.63 25.10 -2.89
N SER B 98 6.77 26.06 -3.13
CA SER B 98 5.74 25.88 -4.15
C SER B 98 6.28 26.15 -5.57
N PHE B 99 7.47 26.76 -5.70
CA PHE B 99 8.00 27.14 -6.99
C PHE B 99 9.31 26.36 -7.24
N PRO B 100 9.19 25.15 -7.81
CA PRO B 100 10.31 24.23 -7.93
C PRO B 100 11.35 24.58 -9.00
N ARG B 101 11.11 25.55 -9.86
CA ARG B 101 12.07 25.86 -10.86
C ARG B 101 12.43 27.35 -10.80
N THR B 102 12.71 27.82 -9.62
CA THR B 102 13.40 29.09 -9.49
C THR B 102 14.79 29.03 -10.13
N PRO B 103 15.30 30.19 -10.44
CA PRO B 103 16.50 30.17 -11.23
C PRO B 103 17.67 29.49 -10.51
N ASP B 104 17.65 29.43 -9.19
CA ASP B 104 18.76 28.72 -8.49
C ASP B 104 18.79 27.24 -8.89
N VAL B 105 17.65 26.66 -9.26
CA VAL B 105 17.58 25.24 -9.60
C VAL B 105 18.06 25.04 -11.04
N ASN B 106 17.51 25.87 -11.92
CA ASN B 106 17.81 25.91 -13.33
C ASN B 106 19.32 26.02 -13.54
N ASN B 107 19.94 26.97 -12.84
CA ASN B 107 21.37 27.29 -13.10
C ASN B 107 22.29 26.28 -12.40
N TYR B 108 21.80 25.56 -11.37
CA TYR B 108 22.63 24.56 -10.65
C TYR B 108 23.25 23.57 -11.64
N VAL B 109 22.51 23.33 -12.68
CA VAL B 109 22.84 22.30 -13.64
C VAL B 109 24.13 22.65 -14.38
N LEU B 110 24.43 23.94 -14.53
CA LEU B 110 25.59 24.33 -15.39
C LEU B 110 26.95 23.95 -14.75
N THR B 111 26.96 23.66 -13.46
CA THR B 111 28.08 23.19 -12.71
C THR B 111 28.76 22.01 -13.42
N THR B 112 28.03 21.15 -14.10
CA THR B 112 28.68 20.00 -14.73
C THR B 112 29.66 20.42 -15.84
N TYR B 113 29.34 21.46 -16.62
CA TYR B 113 30.17 21.84 -17.74
C TYR B 113 31.49 22.45 -17.22
N ILE B 114 31.33 23.35 -16.30
CA ILE B 114 32.39 24.08 -15.68
C ILE B 114 33.40 23.09 -15.07
N ASP B 115 32.86 22.09 -14.40
CA ASP B 115 33.61 21.08 -13.71
C ASP B 115 34.52 20.32 -14.68
N ASP B 116 34.01 20.03 -15.87
CA ASP B 116 34.68 19.14 -16.79
C ASP B 116 34.22 19.48 -18.21
N PRO B 117 34.71 20.58 -18.76
CA PRO B 117 34.10 21.03 -20.03
C PRO B 117 34.62 20.30 -21.26
N ALA B 118 35.79 19.65 -21.13
CA ALA B 118 36.57 19.25 -22.33
C ALA B 118 35.85 18.12 -23.11
N PRO B 119 35.43 17.04 -22.46
CA PRO B 119 34.66 15.98 -23.17
C PRO B 119 33.48 16.47 -24.06
N TRP B 120 32.79 17.52 -23.65
CA TRP B 120 31.71 18.13 -24.48
C TRP B 120 32.29 18.57 -25.84
N GLU B 121 33.53 19.03 -25.86
CA GLU B 121 34.20 19.39 -27.12
C GLU B 121 34.74 18.13 -27.80
N THR B 122 35.61 17.41 -27.09
CA THR B 122 36.44 16.42 -27.67
C THR B 122 35.57 15.27 -28.24
N GLN B 123 34.37 15.03 -27.69
CA GLN B 123 33.48 13.94 -28.14
C GLN B 123 32.46 14.45 -29.19
N SER B 124 32.46 15.75 -29.48
CA SER B 124 31.58 16.29 -30.51
C SER B 124 31.90 15.68 -31.87
N ILE B 125 30.87 15.58 -32.70
CA ILE B 125 30.95 15.03 -34.03
C ILE B 125 30.18 15.94 -35.01
N GLY B 126 30.64 16.05 -36.26
CA GLY B 126 29.92 16.78 -37.33
C GLY B 126 30.27 18.26 -37.30
N ASP B 127 31.31 18.52 -36.55
CA ASP B 127 31.57 19.77 -35.89
C ASP B 127 32.57 20.65 -36.68
N ASP B 128 33.53 20.01 -37.37
CA ASP B 128 34.67 20.68 -38.12
C ASP B 128 35.54 21.47 -37.14
N GLY B 129 35.61 20.98 -35.89
CA GLY B 129 36.50 21.51 -34.89
C GLY B 129 36.03 22.84 -34.31
N HIS B 130 34.83 23.35 -34.65
CA HIS B 130 34.41 24.71 -34.25
C HIS B 130 34.06 24.82 -32.76
N ILE B 131 33.56 23.77 -32.13
CA ILE B 131 33.18 23.89 -30.72
C ILE B 131 34.44 23.94 -29.85
N LYS B 132 34.43 24.80 -28.83
CA LYS B 132 35.54 24.94 -27.90
C LYS B 132 35.02 24.90 -26.45
N ALA B 133 35.63 24.04 -25.65
CA ALA B 133 35.41 23.95 -24.20
C ALA B 133 35.51 25.33 -23.52
N GLY B 134 36.51 26.11 -23.90
CA GLY B 134 36.70 27.43 -23.30
C GLY B 134 35.48 28.32 -23.49
N LYS B 135 34.78 28.17 -24.62
CA LYS B 135 33.63 29.03 -24.90
C LYS B 135 32.43 28.53 -24.06
N ILE B 136 32.37 27.23 -23.77
CA ILE B 136 31.31 26.71 -22.89
C ILE B 136 31.42 27.40 -21.52
N VAL B 137 32.65 27.43 -21.00
CA VAL B 137 32.99 28.02 -19.71
C VAL B 137 32.73 29.53 -19.80
N ASP B 138 33.09 30.12 -20.94
CA ASP B 138 32.86 31.58 -21.13
C ASP B 138 31.37 31.91 -20.99
N PHE B 139 30.53 31.04 -21.54
CA PHE B 139 29.11 31.32 -21.51
C PHE B 139 28.60 31.24 -20.07
N ILE B 140 29.04 30.22 -19.35
CA ILE B 140 28.58 30.05 -18.00
C ILE B 140 29.04 31.20 -17.11
N ARG B 141 30.25 31.69 -17.35
CA ARG B 141 30.79 32.80 -16.59
C ARG B 141 30.01 34.09 -16.87
N TYR B 142 29.56 34.22 -18.13
CA TYR B 142 28.74 35.37 -18.56
C TYR B 142 27.39 35.33 -17.83
N ALA B 143 26.79 34.13 -17.72
CA ALA B 143 25.49 33.93 -17.08
C ALA B 143 25.57 34.32 -15.60
N ARG B 144 26.64 33.86 -14.97
CA ARG B 144 26.91 34.10 -13.58
C ARG B 144 27.10 35.58 -13.30
N GLU B 145 27.85 36.24 -14.18
CA GLU B 145 28.14 37.66 -14.11
C GLU B 145 26.85 38.48 -14.12
N HIS B 146 25.97 38.18 -15.06
CA HIS B 146 24.71 38.93 -15.23
C HIS B 146 23.54 38.26 -14.46
N ASP B 147 23.78 37.19 -13.70
CA ASP B 147 22.74 36.56 -12.90
C ASP B 147 21.61 36.01 -13.80
N LEU B 148 21.99 35.40 -14.89
CA LEU B 148 21.01 35.07 -15.90
C LEU B 148 20.43 33.68 -15.61
N ASN B 149 19.10 33.57 -15.78
CA ASN B 149 18.32 32.34 -15.63
C ASN B 149 18.34 31.58 -16.96
N CYS B 150 19.01 30.42 -16.94
CA CYS B 150 19.13 29.54 -18.04
C CYS B 150 18.22 28.33 -17.80
N ALA B 151 16.99 28.39 -18.32
CA ALA B 151 15.96 27.35 -18.24
C ALA B 151 16.36 26.12 -19.06
N PRO B 152 16.45 24.94 -18.44
CA PRO B 152 16.89 23.74 -19.17
C PRO B 152 15.73 23.07 -19.90
N GLN B 153 16.00 22.62 -21.13
CA GLN B 153 15.01 21.91 -21.97
C GLN B 153 15.67 20.69 -22.60
N PHE B 154 15.54 19.56 -21.95
CA PHE B 154 16.23 18.34 -22.35
C PHE B 154 15.21 17.27 -22.77
N VAL B 155 14.08 17.11 -22.08
CA VAL B 155 13.19 15.94 -22.34
C VAL B 155 12.48 16.08 -23.70
N ASP B 156 12.32 14.95 -24.39
CA ASP B 156 11.49 14.84 -25.63
C ASP B 156 10.26 13.95 -25.35
N PRO B 157 9.18 14.04 -26.16
CA PRO B 157 7.89 13.34 -25.91
C PRO B 157 8.03 11.96 -25.24
N SER B 170 8.94 13.37 -37.23
CA SER B 170 9.62 13.21 -35.94
C SER B 170 10.04 14.58 -35.38
N PRO B 171 9.22 15.18 -34.49
CA PRO B 171 9.32 16.61 -34.19
C PRO B 171 10.48 17.08 -33.30
N GLY B 172 11.36 16.17 -32.87
CA GLY B 172 12.44 16.55 -31.97
C GLY B 172 13.37 17.56 -32.62
N LEU B 173 14.07 18.30 -31.80
CA LEU B 173 14.82 19.41 -32.33
C LEU B 173 16.04 18.85 -33.10
N ARG B 174 16.34 19.35 -34.31
CA ARG B 174 17.56 18.80 -34.99
C ARG B 174 18.32 19.90 -35.76
N VAL B 175 19.59 19.59 -36.05
CA VAL B 175 20.41 20.42 -36.88
C VAL B 175 19.92 20.31 -38.33
N VAL B 176 19.46 21.42 -38.95
CA VAL B 176 19.05 21.46 -40.38
C VAL B 176 20.10 22.18 -41.26
N GLU B 177 21.10 22.82 -40.66
CA GLU B 177 22.10 23.54 -41.43
C GLU B 177 23.35 23.77 -40.58
N LYS B 178 24.51 23.61 -41.18
CA LYS B 178 25.81 23.88 -40.55
C LYS B 178 26.64 24.77 -41.50
N ASN B 179 27.23 25.86 -40.98
CA ASN B 179 28.18 26.71 -41.79
C ASN B 179 29.41 27.08 -40.92
N GLU B 180 30.19 28.09 -41.31
CA GLU B 180 31.38 28.44 -40.49
C GLU B 180 30.93 29.31 -39.33
N LYS B 181 29.70 29.83 -39.38
CA LYS B 181 29.26 30.73 -38.31
C LYS B 181 28.62 29.98 -37.14
N GLY B 182 28.07 28.79 -37.37
CA GLY B 182 27.27 28.10 -36.34
C GLY B 182 26.25 27.16 -36.94
N ILE B 183 25.15 26.89 -36.23
CA ILE B 183 24.22 25.87 -36.68
C ILE B 183 22.81 26.45 -36.73
N VAL B 184 21.95 25.81 -37.50
CA VAL B 184 20.51 26.13 -37.50
C VAL B 184 19.78 24.88 -37.01
N VAL B 185 18.83 25.09 -36.10
CA VAL B 185 18.08 23.99 -35.53
C VAL B 185 16.60 24.21 -35.74
N ASN B 186 15.86 23.12 -35.95
CA ASN B 186 14.42 23.18 -36.26
C ASN B 186 13.71 22.06 -35.50
N GLY B 187 12.60 22.37 -34.86
CA GLY B 187 11.90 21.36 -34.08
C GLY B 187 11.38 21.86 -32.74
N VAL B 188 11.00 20.89 -31.92
CA VAL B 188 10.27 21.16 -30.70
C VAL B 188 11.03 20.55 -29.53
N LYS B 189 11.15 21.37 -28.49
CA LYS B 189 11.48 20.86 -27.16
C LYS B 189 10.19 20.82 -26.35
N ALA B 190 9.72 19.61 -26.12
CA ALA B 190 8.36 19.27 -25.68
C ALA B 190 8.09 19.69 -24.24
N ILE B 191 9.11 19.68 -23.41
CA ILE B 191 8.87 20.01 -22.03
C ILE B 191 9.80 21.16 -21.62
N GLY B 192 9.18 22.14 -20.97
CA GLY B 192 9.89 23.24 -20.39
C GLY B 192 9.04 23.86 -19.30
N THR B 193 9.72 24.29 -18.25
CA THR B 193 9.07 24.86 -17.08
C THR B 193 9.64 26.26 -16.81
N GLY B 194 8.76 27.27 -16.89
CA GLY B 194 9.10 28.65 -16.60
C GLY B 194 9.97 29.29 -17.66
N VAL B 195 10.05 28.72 -18.87
CA VAL B 195 10.96 29.25 -19.88
C VAL B 195 10.54 30.68 -20.25
N ALA B 196 9.25 30.96 -20.25
CA ALA B 196 8.81 32.29 -20.61
C ALA B 196 9.31 33.32 -19.60
N PHE B 197 9.93 32.86 -18.50
CA PHE B 197 10.33 33.75 -17.42
C PHE B 197 11.87 33.78 -17.32
N ALA B 198 12.54 33.12 -18.25
CA ALA B 198 13.97 32.98 -18.17
C ALA B 198 14.66 34.05 -19.02
N ASP B 199 16.00 34.01 -19.08
CA ASP B 199 16.79 34.83 -20.03
C ASP B 199 17.28 33.99 -21.21
N TRP B 200 17.74 32.79 -20.90
CA TRP B 200 18.26 31.90 -21.90
C TRP B 200 17.63 30.51 -21.77
N ILE B 201 17.69 29.78 -22.84
CA ILE B 201 17.25 28.46 -22.87
C ILE B 201 18.48 27.56 -22.97
N HIS B 202 18.52 26.56 -22.11
CA HIS B 202 19.61 25.61 -22.11
C HIS B 202 19.11 24.32 -22.76
N ILE B 203 19.54 24.08 -24.00
CA ILE B 203 19.13 22.97 -24.86
C ILE B 203 20.05 21.80 -24.58
N GLY B 204 19.43 20.63 -24.38
CA GLY B 204 20.14 19.36 -24.22
C GLY B 204 19.27 18.18 -24.61
N VAL B 205 19.80 17.00 -24.49
CA VAL B 205 19.05 15.83 -24.84
C VAL B 205 19.56 14.68 -23.98
N PHE B 206 18.68 13.67 -23.78
CA PHE B 206 19.07 12.39 -23.17
C PHE B 206 19.05 11.29 -24.22
N PHE B 207 19.93 10.32 -24.04
CA PHE B 207 19.99 9.22 -24.95
C PHE B 207 18.64 8.51 -24.98
N ARG B 208 18.27 8.07 -26.15
CA ARG B 208 17.28 7.00 -26.31
C ARG B 208 17.82 6.03 -27.36
N PRO B 209 17.41 4.76 -27.31
CA PRO B 209 17.90 3.83 -28.36
C PRO B 209 17.65 4.39 -29.77
N GLY B 210 18.66 4.36 -30.63
CA GLY B 210 18.55 4.85 -32.01
C GLY B 210 18.51 6.36 -32.16
N ILE B 211 18.91 7.16 -31.16
CA ILE B 211 18.82 8.65 -31.31
C ILE B 211 19.71 9.10 -32.49
N PRO B 212 19.13 9.80 -33.45
CA PRO B 212 19.96 10.26 -34.55
C PRO B 212 20.95 11.36 -34.09
N GLY B 213 22.17 11.26 -34.58
CA GLY B 213 23.25 12.23 -34.36
C GLY B 213 22.82 13.66 -34.57
N ASP B 214 21.99 13.95 -35.57
CA ASP B 214 21.61 15.32 -35.82
C ASP B 214 20.58 15.80 -34.81
N GLN B 215 20.14 14.92 -33.90
CA GLN B 215 19.29 15.32 -32.78
C GLN B 215 20.13 15.44 -31.51
N VAL B 216 21.39 15.05 -31.53
CA VAL B 216 22.18 15.20 -30.32
C VAL B 216 22.71 16.64 -30.24
N ILE B 217 22.01 17.50 -29.54
CA ILE B 217 22.35 18.94 -29.50
C ILE B 217 22.38 19.44 -28.05
N PHE B 218 23.48 20.09 -27.65
CA PHE B 218 23.59 20.81 -26.39
C PHE B 218 24.07 22.24 -26.69
N ALA B 219 23.33 23.25 -26.24
CA ALA B 219 23.61 24.61 -26.66
C ALA B 219 22.81 25.59 -25.79
N ALA B 220 23.00 26.89 -26.01
CA ALA B 220 22.18 27.90 -25.33
C ALA B 220 21.80 29.01 -26.31
N THR B 221 20.61 29.54 -26.11
CA THR B 221 20.10 30.63 -26.93
C THR B 221 19.14 31.47 -26.07
N PRO B 222 19.13 32.77 -26.33
CA PRO B 222 18.23 33.64 -25.61
C PRO B 222 16.77 33.26 -25.85
N VAL B 223 15.94 33.62 -24.90
CA VAL B 223 14.55 33.28 -24.94
C VAL B 223 13.85 34.03 -26.09
N ASN B 224 14.36 35.22 -26.41
CA ASN B 224 13.79 36.01 -27.50
C ASN B 224 14.54 35.76 -28.82
N THR B 225 15.31 34.69 -28.94
CA THR B 225 15.96 34.37 -30.20
C THR B 225 14.91 34.28 -31.32
N PRO B 226 15.09 35.00 -32.44
CA PRO B 226 14.11 34.90 -33.55
C PRO B 226 13.85 33.45 -33.97
N GLY B 227 12.58 33.09 -34.16
CA GLY B 227 12.19 31.72 -34.52
C GLY B 227 11.87 30.83 -33.33
N VAL B 228 12.05 31.39 -32.11
CA VAL B 228 11.72 30.71 -30.89
C VAL B 228 10.31 31.10 -30.48
N THR B 229 9.41 30.12 -30.29
CA THR B 229 8.09 30.42 -29.74
C THR B 229 7.86 29.56 -28.50
N ILE B 230 7.43 30.19 -27.43
CA ILE B 230 7.23 29.49 -26.19
C ILE B 230 5.72 29.30 -26.02
N VAL B 231 5.26 28.06 -26.01
CA VAL B 231 3.82 27.75 -25.98
C VAL B 231 3.46 27.11 -24.64
N CYS B 232 2.78 27.86 -23.81
CA CYS B 232 2.51 27.39 -22.44
C CYS B 232 1.02 27.11 -22.23
N ARG B 233 0.73 26.07 -21.43
CA ARG B 233 -0.62 25.86 -20.82
C ARG B 233 -1.17 27.15 -20.19
N GLU B 234 -2.50 27.20 -20.04
CA GLU B 234 -3.21 28.32 -19.42
C GLU B 234 -2.73 28.51 -17.97
N SER B 235 -2.82 29.75 -17.50
CA SER B 235 -2.34 30.12 -16.19
C SER B 235 -3.43 29.83 -15.15
N LEU B 236 -3.02 29.29 -14.00
CA LEU B 236 -3.89 28.79 -12.97
C LEU B 236 -3.81 29.74 -11.77
N VAL B 237 -3.15 30.86 -11.95
CA VAL B 237 -3.11 31.86 -10.90
C VAL B 237 -4.53 32.33 -10.58
N LYS B 238 -4.77 32.56 -9.28
CA LYS B 238 -6.07 32.97 -8.79
C LYS B 238 -6.09 34.49 -8.61
N ASP B 239 -7.26 35.13 -8.64
CA ASP B 239 -7.29 36.61 -8.58
C ASP B 239 -7.21 37.08 -7.14
N ASP B 240 -7.87 36.38 -6.24
CA ASP B 240 -8.09 36.86 -4.89
C ASP B 240 -7.07 36.30 -3.90
N LYS B 241 -6.08 37.10 -3.54
CA LYS B 241 -4.98 36.58 -2.71
C LYS B 241 -5.44 36.34 -1.26
N VAL B 242 -6.63 36.76 -0.85
CA VAL B 242 -7.07 36.55 0.53
C VAL B 242 -7.72 35.17 0.64
N GLU B 243 -8.58 34.81 -0.33
CA GLU B 243 -9.12 33.42 -0.38
C GLU B 243 -8.01 32.45 -0.78
N HIS B 244 -7.07 32.91 -1.62
CA HIS B 244 -6.02 32.04 -2.26
C HIS B 244 -4.61 32.63 -2.06
N PRO B 245 -4.11 32.57 -0.83
CA PRO B 245 -2.90 33.27 -0.43
C PRO B 245 -1.63 32.70 -1.08
N LEU B 246 -1.69 31.44 -1.51
CA LEU B 246 -0.61 30.81 -2.27
C LEU B 246 -0.88 30.81 -3.77
N ALA B 247 -2.05 30.36 -4.21
CA ALA B 247 -2.30 30.29 -5.68
C ALA B 247 -2.47 31.67 -6.29
N ALA B 248 -2.64 32.71 -5.54
CA ALA B 248 -2.69 34.05 -6.14
C ALA B 248 -1.28 34.58 -6.40
N GLN B 249 -0.25 33.83 -5.95
CA GLN B 249 1.12 34.31 -5.99
C GLN B 249 1.77 34.00 -7.33
N GLY B 250 1.11 33.30 -8.23
CA GLY B 250 1.63 33.10 -9.59
C GLY B 250 1.78 31.63 -9.93
N ASP B 251 1.89 31.38 -11.23
CA ASP B 251 1.80 30.03 -11.73
C ASP B 251 3.02 29.77 -12.63
N GLU B 252 3.79 28.80 -12.20
CA GLU B 252 5.00 28.48 -12.87
C GLU B 252 4.59 27.63 -14.06
N LEU B 253 4.55 28.27 -15.23
CA LEU B 253 3.96 27.69 -16.41
C LEU B 253 4.89 26.62 -16.96
N ASP B 254 4.30 25.58 -17.53
CA ASP B 254 4.97 24.59 -18.27
C ASP B 254 4.54 24.75 -19.73
N GLY B 255 5.32 24.20 -20.64
CA GLY B 255 4.96 24.28 -22.00
C GLY B 255 6.02 23.72 -22.89
N MET B 256 5.88 24.01 -24.17
CA MET B 256 6.83 23.51 -25.11
C MET B 256 7.50 24.71 -25.79
N THR B 257 8.64 24.48 -26.41
CA THR B 257 9.30 25.51 -27.11
C THR B 257 9.44 25.08 -28.56
N VAL B 258 9.00 25.94 -29.48
CA VAL B 258 9.18 25.70 -30.90
C VAL B 258 10.37 26.50 -31.43
N PHE B 259 11.17 25.81 -32.21
CA PHE B 259 12.36 26.35 -32.84
C PHE B 259 12.16 26.26 -34.36
N GLU B 260 11.97 27.40 -35.02
CA GLU B 260 11.77 27.41 -36.44
C GLU B 260 13.00 28.02 -37.08
N ASN B 261 13.89 27.19 -37.61
CA ASN B 261 15.13 27.64 -38.23
C ASN B 261 15.82 28.64 -37.29
N VAL B 262 16.13 28.17 -36.09
CA VAL B 262 16.79 29.01 -35.13
C VAL B 262 18.29 28.86 -35.33
N PHE B 263 18.98 30.00 -35.39
CA PHE B 263 20.42 30.00 -35.59
C PHE B 263 21.14 30.16 -34.24
N ILE B 264 22.18 29.38 -34.05
CA ILE B 264 22.98 29.37 -32.84
C ILE B 264 24.46 29.39 -33.25
N PRO B 265 25.21 30.43 -32.86
CA PRO B 265 26.61 30.52 -33.28
C PRO B 265 27.43 29.47 -32.50
N TRP B 266 28.54 29.06 -33.08
CA TRP B 266 29.26 27.93 -32.55
C TRP B 266 29.68 28.22 -31.11
N SER B 267 29.83 29.51 -30.79
CA SER B 267 30.32 29.95 -29.50
C SER B 267 29.38 29.50 -28.38
N HIS B 268 28.10 29.36 -28.72
CA HIS B 268 27.07 28.97 -27.76
C HIS B 268 26.56 27.54 -28.00
N VAL B 269 27.34 26.74 -28.71
CA VAL B 269 27.05 25.35 -28.92
C VAL B 269 28.04 24.58 -28.04
N PHE B 270 27.53 23.64 -27.23
CA PHE B 270 28.35 22.98 -26.24
C PHE B 270 28.84 21.62 -26.75
N HIS B 271 27.93 20.97 -27.47
CA HIS B 271 28.20 19.69 -28.07
C HIS B 271 27.15 19.38 -29.14
N ILE B 272 27.59 18.66 -30.18
CA ILE B 272 26.66 18.01 -31.14
C ILE B 272 27.22 16.67 -31.58
N GLY B 273 26.28 15.78 -31.95
CA GLY B 273 26.52 14.75 -32.92
C GLY B 273 26.84 13.39 -32.32
N ASN B 274 27.03 13.26 -31.00
CA ASN B 274 27.57 11.97 -30.45
C ASN B 274 26.57 11.32 -29.45
N PRO B 275 25.83 10.32 -29.94
CA PRO B 275 24.84 9.57 -29.16
C PRO B 275 25.41 8.88 -27.91
N ASN B 276 26.56 8.22 -27.97
CA ASN B 276 27.24 7.68 -26.74
C ASN B 276 27.47 8.82 -25.71
N HIS B 277 27.87 10.01 -26.17
CA HIS B 277 28.06 11.13 -25.23
C HIS B 277 26.76 11.43 -24.50
N ALA B 278 25.65 11.30 -25.19
CA ALA B 278 24.34 11.52 -24.62
C ALA B 278 23.94 10.41 -23.63
N LYS B 279 24.73 9.35 -23.48
CA LYS B 279 24.34 8.30 -22.57
C LYS B 279 24.52 8.76 -21.13
N LEU B 280 25.68 9.31 -20.80
CA LEU B 280 25.89 9.60 -19.37
C LEU B 280 26.13 11.10 -19.10
N TYR B 281 26.57 11.91 -20.05
CA TYR B 281 26.91 13.28 -19.65
C TYR B 281 25.68 14.11 -19.24
N PRO B 282 24.50 13.89 -19.85
CA PRO B 282 23.26 14.63 -19.49
C PRO B 282 22.69 14.27 -18.10
N GLN B 283 22.85 13.00 -17.72
CA GLN B 283 22.52 12.54 -16.39
C GLN B 283 23.36 13.35 -15.41
N ARG B 284 24.64 13.46 -15.72
CA ARG B 284 25.55 14.21 -14.90
C ARG B 284 25.08 15.67 -14.78
N VAL B 285 24.52 16.20 -15.84
CA VAL B 285 24.04 17.54 -15.79
C VAL B 285 22.83 17.57 -14.85
N PHE B 286 21.88 16.66 -15.04
CA PHE B 286 20.63 16.72 -14.29
C PHE B 286 20.82 16.19 -12.85
N ASP B 287 21.99 15.68 -12.53
CA ASP B 287 22.23 15.25 -11.17
C ASP B 287 21.90 16.40 -10.20
N TRP B 288 22.32 17.62 -10.55
CA TRP B 288 22.21 18.71 -9.59
C TRP B 288 20.75 19.04 -9.32
N LEU B 289 19.93 18.85 -10.33
CA LEU B 289 18.54 19.20 -10.23
C LEU B 289 17.74 18.13 -9.48
N HIS B 290 18.14 16.87 -9.65
CA HIS B 290 17.69 15.75 -8.83
C HIS B 290 18.03 15.99 -7.34
N TYR B 291 19.25 16.43 -7.06
CA TYR B 291 19.64 16.60 -5.65
C TYR B 291 18.76 17.70 -5.10
N HIS B 292 18.53 18.74 -5.94
CA HIS B 292 17.71 19.91 -5.54
C HIS B 292 16.29 19.45 -5.20
N ALA B 293 15.78 18.52 -6.00
CA ALA B 293 14.41 18.01 -5.90
C ALA B 293 14.18 17.31 -4.56
N LEU B 294 15.15 16.50 -4.13
CA LEU B 294 15.12 15.91 -2.80
C LEU B 294 15.11 17.01 -1.71
N ILE B 295 15.88 18.09 -1.85
CA ILE B 295 15.82 19.13 -0.81
C ILE B 295 14.37 19.68 -0.78
N ARG B 296 13.83 19.89 -1.96
CA ARG B 296 12.48 20.40 -2.09
C ARG B 296 11.46 19.43 -1.48
N GLN B 297 11.62 18.15 -1.82
CA GLN B 297 10.74 17.10 -1.34
C GLN B 297 10.74 17.10 0.20
N MET B 298 11.95 17.25 0.80
CA MET B 298 12.04 17.27 2.23
C MET B 298 11.19 18.43 2.78
N VAL B 299 11.29 19.58 2.16
CA VAL B 299 10.65 20.75 2.68
C VAL B 299 9.13 20.59 2.52
N ARG B 300 8.71 20.01 1.41
CA ARG B 300 7.29 19.80 1.19
C ARG B 300 6.75 18.82 2.22
N ALA B 301 7.50 17.76 2.53
CA ALA B 301 7.06 16.79 3.54
C ALA B 301 6.99 17.43 4.93
N GLU B 302 7.90 18.36 5.22
CA GLU B 302 7.86 19.08 6.51
C GLU B 302 6.60 19.96 6.57
N LEU B 303 6.30 20.60 5.45
CA LEU B 303 5.10 21.44 5.34
C LEU B 303 3.84 20.57 5.52
N VAL B 304 3.80 19.43 4.86
CA VAL B 304 2.65 18.59 4.94
C VAL B 304 2.48 18.09 6.38
N ALA B 305 3.55 17.60 7.00
CA ALA B 305 3.45 17.17 8.40
C ALA B 305 2.96 18.31 9.28
N GLY B 306 3.48 19.49 9.01
CA GLY B 306 3.24 20.62 9.89
C GLY B 306 1.80 21.05 9.82
N LEU B 307 1.25 20.98 8.61
CA LEU B 307 -0.18 21.35 8.38
C LEU B 307 -1.10 20.31 9.05
N ALA B 308 -0.72 19.03 9.06
CA ALA B 308 -1.49 18.04 9.80
C ALA B 308 -1.38 18.32 11.29
N VAL B 309 -0.23 18.77 11.76
CA VAL B 309 -0.16 19.12 13.18
C VAL B 309 -1.04 20.35 13.44
N LEU B 310 -0.98 21.36 12.61
CA LEU B 310 -1.79 22.54 12.94
C LEU B 310 -3.28 22.22 12.83
N ILE B 311 -3.74 21.52 11.79
CA ILE B 311 -5.20 21.35 11.61
C ILE B 311 -5.77 20.38 12.66
N THR B 312 -5.11 19.24 12.95
CA THR B 312 -5.62 18.28 13.96
C THR B 312 -5.60 18.93 15.35
N GLU B 313 -4.66 19.85 15.55
CA GLU B 313 -4.63 20.52 16.85
C GLU B 313 -5.81 21.49 16.97
N HIS B 314 -6.04 22.30 15.94
CA HIS B 314 -7.06 23.35 16.02
C HIS B 314 -8.47 22.74 16.01
N ILE B 315 -8.63 21.56 15.41
CA ILE B 315 -9.93 20.91 15.41
C ILE B 315 -10.15 20.20 16.75
N GLY B 316 -9.06 19.79 17.39
CA GLY B 316 -9.11 19.07 18.63
C GLY B 316 -9.04 17.56 18.44
N THR B 317 -8.64 17.06 17.24
CA THR B 317 -8.50 15.60 17.00
C THR B 317 -7.08 15.11 17.32
N ASN B 318 -6.18 16.01 17.68
CA ASN B 318 -4.76 15.67 17.78
C ASN B 318 -4.54 14.59 18.84
N LYS B 319 -5.35 14.56 19.90
CA LYS B 319 -5.12 13.58 21.00
C LYS B 319 -5.85 12.25 20.76
N ILE B 320 -6.62 12.11 19.67
CA ILE B 320 -7.17 10.79 19.29
C ILE B 320 -6.03 9.87 18.81
N PRO B 321 -5.89 8.67 19.39
CA PRO B 321 -4.71 7.81 19.04
C PRO B 321 -4.61 7.42 17.55
N ALA B 322 -5.75 7.17 16.93
CA ALA B 322 -5.81 6.83 15.53
C ALA B 322 -5.14 7.93 14.69
N VAL B 323 -5.40 9.18 15.08
CA VAL B 323 -4.93 10.38 14.37
C VAL B 323 -3.46 10.60 14.71
N GLN B 324 -3.11 10.35 15.97
CA GLN B 324 -1.74 10.46 16.41
C GLN B 324 -0.83 9.61 15.50
N THR B 325 -1.24 8.38 15.20
CA THR B 325 -0.33 7.55 14.46
C THR B 325 -0.26 8.01 12.99
N ARG B 326 -1.34 8.56 12.45
CA ARG B 326 -1.29 9.01 11.07
C ARG B 326 -0.42 10.26 10.98
N VAL B 327 -0.53 11.14 11.96
CA VAL B 327 0.33 12.34 11.95
C VAL B 327 1.81 11.90 12.07
N ALA B 328 2.08 10.96 12.98
CA ALA B 328 3.42 10.40 13.15
C ALA B 328 3.95 9.83 11.82
N LYS B 329 3.05 9.34 11.00
CA LYS B 329 3.36 8.81 9.70
C LYS B 329 3.87 9.94 8.80
N LEU B 330 3.22 11.10 8.84
CA LEU B 330 3.61 12.23 8.00
C LEU B 330 4.97 12.77 8.45
N ILE B 331 5.16 12.86 9.75
CA ILE B 331 6.44 13.23 10.33
C ILE B 331 7.53 12.21 9.96
N GLY B 332 7.21 10.92 9.91
CA GLY B 332 8.24 9.93 9.59
C GLY B 332 8.68 10.03 8.15
N PHE B 333 7.72 10.25 7.26
CA PHE B 333 8.00 10.53 5.85
C PHE B 333 8.99 11.72 5.68
N HIS B 334 8.79 12.78 6.41
CA HIS B 334 9.71 13.87 6.37
C HIS B 334 11.11 13.44 6.84
N GLN B 335 11.17 12.64 7.90
CA GLN B 335 12.45 12.17 8.46
C GLN B 335 13.14 11.23 7.45
N ALA B 336 12.39 10.45 6.69
CA ALA B 336 13.00 9.59 5.65
C ALA B 336 13.66 10.46 4.57
N MET B 337 13.01 11.54 4.17
CA MET B 337 13.57 12.45 3.17
C MET B 337 14.88 13.06 3.71
N LEU B 338 14.87 13.50 4.97
CA LEU B 338 16.02 14.09 5.61
C LEU B 338 17.13 13.02 5.78
N ALA B 339 16.75 11.78 6.02
CA ALA B 339 17.79 10.77 6.24
C ALA B 339 18.52 10.49 4.92
N HIS B 340 17.79 10.46 3.79
CA HIS B 340 18.40 10.25 2.46
C HIS B 340 19.28 11.45 2.08
N LEU B 341 18.84 12.63 2.39
CA LEU B 341 19.53 13.85 2.00
C LEU B 341 20.86 13.91 2.76
N ILE B 342 20.77 13.75 4.06
CA ILE B 342 21.93 13.83 4.97
C ILE B 342 22.92 12.74 4.58
N ALA B 343 22.44 11.51 4.45
CA ALA B 343 23.30 10.39 4.07
C ALA B 343 23.92 10.67 2.69
N SER B 344 23.13 11.18 1.74
CA SER B 344 23.68 11.46 0.39
C SER B 344 24.86 12.43 0.50
N GLU B 345 24.74 13.41 1.38
CA GLU B 345 25.77 14.43 1.58
C GLU B 345 27.02 13.83 2.25
N GLU B 346 26.80 12.93 3.19
CA GLU B 346 27.88 12.34 3.97
C GLU B 346 28.71 11.44 3.05
N LEU B 347 28.03 10.74 2.15
CA LEU B 347 28.69 9.78 1.29
C LEU B 347 28.87 10.35 -0.13
N GLY B 348 29.07 11.65 -0.26
CA GLY B 348 29.39 12.19 -1.55
C GLY B 348 30.79 11.79 -2.02
N PHE B 349 31.16 12.34 -3.17
CA PHE B 349 32.44 12.08 -3.81
C PHE B 349 32.82 13.31 -4.62
N HIS B 350 34.08 13.38 -4.99
CA HIS B 350 34.61 14.49 -5.83
C HIS B 350 34.38 14.19 -7.31
N THR B 351 33.95 15.17 -8.08
CA THR B 351 33.89 15.07 -9.54
C THR B 351 35.27 15.36 -10.17
N PRO B 352 35.46 15.07 -11.46
CA PRO B 352 36.85 15.25 -12.03
C PRO B 352 37.45 16.66 -11.88
N GLY B 353 36.60 17.66 -11.83
CA GLY B 353 37.05 19.06 -11.61
C GLY B 353 37.21 19.37 -10.15
N GLY B 354 36.87 18.37 -9.31
CA GLY B 354 36.98 18.49 -7.87
C GLY B 354 35.79 19.15 -7.20
N HIS B 355 34.63 19.28 -7.84
CA HIS B 355 33.45 19.61 -7.04
C HIS B 355 33.11 18.37 -6.22
N TYR B 356 32.46 18.61 -5.10
CA TYR B 356 31.94 17.57 -4.27
C TYR B 356 30.47 17.40 -4.63
N LYS B 357 30.07 16.15 -4.84
CA LYS B 357 28.75 15.83 -5.29
C LYS B 357 28.11 14.81 -4.33
N PRO B 358 26.85 15.10 -3.89
CA PRO B 358 26.28 14.16 -2.97
C PRO B 358 26.07 12.81 -3.69
N ASN B 359 25.95 11.76 -2.91
CA ASN B 359 25.84 10.45 -3.47
C ASN B 359 24.55 10.26 -4.27
N ILE B 360 24.74 9.91 -5.53
CA ILE B 360 23.69 9.89 -6.54
C ILE B 360 22.68 8.79 -6.23
N LEU B 361 23.14 7.67 -5.74
CA LEU B 361 22.23 6.61 -5.56
C LEU B 361 21.32 6.94 -4.37
N ILE B 362 21.87 7.53 -3.32
CA ILE B 362 21.10 7.70 -2.09
C ILE B 362 20.03 8.78 -2.34
N TYR B 363 20.39 9.92 -2.93
CA TYR B 363 19.40 10.99 -3.09
C TYR B 363 18.39 10.65 -4.20
N ASP B 364 18.75 9.84 -5.16
CA ASP B 364 17.77 9.37 -6.16
C ASP B 364 16.84 8.34 -5.50
N PHE B 365 17.36 7.51 -4.61
CA PHE B 365 16.46 6.60 -3.91
C PHE B 365 15.57 7.43 -2.98
N GLY B 366 16.07 8.54 -2.48
CA GLY B 366 15.23 9.47 -1.75
C GLY B 366 14.02 9.89 -2.59
N ARG B 367 14.29 10.30 -3.83
CA ARG B 367 13.29 10.81 -4.72
C ARG B 367 12.26 9.70 -4.98
N ALA B 368 12.76 8.53 -5.32
CA ALA B 368 11.85 7.40 -5.63
C ALA B 368 10.91 7.13 -4.44
N LEU B 369 11.44 7.25 -3.23
CA LEU B 369 10.61 7.02 -2.03
C LEU B 369 9.53 8.11 -1.96
N TYR B 370 9.91 9.34 -2.25
CA TYR B 370 8.92 10.42 -2.27
C TYR B 370 7.88 10.19 -3.36
N LEU B 371 8.31 9.89 -4.55
CA LEU B 371 7.42 9.87 -5.71
C LEU B 371 6.45 8.70 -5.53
N GLU B 372 6.92 7.69 -4.80
CA GLU B 372 6.09 6.54 -4.51
C GLU B 372 5.00 6.87 -3.50
N ASN B 373 5.28 7.68 -2.50
CA ASN B 373 4.34 7.74 -1.37
C ASN B 373 3.67 9.11 -1.26
N PHE B 374 4.10 10.13 -2.01
CA PHE B 374 3.63 11.51 -1.69
C PHE B 374 2.09 11.58 -1.86
N SER B 375 1.50 10.87 -2.83
CA SER B 375 0.02 10.86 -3.02
C SER B 375 -0.68 10.49 -1.70
N GLN B 376 -0.30 9.34 -1.16
CA GLN B 376 -1.00 8.87 0.00
C GLN B 376 -0.76 9.86 1.14
N MET B 377 0.38 10.54 1.16
CA MET B 377 0.67 11.39 2.32
C MET B 377 -0.19 12.64 2.22
N ILE B 378 -0.36 13.14 1.02
CA ILE B 378 -1.23 14.28 0.81
C ILE B 378 -2.67 13.88 1.13
N TYR B 379 -3.12 12.73 0.61
CA TYR B 379 -4.47 12.22 0.89
C TYR B 379 -4.71 12.16 2.40
N GLU B 380 -3.73 11.71 3.17
CA GLU B 380 -3.81 11.69 4.64
C GLU B 380 -4.10 13.09 5.20
N LEU B 381 -3.41 14.12 4.72
CA LEU B 381 -3.59 15.45 5.27
C LEU B 381 -5.01 15.90 4.95
N VAL B 382 -5.41 15.70 3.69
CA VAL B 382 -6.70 16.20 3.22
C VAL B 382 -7.80 15.55 4.08
N ASP B 383 -7.69 14.23 4.27
CA ASP B 383 -8.64 13.45 5.03
C ASP B 383 -8.65 13.91 6.50
N LEU B 384 -7.47 14.17 7.07
CA LEU B 384 -7.40 14.61 8.49
C LEU B 384 -8.09 15.96 8.70
N SER B 385 -8.18 16.74 7.64
CA SER B 385 -8.68 18.10 7.75
C SER B 385 -10.21 18.11 7.65
N GLY B 386 -10.84 16.97 7.34
CA GLY B 386 -12.30 16.87 7.25
C GLY B 386 -12.89 17.88 6.26
N ARG B 387 -13.78 18.73 6.76
CA ARG B 387 -14.54 19.67 5.92
C ARG B 387 -13.79 21.01 5.88
N SER B 388 -12.82 21.19 6.78
CA SER B 388 -12.16 22.48 6.96
C SER B 388 -11.28 22.79 5.76
N ALA B 389 -11.22 21.88 4.80
CA ALA B 389 -10.25 21.92 3.74
C ALA B 389 -10.81 22.69 2.53
N LEU B 390 -12.13 22.60 2.38
CA LEU B 390 -12.85 22.87 1.15
C LEU B 390 -13.99 23.86 1.43
N ILE B 391 -14.84 23.47 2.40
CA ILE B 391 -16.00 24.23 2.85
C ILE B 391 -15.54 25.10 4.03
N PHE B 392 -15.07 26.32 3.75
CA PHE B 392 -14.90 27.29 4.82
C PHE B 392 -15.40 28.65 4.32
N ALA B 393 -15.62 29.56 5.27
CA ALA B 393 -16.03 30.93 5.03
C ALA B 393 -15.04 31.63 4.11
N SER B 394 -15.60 32.33 3.11
CA SER B 394 -14.94 33.43 2.43
C SER B 394 -14.81 34.58 3.43
N GLU B 395 -13.97 35.56 3.11
CA GLU B 395 -13.65 36.62 4.07
C GLU B 395 -14.90 37.44 4.42
N ASP B 396 -15.58 37.94 3.36
CA ASP B 396 -16.80 38.77 3.54
C ASP B 396 -17.88 38.02 4.33
N GLN B 397 -18.02 36.72 4.10
CA GLN B 397 -18.98 35.93 4.84
C GLN B 397 -18.61 36.00 6.31
N TRP B 398 -17.31 35.76 6.59
CA TRP B 398 -16.76 35.67 7.95
C TRP B 398 -17.00 37.00 8.66
N ASN B 399 -16.80 38.13 7.97
CA ASN B 399 -16.91 39.44 8.63
C ASN B 399 -18.36 39.97 8.62
N ASP B 400 -19.30 39.26 8.01
CA ASP B 400 -20.71 39.72 7.95
C ASP B 400 -21.33 39.73 9.36
N ASP B 401 -22.11 40.78 9.64
CA ASP B 401 -22.78 41.00 10.94
C ASP B 401 -23.51 39.75 11.43
N LYS B 402 -24.34 39.15 10.58
CA LYS B 402 -25.20 38.04 11.01
C LYS B 402 -24.42 36.72 11.04
N LEU B 403 -23.52 36.51 10.08
CA LEU B 403 -22.83 35.21 9.94
C LEU B 403 -21.66 35.10 10.93
N ASN B 404 -21.02 36.22 11.28
CA ASN B 404 -19.74 36.18 12.03
C ASN B 404 -19.84 35.29 13.28
N GLY B 405 -20.88 35.48 14.06
CA GLY B 405 -21.05 34.80 15.33
C GLY B 405 -21.17 33.30 15.16
N TRP B 406 -21.91 32.88 14.13
CA TRP B 406 -22.06 31.44 13.88
C TRP B 406 -20.70 30.82 13.53
N PHE B 407 -19.99 31.52 12.65
CA PHE B 407 -18.70 31.08 12.16
C PHE B 407 -17.66 31.02 13.29
N GLU B 408 -17.66 31.98 14.20
CA GLU B 408 -16.76 31.95 15.34
C GLU B 408 -17.01 30.67 16.13
N ARG B 409 -18.28 30.36 16.41
CA ARG B 409 -18.61 29.24 17.34
C ARG B 409 -18.37 27.87 16.65
N MET B 410 -18.59 27.76 15.35
CA MET B 410 -18.32 26.50 14.63
C MET B 410 -16.81 26.28 14.45
N ASN B 411 -15.96 27.31 14.57
CA ASN B 411 -14.51 27.14 14.39
C ASN B 411 -13.77 27.33 15.72
N ASN B 412 -14.46 27.35 16.85
CA ASN B 412 -13.77 27.43 18.12
C ASN B 412 -13.18 26.06 18.45
N GLY B 413 -11.89 26.01 18.71
CA GLY B 413 -11.27 24.86 19.37
C GLY B 413 -10.38 25.35 20.50
N PRO B 414 -9.54 24.48 21.04
CA PRO B 414 -8.65 24.85 22.14
C PRO B 414 -7.64 25.94 21.78
N VAL B 415 -6.88 25.75 20.70
CA VAL B 415 -5.64 26.54 20.42
C VAL B 415 -5.92 27.69 19.43
N GLY B 416 -6.19 28.89 19.98
CA GLY B 416 -6.11 30.13 19.21
C GLY B 416 -7.46 30.58 18.67
N ARG B 417 -7.39 31.57 17.80
CA ARG B 417 -8.58 32.22 17.29
C ARG B 417 -9.29 31.28 16.30
N PRO B 418 -10.63 31.31 16.28
CA PRO B 418 -11.38 30.55 15.28
C PRO B 418 -10.97 30.80 13.83
N HIS B 419 -10.60 32.02 13.45
CA HIS B 419 -10.22 32.35 12.04
C HIS B 419 -8.94 31.63 11.59
N ASP B 420 -8.08 31.24 12.52
CA ASP B 420 -6.89 30.45 12.19
C ASP B 420 -7.26 29.12 11.48
N ARG B 421 -8.44 28.54 11.76
CA ARG B 421 -8.93 27.38 11.03
C ARG B 421 -9.13 27.73 9.55
N VAL B 422 -9.70 28.88 9.28
CA VAL B 422 -9.82 29.32 7.90
C VAL B 422 -8.42 29.51 7.29
N LYS B 423 -7.49 30.07 8.07
CA LYS B 423 -6.15 30.37 7.55
C LYS B 423 -5.45 29.08 7.14
N ILE B 424 -5.67 28.03 7.93
CA ILE B 424 -5.07 26.75 7.65
C ILE B 424 -5.71 26.12 6.42
N GLY B 425 -7.02 26.16 6.34
CA GLY B 425 -7.69 25.49 5.29
C GLY B 425 -7.44 26.13 3.93
N ARG B 426 -7.11 27.42 3.91
CA ARG B 426 -6.86 28.13 2.70
C ARG B 426 -5.57 27.62 2.05
N VAL B 427 -4.61 27.30 2.90
CA VAL B 427 -3.34 26.74 2.48
C VAL B 427 -3.54 25.28 2.03
N ILE B 428 -4.11 24.44 2.86
CA ILE B 428 -4.40 23.04 2.48
C ILE B 428 -5.14 23.06 1.12
N ARG B 429 -6.16 23.91 0.97
CA ARG B 429 -6.92 24.02 -0.25
C ARG B 429 -6.06 24.45 -1.43
N ASP B 430 -5.30 25.52 -1.26
CA ASP B 430 -4.50 26.03 -2.36
C ASP B 430 -3.49 24.98 -2.86
N LEU B 431 -2.75 24.34 -1.94
CA LEU B 431 -1.71 23.39 -2.28
C LEU B 431 -2.29 22.12 -2.90
N PHE B 432 -3.39 21.62 -2.31
CA PHE B 432 -3.78 20.27 -2.64
C PHE B 432 -5.14 20.20 -3.33
N LEU B 433 -5.93 21.27 -3.40
CA LEU B 433 -7.25 21.11 -3.95
C LEU B 433 -7.55 22.20 -4.98
N THR B 434 -6.55 22.86 -5.55
CA THR B 434 -6.76 23.76 -6.66
C THR B 434 -5.97 23.27 -7.86
N ASP B 435 -6.37 23.72 -9.04
CA ASP B 435 -5.63 23.46 -10.29
C ASP B 435 -4.15 23.78 -10.08
N TRP B 436 -3.88 24.98 -9.58
CA TRP B 436 -2.56 25.46 -9.27
C TRP B 436 -1.82 24.41 -8.43
N GLY B 437 -2.39 23.99 -7.31
CA GLY B 437 -1.71 23.01 -6.46
C GLY B 437 -1.55 21.65 -7.15
N SER B 438 -2.59 21.23 -7.85
CA SER B 438 -2.57 19.98 -8.58
C SER B 438 -1.46 19.96 -9.62
N ARG B 439 -1.12 21.14 -10.17
CA ARG B 439 -0.05 21.18 -11.13
C ARG B 439 1.24 20.72 -10.44
N LEU B 440 1.42 21.14 -9.21
CA LEU B 440 2.65 20.81 -8.48
C LEU B 440 2.68 19.30 -8.26
N PHE B 441 1.60 18.77 -7.74
CA PHE B 441 1.44 17.34 -7.58
C PHE B 441 2.01 16.65 -8.83
N VAL B 442 1.52 17.02 -10.00
CA VAL B 442 1.81 16.32 -11.29
C VAL B 442 3.24 16.60 -11.76
N PHE B 443 3.68 17.85 -11.60
CA PHE B 443 5.01 18.23 -12.05
C PHE B 443 6.08 17.33 -11.41
N GLU B 444 5.84 16.89 -10.17
CA GLU B 444 6.82 16.14 -9.36
C GLU B 444 7.32 14.88 -10.07
N ASN B 445 6.46 14.33 -10.92
CA ASN B 445 6.76 13.17 -11.72
C ASN B 445 7.54 13.57 -12.97
N PHE B 446 7.80 14.87 -13.12
CA PHE B 446 8.56 15.43 -14.28
C PHE B 446 9.73 16.31 -13.83
N ASN B 447 9.94 16.45 -12.52
CA ASN B 447 11.06 17.19 -11.98
C ASN B 447 12.30 16.29 -11.96
N GLY B 448 13.00 16.24 -13.09
CA GLY B 448 13.97 15.18 -13.36
C GLY B 448 13.27 13.87 -13.72
N THR B 449 14.02 12.79 -13.79
CA THR B 449 13.51 11.51 -14.34
C THR B 449 12.49 10.91 -13.37
N PRO B 450 11.37 10.33 -13.89
CA PRO B 450 10.31 9.73 -13.05
C PRO B 450 10.78 8.54 -12.19
N LEU B 451 9.85 8.00 -11.39
CA LEU B 451 10.14 6.88 -10.48
C LEU B 451 10.65 5.67 -11.28
N GLN B 452 9.83 5.25 -12.23
CA GLN B 452 10.11 4.13 -13.13
C GLN B 452 11.48 4.33 -13.79
N GLY B 453 11.81 5.58 -14.16
CA GLY B 453 13.14 5.94 -14.72
C GLY B 453 14.31 5.66 -13.78
N ILE B 454 14.23 6.15 -12.53
CA ILE B 454 15.27 5.94 -11.49
C ILE B 454 15.61 4.45 -11.41
N ARG B 455 14.57 3.64 -11.24
CA ARG B 455 14.67 2.19 -11.06
C ARG B 455 15.17 1.50 -12.34
N MET B 456 14.71 1.90 -13.52
CA MET B 456 15.12 1.22 -14.76
C MET B 456 16.64 1.40 -14.99
N LEU B 457 17.12 2.64 -14.95
CA LEU B 457 18.51 2.95 -15.42
C LEU B 457 19.54 2.53 -14.36
N THR B 458 19.10 2.42 -13.11
CA THR B 458 19.94 1.89 -12.04
C THR B 458 20.12 0.37 -12.25
N MET B 459 19.00 -0.31 -12.54
CA MET B 459 18.94 -1.77 -12.57
C MET B 459 19.60 -2.34 -13.83
N GLN B 460 19.84 -1.50 -14.85
CA GLN B 460 20.48 -1.95 -16.09
C GLN B 460 22.00 -2.03 -15.86
N ARG B 461 22.50 -1.53 -14.73
CA ARG B 461 23.94 -1.41 -14.47
C ARG B 461 24.47 -2.70 -13.82
N ALA B 462 25.71 -3.05 -14.19
CA ALA B 462 26.39 -4.31 -13.79
C ALA B 462 26.73 -4.35 -12.28
N GLU B 463 26.66 -3.22 -11.59
CA GLU B 463 27.01 -3.18 -10.16
C GLU B 463 25.77 -3.47 -9.30
N PHE B 464 24.60 -3.63 -9.92
CA PHE B 464 23.39 -4.04 -9.20
C PHE B 464 23.02 -5.49 -9.59
N SER B 465 24.00 -6.24 -10.04
CA SER B 465 23.79 -7.58 -10.50
C SER B 465 24.34 -8.51 -9.42
N GLY B 466 24.11 -9.80 -9.59
CA GLY B 466 24.66 -10.80 -8.70
C GLY B 466 26.16 -10.68 -8.53
N SER B 467 26.87 -10.19 -9.56
CA SER B 467 28.33 -9.90 -9.53
C SER B 467 28.67 -8.74 -8.60
N GLY B 468 27.71 -7.84 -8.44
CA GLY B 468 27.93 -6.60 -7.68
C GLY B 468 27.85 -6.82 -6.17
N PRO B 469 27.94 -5.71 -5.43
CA PRO B 469 27.88 -5.75 -3.95
C PRO B 469 26.60 -6.38 -3.38
N TYR B 470 25.45 -6.23 -4.04
CA TYR B 470 24.20 -6.82 -3.52
C TYR B 470 24.22 -8.34 -3.63
N GLY B 471 25.09 -8.91 -4.42
CA GLY B 471 25.15 -10.35 -4.50
C GLY B 471 26.01 -10.99 -3.44
N LYS B 472 26.86 -10.21 -2.78
CA LYS B 472 27.95 -10.76 -1.99
C LYS B 472 27.42 -11.52 -0.76
N LEU B 473 26.55 -10.90 0.02
CA LEU B 473 26.08 -11.50 1.28
C LEU B 473 25.19 -12.70 0.97
N ALA B 474 24.31 -12.53 0.00
CA ALA B 474 23.38 -13.58 -0.39
C ALA B 474 24.16 -14.81 -0.87
N ARG B 475 25.23 -14.57 -1.65
CA ARG B 475 26.19 -15.62 -2.14
C ARG B 475 26.80 -16.40 -0.95
N GLN B 476 27.34 -15.74 0.08
CA GLN B 476 27.97 -16.51 1.15
C GLN B 476 26.90 -17.25 1.95
N VAL B 477 25.73 -16.64 2.17
CA VAL B 477 24.71 -17.29 2.94
C VAL B 477 24.21 -18.55 2.19
N CYS B 478 24.22 -18.53 0.87
CA CYS B 478 23.74 -19.66 0.03
C CYS B 478 24.81 -20.72 -0.25
N GLY B 479 26.06 -20.45 0.10
CA GLY B 479 27.17 -21.34 -0.22
C GLY B 479 27.53 -21.34 -1.71
N ILE B 480 27.36 -20.23 -2.39
CA ILE B 480 27.66 -20.09 -3.81
C ILE B 480 29.01 -19.39 -4.00
N ASP B 481 29.86 -19.92 -4.87
CA ASP B 481 31.16 -19.31 -5.31
C ASP B 481 32.20 -19.62 -4.23
N ASP B 495 39.57 7.76 -8.99
CA ASP B 495 40.68 8.06 -9.90
C ASP B 495 40.16 8.09 -11.34
N TYR B 496 40.12 9.29 -11.93
CA TYR B 496 39.64 9.50 -13.29
C TYR B 496 40.79 9.34 -14.29
N ALA B 497 42.02 9.28 -13.78
CA ALA B 497 43.21 9.01 -14.60
C ALA B 497 43.11 7.59 -15.19
N LYS B 498 42.72 6.62 -14.38
CA LYS B 498 42.61 5.22 -14.82
C LYS B 498 41.31 5.00 -15.61
N ALA B 499 40.19 5.51 -15.08
CA ALA B 499 38.85 5.26 -15.64
C ALA B 499 38.72 5.87 -17.05
N LEU B 500 38.23 5.06 -18.00
CA LEU B 500 38.15 5.45 -19.41
C LEU B 500 36.84 6.20 -19.70
N ASP B 501 35.89 6.12 -18.78
CA ASP B 501 34.64 6.86 -18.94
C ASP B 501 34.34 7.61 -17.63
N ALA B 502 34.59 8.92 -17.65
CA ALA B 502 34.66 9.72 -16.43
C ALA B 502 33.27 9.83 -15.77
N ALA B 503 32.20 9.88 -16.58
CA ALA B 503 30.83 10.07 -16.09
C ALA B 503 30.18 8.73 -15.71
N ARG B 504 30.62 7.62 -16.35
CA ARG B 504 30.34 6.23 -15.89
C ARG B 504 31.01 6.01 -14.53
N HIS B 505 32.24 6.47 -14.38
CA HIS B 505 32.98 6.31 -13.11
C HIS B 505 32.23 6.99 -11.94
N GLN B 506 31.55 8.12 -12.19
CA GLN B 506 30.78 8.83 -11.15
C GLN B 506 29.71 7.90 -10.55
N GLU B 507 29.10 7.06 -11.38
CA GLU B 507 28.02 6.13 -10.98
C GLU B 507 28.56 4.98 -10.13
N GLU B 508 29.75 4.50 -10.48
CA GLU B 508 30.38 3.33 -9.85
C GLU B 508 30.98 3.73 -8.50
N VAL B 509 31.58 4.92 -8.46
CA VAL B 509 32.20 5.51 -7.26
C VAL B 509 31.11 5.84 -6.22
N ALA B 510 29.89 6.13 -6.68
CA ALA B 510 28.78 6.45 -5.76
C ALA B 510 28.30 5.15 -5.08
N LEU B 511 28.29 4.04 -5.78
CA LEU B 511 27.90 2.75 -5.14
C LEU B 511 29.04 2.28 -4.23
N ALA B 512 30.28 2.56 -4.61
CA ALA B 512 31.43 2.23 -3.78
C ALA B 512 31.20 2.80 -2.38
N GLY B 513 30.97 4.10 -2.35
CA GLY B 513 30.74 4.87 -1.13
C GLY B 513 29.52 4.41 -0.35
N ALA B 514 28.44 4.04 -1.03
CA ALA B 514 27.18 3.64 -0.36
C ALA B 514 27.38 2.31 0.36
N MET B 515 27.97 1.33 -0.34
CA MET B 515 28.17 -0.05 0.17
C MET B 515 29.53 -0.19 0.87
N ALA B 516 30.04 0.90 1.50
CA ALA B 516 31.28 0.85 2.34
C ALA B 516 31.29 2.04 3.32
N MET C 1 -22.89 -48.00 -4.79
CA MET C 1 -22.56 -47.11 -3.63
C MET C 1 -21.48 -46.11 -4.03
N ILE C 2 -21.45 -44.99 -3.33
CA ILE C 2 -20.37 -44.05 -3.35
C ILE C 2 -19.12 -44.67 -2.66
N ARG C 3 -17.93 -44.40 -3.21
CA ARG C 3 -16.66 -44.91 -2.65
C ARG C 3 -16.54 -44.55 -1.16
N THR C 4 -15.95 -45.46 -0.40
CA THR C 4 -15.66 -45.28 1.02
C THR C 4 -14.17 -44.92 1.22
N GLY C 5 -13.84 -44.28 2.33
CA GLY C 5 -12.43 -44.02 2.68
C GLY C 5 -11.61 -45.30 2.75
N THR C 6 -12.19 -46.35 3.34
CA THR C 6 -11.54 -47.66 3.41
C THR C 6 -11.13 -48.16 2.02
N GLN C 7 -12.04 -48.13 1.06
CA GLN C 7 -11.73 -48.69 -0.26
C GLN C 7 -10.68 -47.83 -0.96
N TYR C 8 -10.75 -46.53 -0.70
CA TYR C 8 -9.80 -45.59 -1.24
C TYR C 8 -8.41 -45.92 -0.71
N LEU C 9 -8.26 -46.10 0.60
CA LEU C 9 -6.89 -46.34 1.21
C LEU C 9 -6.28 -47.64 0.65
N GLU C 10 -7.09 -48.70 0.62
CA GLU C 10 -6.74 -49.99 -0.02
C GLU C 10 -6.26 -49.75 -1.44
N SER C 11 -6.92 -48.87 -2.21
CA SER C 11 -6.52 -48.62 -3.61
C SER C 11 -5.14 -47.94 -3.73
N LEU C 12 -4.60 -47.34 -2.67
CA LEU C 12 -3.38 -46.55 -2.81
C LEU C 12 -2.16 -47.45 -3.03
N ASN C 13 -2.31 -48.69 -2.58
CA ASN C 13 -1.23 -49.66 -2.55
C ASN C 13 -1.14 -50.43 -3.88
N ASP C 14 -0.82 -49.72 -4.96
CA ASP C 14 -0.86 -50.29 -6.31
C ASP C 14 0.52 -50.25 -6.95
N GLY C 15 1.58 -50.03 -6.19
CA GLY C 15 2.92 -50.07 -6.73
C GLY C 15 3.34 -48.78 -7.41
N ARG C 16 2.62 -47.70 -7.15
CA ARG C 16 3.01 -46.39 -7.71
C ARG C 16 4.40 -46.04 -7.20
N ASN C 17 5.17 -45.37 -8.02
CA ASN C 17 6.52 -44.98 -7.71
C ASN C 17 6.52 -43.53 -7.23
N VAL C 18 6.72 -43.30 -5.92
CA VAL C 18 6.64 -41.96 -5.27
C VAL C 18 7.91 -41.69 -4.44
N TRP C 19 8.61 -40.61 -4.74
CA TRP C 19 9.50 -39.97 -3.80
C TRP C 19 8.71 -38.95 -2.96
N VAL C 20 8.98 -38.96 -1.65
CA VAL C 20 8.68 -37.83 -0.76
C VAL C 20 10.01 -37.42 -0.12
N GLY C 21 10.54 -36.26 -0.52
CA GLY C 21 11.88 -35.89 -0.14
C GLY C 21 12.88 -36.97 -0.56
N ASN C 22 13.66 -37.48 0.41
CA ASN C 22 14.70 -38.44 0.11
C ASN C 22 14.14 -39.87 0.15
N GLU C 23 12.94 -40.07 0.63
CA GLU C 23 12.44 -41.45 0.84
C GLU C 23 11.61 -41.92 -0.36
N LYS C 24 11.65 -43.21 -0.68
CA LYS C 24 10.62 -43.84 -1.55
C LYS C 24 9.49 -44.30 -0.64
N ILE C 25 8.27 -44.40 -1.20
CA ILE C 25 7.10 -44.75 -0.41
C ILE C 25 6.59 -46.13 -0.84
N ASP C 26 6.51 -47.06 0.11
CA ASP C 26 6.02 -48.40 -0.14
C ASP C 26 4.52 -48.33 -0.42
N ASN C 27 3.82 -47.53 0.39
CA ASN C 27 2.38 -47.45 0.43
C ASN C 27 1.95 -46.07 0.97
N VAL C 28 1.54 -45.17 0.07
CA VAL C 28 1.09 -43.82 0.44
C VAL C 28 0.12 -43.90 1.61
N ALA C 29 -0.68 -44.94 1.64
CA ALA C 29 -1.74 -45.06 2.64
C ALA C 29 -1.20 -45.26 4.07
N THR C 30 0.00 -45.79 4.24
CA THR C 30 0.47 -46.21 5.60
C THR C 30 1.80 -45.54 6.02
N HIS C 31 2.55 -45.03 5.07
CA HIS C 31 3.85 -44.43 5.38
C HIS C 31 3.65 -43.22 6.29
N PRO C 32 4.49 -43.06 7.33
CA PRO C 32 4.37 -41.92 8.23
C PRO C 32 4.38 -40.57 7.51
N LYS C 33 5.05 -40.44 6.39
CA LYS C 33 5.17 -39.12 5.83
C LYS C 33 3.89 -38.76 5.04
N THR C 34 3.05 -39.72 4.65
CA THR C 34 1.91 -39.41 3.78
C THR C 34 0.55 -39.89 4.31
N ARG C 35 0.48 -40.62 5.41
CA ARG C 35 -0.70 -41.37 5.76
C ARG C 35 -1.77 -40.44 6.34
N ASP C 36 -1.34 -39.32 6.91
CA ASP C 36 -2.31 -38.43 7.50
C ASP C 36 -3.06 -37.74 6.36
N TYR C 37 -2.37 -37.21 5.36
CA TYR C 37 -3.08 -36.58 4.26
C TYR C 37 -3.94 -37.61 3.51
N ALA C 38 -3.43 -38.86 3.40
CA ALA C 38 -4.19 -39.93 2.77
C ALA C 38 -5.49 -40.15 3.55
N GLN C 39 -5.42 -40.08 4.86
CA GLN C 39 -6.62 -40.28 5.68
C GLN C 39 -7.57 -39.09 5.49
N ARG C 40 -7.06 -37.92 5.14
CA ARG C 40 -7.95 -36.78 4.89
C ARG C 40 -8.67 -36.98 3.56
N HIS C 41 -8.03 -37.62 2.59
CA HIS C 41 -8.73 -38.07 1.40
C HIS C 41 -9.78 -39.13 1.76
N ALA C 42 -9.43 -40.10 2.60
CA ALA C 42 -10.39 -41.09 3.03
C ALA C 42 -11.56 -40.37 3.72
N ASP C 43 -11.27 -39.31 4.46
CA ASP C 43 -12.35 -38.62 5.17
C ASP C 43 -13.28 -37.94 4.16
N PHE C 44 -12.72 -37.37 3.11
CA PHE C 44 -13.53 -36.78 2.06
C PHE C 44 -14.60 -37.78 1.64
N TYR C 45 -14.20 -39.01 1.33
CA TYR C 45 -15.16 -39.99 0.81
C TYR C 45 -16.18 -40.31 1.91
N ASP C 46 -15.72 -40.55 3.13
CA ASP C 46 -16.62 -40.87 4.27
C ASP C 46 -17.62 -39.75 4.56
N LEU C 47 -17.28 -38.48 4.33
CA LEU C 47 -18.29 -37.37 4.49
C LEU C 47 -19.58 -37.69 3.73
N HIS C 48 -19.45 -38.30 2.55
CA HIS C 48 -20.57 -38.57 1.62
C HIS C 48 -21.50 -39.65 2.20
N HIS C 49 -21.00 -40.46 3.12
CA HIS C 49 -21.81 -41.50 3.78
C HIS C 49 -22.46 -41.00 5.09
N ARG C 50 -22.13 -39.81 5.59
CA ARG C 50 -22.63 -39.34 6.90
C ARG C 50 -24.11 -38.93 6.77
N PRO C 51 -25.02 -39.53 7.58
CA PRO C 51 -26.41 -39.27 7.29
C PRO C 51 -26.85 -37.81 7.54
N ASP C 52 -26.21 -37.14 8.48
CA ASP C 52 -26.52 -35.72 8.73
C ASP C 52 -25.99 -34.83 7.59
N LEU C 53 -25.23 -35.35 6.64
CA LEU C 53 -24.69 -34.50 5.59
C LEU C 53 -25.12 -35.00 4.21
N GLN C 54 -25.85 -36.09 4.05
CA GLN C 54 -25.98 -36.62 2.68
C GLN C 54 -26.94 -35.77 1.82
N ASP C 55 -27.76 -34.92 2.40
CA ASP C 55 -28.59 -34.03 1.60
C ASP C 55 -27.71 -32.94 0.95
N VAL C 56 -26.58 -32.62 1.57
CA VAL C 56 -25.63 -31.64 1.05
C VAL C 56 -24.62 -32.32 0.15
N MET C 57 -24.22 -33.53 0.52
CA MET C 57 -23.01 -34.11 0.04
C MET C 57 -23.31 -34.98 -1.19
N THR C 58 -24.57 -35.42 -1.33
CA THR C 58 -24.97 -36.34 -2.41
C THR C 58 -26.26 -35.87 -3.08
N TYR C 59 -26.51 -36.40 -4.29
CA TYR C 59 -27.80 -36.26 -4.97
C TYR C 59 -28.26 -37.58 -5.59
N ILE C 60 -29.58 -37.66 -5.84
CA ILE C 60 -30.19 -38.84 -6.53
C ILE C 60 -30.37 -38.46 -8.00
N ASP C 61 -29.81 -39.27 -8.91
CA ASP C 61 -30.02 -39.10 -10.34
C ASP C 61 -31.34 -39.77 -10.76
N GLU C 62 -31.70 -39.63 -12.03
CA GLU C 62 -33.06 -39.95 -12.50
C GLU C 62 -33.14 -41.47 -12.68
N GLY C 63 -32.02 -42.15 -12.42
CA GLY C 63 -31.96 -43.58 -12.29
C GLY C 63 -32.03 -44.03 -10.84
N GLY C 64 -32.29 -43.11 -9.91
CA GLY C 64 -32.36 -43.47 -8.48
C GLY C 64 -30.98 -43.73 -7.84
N GLN C 65 -29.88 -43.53 -8.52
CA GLN C 65 -28.57 -43.85 -7.94
C GLN C 65 -28.06 -42.62 -7.15
N ARG C 66 -27.69 -42.82 -5.89
CA ARG C 66 -27.09 -41.78 -5.07
C ARG C 66 -25.62 -41.59 -5.50
N ARG C 67 -25.28 -40.36 -5.88
CA ARG C 67 -23.94 -40.04 -6.38
C ARG C 67 -23.36 -38.90 -5.52
N ALA C 68 -22.03 -38.88 -5.39
CA ALA C 68 -21.35 -37.79 -4.70
C ALA C 68 -21.62 -36.49 -5.48
N MET C 69 -21.90 -35.42 -4.75
CA MET C 69 -22.17 -34.13 -5.39
C MET C 69 -20.96 -33.63 -6.20
N GLN C 70 -19.77 -34.25 -6.07
CA GLN C 70 -18.61 -33.75 -6.85
C GLN C 70 -18.85 -33.96 -8.35
N TRP C 71 -19.85 -34.78 -8.67
CA TRP C 71 -20.14 -35.20 -10.06
C TRP C 71 -21.38 -34.48 -10.61
N PHE C 72 -22.01 -33.67 -9.79
CA PHE C 72 -23.29 -32.99 -10.08
C PHE C 72 -23.15 -31.91 -11.15
N GLY C 73 -23.79 -32.08 -12.31
CA GLY C 73 -23.89 -31.05 -13.35
C GLY C 73 -24.93 -29.99 -13.00
N HIS C 74 -24.51 -28.73 -12.86
CA HIS C 74 -25.43 -27.62 -12.58
C HIS C 74 -25.84 -26.97 -13.91
N ARG C 75 -27.15 -26.74 -14.08
CA ARG C 75 -27.76 -26.30 -15.38
C ARG C 75 -28.36 -24.88 -15.27
N ASP C 76 -28.47 -24.39 -14.05
CA ASP C 76 -28.97 -23.05 -13.77
C ASP C 76 -28.31 -22.53 -12.48
N LYS C 77 -28.77 -21.37 -12.02
CA LYS C 77 -28.13 -20.62 -10.94
C LYS C 77 -28.30 -21.35 -9.59
N GLU C 78 -29.50 -21.84 -9.29
CA GLU C 78 -29.80 -22.52 -8.04
C GLU C 78 -29.00 -23.83 -7.95
N GLN C 79 -28.81 -24.49 -9.08
CA GLN C 79 -28.04 -25.72 -9.12
C GLN C 79 -26.54 -25.43 -8.86
N LEU C 80 -25.98 -24.41 -9.54
CA LEU C 80 -24.63 -23.89 -9.25
C LEU C 80 -24.48 -23.57 -7.77
N ARG C 81 -25.48 -22.94 -7.14
CA ARG C 81 -25.43 -22.62 -5.68
C ARG C 81 -25.39 -23.89 -4.83
N ARG C 82 -26.06 -24.96 -5.25
CA ARG C 82 -26.03 -26.21 -4.50
C ARG C 82 -24.62 -26.81 -4.60
N LYS C 83 -24.00 -26.70 -5.78
CA LYS C 83 -22.67 -27.24 -5.94
C LYS C 83 -21.71 -26.46 -5.01
N ARG C 84 -21.85 -25.15 -5.03
CA ARG C 84 -21.00 -24.31 -4.24
C ARG C 84 -21.20 -24.62 -2.75
N LYS C 85 -22.44 -24.81 -2.32
CA LYS C 85 -22.70 -25.14 -0.89
C LYS C 85 -21.97 -26.44 -0.53
N TYR C 86 -21.91 -27.36 -1.50
CA TYR C 86 -21.24 -28.63 -1.29
C TYR C 86 -19.74 -28.41 -1.14
N HIS C 87 -19.12 -27.64 -2.05
CA HIS C 87 -17.68 -27.44 -1.94
C HIS C 87 -17.38 -26.73 -0.63
N GLU C 88 -18.28 -25.83 -0.24
CA GLU C 88 -18.11 -25.04 0.98
C GLU C 88 -18.14 -25.96 2.19
N THR C 89 -19.12 -26.84 2.24
CA THR C 89 -19.28 -27.75 3.36
C THR C 89 -18.04 -28.63 3.48
N VAL C 90 -17.58 -29.14 2.35
CA VAL C 90 -16.41 -29.96 2.37
C VAL C 90 -15.25 -29.17 3.02
N MET C 91 -14.98 -27.92 2.61
CA MET C 91 -13.77 -27.32 3.11
C MET C 91 -13.96 -26.83 4.55
N ARG C 92 -15.17 -26.45 5.00
CA ARG C 92 -15.39 -26.17 6.43
C ARG C 92 -15.17 -27.43 7.28
N GLU C 93 -15.44 -28.60 6.72
CA GLU C 93 -15.34 -29.85 7.48
C GLU C 93 -13.89 -30.34 7.51
N MET C 94 -13.06 -29.87 6.58
CA MET C 94 -11.70 -30.32 6.52
C MET C 94 -10.74 -29.15 6.82
N ALA C 95 -10.64 -28.85 8.10
CA ALA C 95 -9.55 -28.05 8.69
C ALA C 95 -9.54 -26.63 8.10
N GLY C 96 -10.73 -26.09 7.81
CA GLY C 96 -10.95 -24.72 7.34
C GLY C 96 -10.26 -24.36 6.03
N ALA C 97 -10.46 -25.15 4.96
CA ALA C 97 -9.85 -24.92 3.62
C ALA C 97 -8.33 -25.14 3.61
N SER C 98 -7.80 -25.95 4.52
CA SER C 98 -6.35 -26.19 4.51
C SER C 98 -5.97 -27.27 3.49
N PHE C 99 -6.95 -27.82 2.77
CA PHE C 99 -6.64 -28.85 1.79
C PHE C 99 -7.24 -28.47 0.43
N PRO C 100 -6.48 -27.69 -0.35
CA PRO C 100 -7.07 -27.05 -1.49
C PRO C 100 -7.35 -27.97 -2.67
N ARG C 101 -6.75 -29.15 -2.72
CA ARG C 101 -6.93 -30.01 -3.85
C ARG C 101 -7.54 -31.34 -3.41
N THR C 102 -8.68 -31.24 -2.73
CA THR C 102 -9.49 -32.42 -2.50
C THR C 102 -10.11 -32.90 -3.83
N PRO C 103 -10.59 -34.15 -3.87
CA PRO C 103 -10.98 -34.71 -5.18
C PRO C 103 -12.08 -33.94 -5.91
N ASP C 104 -12.93 -33.27 -5.16
CA ASP C 104 -14.01 -32.48 -5.72
C ASP C 104 -13.45 -31.35 -6.62
N VAL C 105 -12.28 -30.83 -6.28
CA VAL C 105 -11.67 -29.71 -6.99
C VAL C 105 -11.02 -30.26 -8.27
N ASN C 106 -10.18 -31.26 -8.07
CA ASN C 106 -9.47 -31.94 -9.13
C ASN C 106 -10.45 -32.33 -10.25
N ASN C 107 -11.55 -32.97 -9.86
CA ASN C 107 -12.45 -33.58 -10.83
C ASN C 107 -13.42 -32.53 -11.45
N TYR C 108 -13.66 -31.40 -10.80
CA TYR C 108 -14.62 -30.37 -11.26
C TYR C 108 -14.36 -30.03 -12.73
N VAL C 109 -13.09 -29.92 -13.03
CA VAL C 109 -12.51 -29.46 -14.26
C VAL C 109 -12.91 -30.38 -15.43
N LEU C 110 -13.29 -31.63 -15.16
CA LEU C 110 -13.66 -32.59 -16.23
C LEU C 110 -14.99 -32.20 -16.88
N THR C 111 -15.71 -31.29 -16.23
CA THR C 111 -16.99 -30.80 -16.66
C THR C 111 -16.88 -30.28 -18.10
N THR C 112 -15.78 -29.64 -18.40
CA THR C 112 -15.64 -29.00 -19.71
C THR C 112 -15.64 -30.03 -20.85
N TYR C 113 -14.92 -31.15 -20.69
CA TYR C 113 -14.88 -32.18 -21.73
C TYR C 113 -16.32 -32.67 -21.98
N ILE C 114 -16.98 -33.08 -20.92
CA ILE C 114 -18.32 -33.61 -20.93
C ILE C 114 -19.29 -32.61 -21.60
N ASP C 115 -19.13 -31.33 -21.33
CA ASP C 115 -20.01 -30.28 -21.85
C ASP C 115 -19.93 -30.21 -23.38
N ASP C 116 -18.71 -30.33 -23.93
CA ASP C 116 -18.44 -30.13 -25.36
C ASP C 116 -17.25 -30.97 -25.83
N PRO C 117 -17.45 -32.30 -25.92
CA PRO C 117 -16.36 -33.20 -26.24
C PRO C 117 -15.74 -32.98 -27.62
N ALA C 118 -16.53 -32.58 -28.62
CA ALA C 118 -16.20 -32.85 -30.02
C ALA C 118 -15.01 -31.99 -30.51
N PRO C 119 -14.86 -30.75 -30.03
CA PRO C 119 -13.66 -30.03 -30.52
C PRO C 119 -12.31 -30.66 -30.11
N TRP C 120 -12.29 -31.34 -28.98
CA TRP C 120 -11.06 -32.01 -28.56
C TRP C 120 -10.63 -32.99 -29.65
N GLU C 121 -11.63 -33.69 -30.20
CA GLU C 121 -11.38 -34.64 -31.27
C GLU C 121 -11.06 -33.91 -32.59
N THR C 122 -11.94 -32.99 -32.98
CA THR C 122 -11.97 -32.52 -34.35
C THR C 122 -10.74 -31.66 -34.58
N GLN C 123 -10.28 -30.94 -33.54
CA GLN C 123 -9.17 -29.99 -33.71
C GLN C 123 -7.82 -30.66 -33.50
N SER C 124 -7.80 -31.91 -33.07
CA SER C 124 -6.57 -32.72 -33.02
C SER C 124 -5.84 -32.73 -34.37
N ILE C 125 -4.51 -32.75 -34.31
CA ILE C 125 -3.64 -32.92 -35.46
C ILE C 125 -2.66 -34.07 -35.16
N GLY C 126 -2.46 -34.96 -36.14
CA GLY C 126 -1.35 -35.90 -36.12
C GLY C 126 -1.72 -37.21 -35.46
N ASP C 127 -3.02 -37.48 -35.30
CA ASP C 127 -3.49 -38.68 -34.60
C ASP C 127 -4.09 -39.69 -35.59
N ASP C 128 -4.06 -39.36 -36.89
CA ASP C 128 -4.66 -40.20 -37.93
C ASP C 128 -6.10 -40.60 -37.55
N GLY C 129 -6.88 -39.66 -37.00
CA GLY C 129 -8.30 -39.88 -36.62
C GLY C 129 -8.50 -40.88 -35.48
N HIS C 130 -7.45 -41.23 -34.73
CA HIS C 130 -7.63 -42.23 -33.66
C HIS C 130 -8.37 -41.67 -32.43
N ILE C 131 -8.24 -40.38 -32.18
CA ILE C 131 -8.95 -39.78 -31.03
C ILE C 131 -10.45 -39.75 -31.34
N LYS C 132 -11.29 -40.19 -30.41
CA LYS C 132 -12.74 -40.17 -30.58
C LYS C 132 -13.41 -39.52 -29.36
N ALA C 133 -14.22 -38.51 -29.61
CA ALA C 133 -14.94 -37.76 -28.58
C ALA C 133 -15.73 -38.71 -27.70
N GLY C 134 -16.33 -39.71 -28.28
CA GLY C 134 -17.12 -40.66 -27.45
C GLY C 134 -16.28 -41.32 -26.36
N LYS C 135 -14.99 -41.54 -26.61
CA LYS C 135 -14.10 -42.20 -25.63
C LYS C 135 -13.68 -41.21 -24.52
N ILE C 136 -13.54 -39.92 -24.85
CA ILE C 136 -13.31 -38.90 -23.85
C ILE C 136 -14.42 -38.99 -22.78
N VAL C 137 -15.66 -39.11 -23.26
CA VAL C 137 -16.86 -39.01 -22.39
C VAL C 137 -16.97 -40.27 -21.56
N ASP C 138 -16.71 -41.42 -22.21
CA ASP C 138 -16.68 -42.71 -21.54
C ASP C 138 -15.63 -42.66 -20.41
N PHE C 139 -14.46 -42.03 -20.63
CA PHE C 139 -13.50 -41.98 -19.54
C PHE C 139 -14.09 -41.21 -18.35
N ILE C 140 -14.75 -40.09 -18.60
CA ILE C 140 -15.27 -39.27 -17.51
C ILE C 140 -16.44 -39.98 -16.84
N ARG C 141 -17.23 -40.72 -17.61
CA ARG C 141 -18.31 -41.52 -17.04
C ARG C 141 -17.72 -42.58 -16.11
N TYR C 142 -16.58 -43.18 -16.48
CA TYR C 142 -15.89 -44.20 -15.67
C TYR C 142 -15.42 -43.57 -14.36
N ALA C 143 -14.77 -42.41 -14.48
CA ALA C 143 -14.20 -41.72 -13.34
C ALA C 143 -15.32 -41.46 -12.32
N ARG C 144 -16.46 -41.08 -12.86
CA ARG C 144 -17.59 -40.73 -12.06
C ARG C 144 -18.17 -41.98 -11.38
N GLU C 145 -18.31 -43.05 -12.15
CA GLU C 145 -18.97 -44.25 -11.62
C GLU C 145 -18.15 -44.82 -10.46
N HIS C 146 -16.82 -44.75 -10.54
CA HIS C 146 -15.93 -45.27 -9.45
C HIS C 146 -15.40 -44.13 -8.56
N ASP C 147 -15.88 -42.90 -8.70
CA ASP C 147 -15.49 -41.82 -7.79
C ASP C 147 -13.96 -41.70 -7.76
N LEU C 148 -13.33 -41.73 -8.92
CA LEU C 148 -11.92 -41.68 -9.05
C LEU C 148 -11.46 -40.21 -9.09
N ASN C 149 -10.31 -40.00 -8.47
CA ASN C 149 -9.67 -38.67 -8.30
C ASN C 149 -8.65 -38.53 -9.44
N CYS C 150 -8.99 -37.67 -10.40
CA CYS C 150 -8.09 -37.33 -11.50
C CYS C 150 -7.39 -36.01 -11.21
N ALA C 151 -6.13 -36.11 -10.77
CA ALA C 151 -5.34 -34.90 -10.45
C ALA C 151 -4.84 -34.26 -11.74
N PRO C 152 -5.09 -32.97 -11.89
CA PRO C 152 -4.64 -32.27 -13.07
C PRO C 152 -3.16 -31.85 -13.00
N GLN C 153 -2.44 -32.13 -14.09
CA GLN C 153 -1.10 -31.58 -14.30
C GLN C 153 -1.05 -30.93 -15.68
N PHE C 154 -1.03 -29.60 -15.70
CA PHE C 154 -1.07 -28.83 -16.93
C PHE C 154 0.10 -27.86 -17.03
N VAL C 155 0.37 -27.09 -15.96
CA VAL C 155 1.25 -25.93 -16.07
C VAL C 155 2.68 -26.41 -16.30
N ASP C 156 3.38 -25.77 -17.25
CA ASP C 156 4.82 -25.98 -17.45
C ASP C 156 5.55 -24.74 -16.92
N PRO C 171 12.28 -30.03 -21.99
CA PRO C 171 12.05 -30.92 -20.82
C PRO C 171 10.56 -31.17 -20.59
N GLY C 172 9.71 -30.33 -21.16
CA GLY C 172 8.26 -30.56 -21.16
C GLY C 172 7.91 -31.93 -21.71
N LEU C 173 6.75 -32.44 -21.31
CA LEU C 173 6.20 -33.67 -21.88
C LEU C 173 6.02 -33.53 -23.40
N ARG C 174 6.65 -34.42 -24.15
CA ARG C 174 6.43 -34.46 -25.57
C ARG C 174 6.10 -35.90 -26.00
N VAL C 175 5.30 -36.00 -27.06
CA VAL C 175 4.98 -37.26 -27.67
C VAL C 175 6.20 -37.76 -28.43
N VAL C 176 6.71 -38.93 -28.12
CA VAL C 176 7.90 -39.34 -28.87
C VAL C 176 7.58 -40.50 -29.81
N GLU C 177 6.40 -41.06 -29.73
CA GLU C 177 6.05 -42.17 -30.57
C GLU C 177 4.54 -42.20 -30.77
N LYS C 178 4.14 -42.42 -32.03
CA LYS C 178 2.73 -42.55 -32.38
C LYS C 178 2.57 -43.84 -33.18
N ASN C 179 1.69 -44.73 -32.74
CA ASN C 179 1.43 -45.91 -33.55
C ASN C 179 -0.09 -46.17 -33.55
N GLU C 180 -0.53 -47.38 -33.86
CA GLU C 180 -1.96 -47.63 -34.05
C GLU C 180 -2.67 -47.88 -32.70
N LYS C 181 -1.94 -48.07 -31.61
CA LYS C 181 -2.58 -48.41 -30.30
C LYS C 181 -2.66 -47.18 -29.39
N GLY C 182 -1.82 -46.18 -29.61
CA GLY C 182 -1.67 -45.08 -28.68
C GLY C 182 -0.40 -44.30 -28.91
N ILE C 183 -0.03 -43.49 -27.91
CA ILE C 183 1.09 -42.55 -28.00
C ILE C 183 2.11 -42.90 -26.93
N VAL C 184 3.33 -42.47 -27.10
CA VAL C 184 4.32 -42.58 -26.05
C VAL C 184 4.82 -41.18 -25.71
N VAL C 185 4.82 -40.86 -24.41
CA VAL C 185 5.22 -39.54 -23.93
C VAL C 185 6.43 -39.68 -23.01
N ASN C 186 7.23 -38.63 -23.03
CA ASN C 186 8.51 -38.59 -22.42
C ASN C 186 8.76 -37.14 -22.01
N GLY C 187 9.16 -36.96 -20.77
CA GLY C 187 9.41 -35.65 -20.25
C GLY C 187 8.77 -35.48 -18.90
N VAL C 188 8.64 -34.20 -18.52
CA VAL C 188 8.25 -33.82 -17.15
C VAL C 188 7.00 -32.93 -17.15
N LYS C 189 6.07 -33.24 -16.26
CA LYS C 189 5.06 -32.29 -15.84
C LYS C 189 5.49 -31.72 -14.50
N ALA C 190 5.87 -30.45 -14.55
CA ALA C 190 6.63 -29.81 -13.48
C ALA C 190 5.77 -29.55 -12.24
N ILE C 191 4.47 -29.45 -12.40
CA ILE C 191 3.72 -29.05 -11.25
C ILE C 191 2.50 -29.96 -11.12
N GLY C 192 2.33 -30.36 -9.88
CA GLY C 192 1.38 -31.36 -9.47
C GLY C 192 1.13 -31.26 -7.98
N THR C 193 -0.12 -31.29 -7.61
CA THR C 193 -0.48 -31.17 -6.25
C THR C 193 -1.32 -32.39 -5.89
N GLY C 194 -0.88 -33.19 -4.91
CA GLY C 194 -1.66 -34.34 -4.45
C GLY C 194 -1.62 -35.54 -5.40
N VAL C 195 -0.73 -35.56 -6.39
CA VAL C 195 -0.84 -36.61 -7.44
C VAL C 195 -0.60 -37.99 -6.83
N ALA C 196 0.22 -38.03 -5.81
CA ALA C 196 0.57 -39.26 -5.19
C ALA C 196 -0.60 -39.86 -4.43
N PHE C 197 -1.68 -39.08 -4.19
CA PHE C 197 -2.86 -39.50 -3.45
C PHE C 197 -4.05 -39.73 -4.41
N ALA C 198 -3.83 -39.59 -5.70
CA ALA C 198 -4.90 -39.65 -6.69
C ALA C 198 -4.99 -41.08 -7.31
N ASP C 199 -5.94 -41.27 -8.21
CA ASP C 199 -6.12 -42.50 -8.97
C ASP C 199 -5.55 -42.31 -10.38
N TRP C 200 -5.91 -41.22 -11.04
CA TRP C 200 -5.45 -40.94 -12.39
C TRP C 200 -4.73 -39.58 -12.42
N ILE C 201 -3.89 -39.38 -13.41
CA ILE C 201 -3.31 -38.12 -13.73
C ILE C 201 -3.99 -37.61 -14.98
N HIS C 202 -4.53 -36.39 -14.89
CA HIS C 202 -5.11 -35.68 -16.01
C HIS C 202 -4.03 -34.75 -16.61
N ILE C 203 -3.43 -35.16 -17.72
CA ILE C 203 -2.38 -34.46 -18.44
C ILE C 203 -2.99 -33.29 -19.26
N GLY C 204 -2.39 -32.12 -19.20
CA GLY C 204 -2.83 -30.98 -20.00
C GLY C 204 -1.67 -30.07 -20.32
N VAL C 205 -1.93 -29.03 -21.10
CA VAL C 205 -0.95 -28.02 -21.37
C VAL C 205 -1.69 -26.71 -21.66
N PHE C 206 -1.02 -25.59 -21.40
CA PHE C 206 -1.47 -24.27 -21.79
C PHE C 206 -0.60 -23.83 -22.96
N PHE C 207 -1.22 -23.05 -23.83
CA PHE C 207 -0.50 -22.47 -24.94
C PHE C 207 0.57 -21.52 -24.39
N ARG C 208 1.71 -21.50 -25.08
CA ARG C 208 2.79 -20.50 -24.97
C ARG C 208 3.35 -20.30 -26.39
N PRO C 209 3.85 -19.09 -26.75
CA PRO C 209 4.31 -18.84 -28.12
C PRO C 209 5.29 -19.92 -28.62
N GLY C 210 5.08 -20.36 -29.84
CA GLY C 210 5.99 -21.32 -30.42
C GLY C 210 5.86 -22.72 -29.83
N ILE C 211 4.72 -23.09 -29.26
CA ILE C 211 4.62 -24.44 -28.67
C ILE C 211 4.46 -25.46 -29.80
N PRO C 212 5.32 -26.47 -29.81
CA PRO C 212 5.27 -27.45 -30.90
C PRO C 212 4.14 -28.45 -30.67
N GLY C 213 3.61 -29.00 -31.76
CA GLY C 213 2.49 -29.95 -31.72
C GLY C 213 2.78 -31.15 -30.85
N ASP C 214 4.05 -31.53 -30.81
CA ASP C 214 4.45 -32.73 -30.07
C ASP C 214 4.36 -32.47 -28.56
N GLN C 215 4.12 -31.22 -28.13
CA GLN C 215 3.94 -30.92 -26.73
C GLN C 215 2.47 -30.56 -26.45
N VAL C 216 1.60 -30.57 -27.44
CA VAL C 216 0.19 -30.37 -27.14
C VAL C 216 -0.43 -31.71 -26.80
N ILE C 217 -0.70 -31.97 -25.54
CA ILE C 217 -1.18 -33.27 -25.11
C ILE C 217 -2.24 -33.07 -24.03
N PHE C 218 -3.42 -33.65 -24.25
CA PHE C 218 -4.43 -33.80 -23.21
C PHE C 218 -4.75 -35.29 -23.09
N ALA C 219 -4.62 -35.84 -21.90
CA ALA C 219 -4.76 -37.28 -21.74
C ALA C 219 -4.96 -37.63 -20.27
N ALA C 220 -5.33 -38.89 -20.02
CA ALA C 220 -5.43 -39.43 -18.70
C ALA C 220 -4.52 -40.66 -18.61
N THR C 221 -3.78 -40.84 -17.50
CA THR C 221 -3.05 -42.12 -17.28
C THR C 221 -3.09 -42.47 -15.78
N PRO C 222 -3.20 -43.76 -15.42
CA PRO C 222 -3.18 -44.13 -14.02
C PRO C 222 -1.91 -43.60 -13.35
N VAL C 223 -2.05 -43.29 -12.08
CA VAL C 223 -0.96 -42.83 -11.25
C VAL C 223 0.16 -43.89 -11.18
N ASN C 224 -0.19 -45.20 -11.21
CA ASN C 224 0.80 -46.29 -11.20
C ASN C 224 1.23 -46.71 -12.61
N THR C 225 1.02 -45.90 -13.63
CA THR C 225 1.43 -46.33 -14.98
C THR C 225 2.95 -46.57 -15.03
N PRO C 226 3.39 -47.62 -15.78
CA PRO C 226 4.82 -47.88 -15.94
C PRO C 226 5.58 -46.73 -16.61
N GLY C 227 6.64 -46.26 -15.98
CA GLY C 227 7.43 -45.12 -16.46
C GLY C 227 7.01 -43.76 -15.87
N VAL C 228 6.05 -43.79 -14.94
CA VAL C 228 5.64 -42.59 -14.15
C VAL C 228 6.33 -42.63 -12.78
N THR C 229 7.05 -41.57 -12.42
CA THR C 229 7.57 -41.36 -11.08
C THR C 229 7.06 -40.03 -10.54
N ILE C 230 6.46 -40.06 -9.36
CA ILE C 230 6.01 -38.87 -8.67
C ILE C 230 7.12 -38.40 -7.71
N VAL C 231 7.73 -37.23 -7.98
CA VAL C 231 8.84 -36.75 -7.16
C VAL C 231 8.31 -35.56 -6.34
N CYS C 232 8.03 -35.77 -5.05
CA CYS C 232 7.42 -34.73 -4.22
C CYS C 232 8.42 -34.12 -3.22
N ARG C 233 8.16 -32.88 -2.88
CA ARG C 233 8.85 -32.19 -1.78
C ARG C 233 8.65 -32.98 -0.48
N GLU C 234 9.48 -32.66 0.50
CA GLU C 234 9.49 -33.34 1.78
C GLU C 234 8.15 -33.03 2.47
N SER C 235 7.70 -33.96 3.28
CA SER C 235 6.41 -33.84 3.95
C SER C 235 6.54 -32.92 5.17
N LEU C 236 5.55 -32.08 5.37
CA LEU C 236 5.56 -30.96 6.33
C LEU C 236 4.66 -31.33 7.53
N VAL C 237 4.24 -32.59 7.58
CA VAL C 237 3.32 -33.02 8.62
C VAL C 237 4.01 -32.97 10.00
N LYS C 238 3.26 -32.59 11.02
CA LYS C 238 3.81 -32.50 12.39
C LYS C 238 3.36 -33.72 13.19
N ASP C 239 4.11 -34.09 14.24
CA ASP C 239 3.86 -35.33 15.01
C ASP C 239 2.81 -35.14 16.11
N ASP C 240 2.91 -34.05 16.84
CA ASP C 240 2.08 -33.83 18.01
C ASP C 240 0.81 -33.07 17.64
N LYS C 241 -0.36 -33.71 17.65
CA LYS C 241 -1.61 -33.10 17.19
C LYS C 241 -2.24 -32.23 18.28
N VAL C 242 -1.73 -32.31 19.49
CA VAL C 242 -2.12 -31.39 20.54
C VAL C 242 -1.47 -30.02 20.23
N GLU C 243 -0.15 -30.01 20.00
CA GLU C 243 0.57 -28.73 19.76
C GLU C 243 0.23 -28.18 18.37
N HIS C 244 -0.01 -29.11 17.43
CA HIS C 244 -0.27 -28.80 16.00
C HIS C 244 -1.58 -29.44 15.51
N PRO C 245 -2.72 -28.85 15.88
CA PRO C 245 -4.03 -29.47 15.58
C PRO C 245 -4.39 -29.47 14.09
N LEU C 246 -3.80 -28.55 13.31
CA LEU C 246 -4.01 -28.56 11.87
C LEU C 246 -2.89 -29.30 11.14
N ALA C 247 -1.65 -28.96 11.45
CA ALA C 247 -0.53 -29.47 10.68
C ALA C 247 -0.30 -30.95 10.99
N ALA C 248 -0.85 -31.45 12.09
CA ALA C 248 -0.80 -32.87 12.38
C ALA C 248 -1.73 -33.66 11.44
N GLN C 249 -2.59 -32.98 10.73
CA GLN C 249 -3.60 -33.64 9.98
C GLN C 249 -3.13 -34.08 8.59
N GLY C 250 -1.88 -33.79 8.26
CA GLY C 250 -1.31 -34.23 7.00
C GLY C 250 -0.94 -33.06 6.11
N ASP C 251 -0.02 -33.34 5.19
CA ASP C 251 0.53 -32.38 4.24
C ASP C 251 0.19 -32.79 2.82
N GLU C 252 -0.47 -31.84 2.13
CA GLU C 252 -0.85 -31.95 0.72
C GLU C 252 0.37 -31.70 -0.16
N LEU C 253 1.05 -32.79 -0.52
CA LEU C 253 2.33 -32.70 -1.19
C LEU C 253 2.20 -32.07 -2.58
N ASP C 254 3.24 -31.30 -2.94
CA ASP C 254 3.48 -30.78 -4.27
C ASP C 254 4.70 -31.47 -4.90
N GLY C 255 4.73 -31.56 -6.20
CA GLY C 255 5.87 -32.19 -6.84
C GLY C 255 5.79 -32.13 -8.34
N MET C 256 6.74 -32.77 -8.96
CA MET C 256 6.75 -32.94 -10.39
C MET C 256 6.50 -34.43 -10.71
N THR C 257 6.04 -34.71 -11.91
CA THR C 257 5.81 -36.06 -12.34
C THR C 257 6.68 -36.34 -13.55
N VAL C 258 7.55 -37.34 -13.46
CA VAL C 258 8.44 -37.72 -14.57
C VAL C 258 7.75 -38.80 -15.40
N PHE C 259 7.75 -38.61 -16.70
CA PHE C 259 7.17 -39.57 -17.62
C PHE C 259 8.28 -40.21 -18.46
N GLU C 260 8.54 -41.48 -18.19
CA GLU C 260 9.64 -42.13 -18.92
C GLU C 260 9.03 -43.14 -19.91
N ASN C 261 9.07 -42.73 -21.18
CA ASN C 261 8.49 -43.44 -22.33
C ASN C 261 7.18 -44.10 -21.91
N VAL C 262 6.23 -43.28 -21.50
CA VAL C 262 4.99 -43.75 -21.02
C VAL C 262 4.00 -43.85 -22.19
N PHE C 263 3.36 -45.01 -22.27
CA PHE C 263 2.41 -45.37 -23.28
C PHE C 263 0.99 -45.05 -22.81
N ILE C 264 0.23 -44.38 -23.66
CA ILE C 264 -1.15 -44.10 -23.37
C ILE C 264 -2.00 -44.56 -24.56
N PRO C 265 -2.97 -45.45 -24.31
CA PRO C 265 -3.92 -45.87 -25.36
C PRO C 265 -4.77 -44.71 -25.94
N TRP C 266 -5.05 -44.78 -27.23
CA TRP C 266 -5.79 -43.71 -27.89
C TRP C 266 -7.11 -43.45 -27.16
N SER C 267 -7.63 -44.47 -26.52
CA SER C 267 -8.90 -44.36 -25.82
C SER C 267 -8.84 -43.33 -24.68
N HIS C 268 -7.63 -43.04 -24.17
CA HIS C 268 -7.39 -42.17 -23.02
C HIS C 268 -6.57 -40.94 -23.44
N VAL C 269 -6.45 -40.72 -24.74
CA VAL C 269 -5.95 -39.46 -25.29
C VAL C 269 -7.19 -38.59 -25.63
N PHE C 270 -7.23 -37.33 -25.22
CA PHE C 270 -8.37 -36.41 -25.47
C PHE C 270 -8.09 -35.45 -26.63
N HIS C 271 -6.82 -35.09 -26.79
CA HIS C 271 -6.40 -34.25 -27.89
C HIS C 271 -4.88 -34.25 -28.00
N ILE C 272 -4.36 -34.26 -29.22
CA ILE C 272 -2.95 -33.88 -29.46
C ILE C 272 -2.85 -32.95 -30.68
N GLY C 273 -1.74 -32.19 -30.71
CA GLY C 273 -1.13 -31.71 -31.97
C GLY C 273 -1.38 -30.24 -32.29
N ASN C 274 -2.39 -29.59 -31.72
CA ASN C 274 -2.82 -28.33 -32.32
C ASN C 274 -2.55 -27.16 -31.38
N PRO C 275 -1.56 -26.34 -31.65
CA PRO C 275 -1.29 -25.23 -30.75
C PRO C 275 -2.45 -24.23 -30.65
N ASN C 276 -3.29 -24.18 -31.66
CA ASN C 276 -4.39 -23.30 -31.64
C ASN C 276 -5.45 -23.74 -30.63
N HIS C 277 -5.72 -25.04 -30.59
CA HIS C 277 -6.64 -25.57 -29.61
C HIS C 277 -6.14 -25.31 -28.18
N ALA C 278 -4.82 -25.31 -27.96
CA ALA C 278 -4.26 -25.09 -26.62
C ALA C 278 -4.47 -23.64 -26.12
N LYS C 279 -5.05 -22.75 -26.92
CA LYS C 279 -5.06 -21.33 -26.53
C LYS C 279 -6.15 -21.10 -25.48
N LEU C 280 -7.39 -21.51 -25.79
CA LEU C 280 -8.51 -21.20 -24.93
C LEU C 280 -9.13 -22.46 -24.30
N TYR C 281 -9.07 -23.60 -24.94
CA TYR C 281 -9.75 -24.76 -24.39
C TYR C 281 -9.19 -25.10 -22.99
N PRO C 282 -7.86 -25.04 -22.79
CA PRO C 282 -7.30 -25.27 -21.45
C PRO C 282 -7.81 -24.23 -20.44
N GLN C 283 -8.08 -23.03 -20.89
CA GLN C 283 -8.61 -22.01 -19.97
C GLN C 283 -10.00 -22.45 -19.50
N ARG C 284 -10.72 -23.10 -20.40
CA ARG C 284 -12.10 -23.50 -20.22
C ARG C 284 -12.22 -24.72 -19.29
N VAL C 285 -11.21 -25.56 -19.33
CA VAL C 285 -11.07 -26.66 -18.40
C VAL C 285 -10.87 -26.07 -16.99
N PHE C 286 -9.99 -25.07 -16.88
CA PHE C 286 -9.48 -24.58 -15.55
C PHE C 286 -10.44 -23.57 -14.94
N ASP C 287 -11.31 -22.98 -15.78
CA ASP C 287 -12.42 -22.13 -15.29
C ASP C 287 -13.00 -22.67 -13.97
N TRP C 288 -13.29 -23.95 -13.95
CA TRP C 288 -14.07 -24.53 -12.86
C TRP C 288 -13.23 -24.54 -11.57
N LEU C 289 -11.96 -24.87 -11.71
CA LEU C 289 -11.01 -24.83 -10.59
C LEU C 289 -10.81 -23.39 -10.07
N HIS C 290 -10.79 -22.45 -10.98
CA HIS C 290 -10.69 -21.04 -10.65
C HIS C 290 -11.92 -20.55 -9.88
N TYR C 291 -13.11 -20.95 -10.30
CA TYR C 291 -14.32 -20.68 -9.51
C TYR C 291 -14.18 -21.25 -8.09
N HIS C 292 -13.73 -22.48 -8.02
CA HIS C 292 -13.53 -23.17 -6.73
C HIS C 292 -12.48 -22.41 -5.91
N ALA C 293 -11.46 -21.86 -6.55
CA ALA C 293 -10.41 -21.16 -5.81
C ALA C 293 -11.00 -19.98 -5.06
N LEU C 294 -11.98 -19.30 -5.69
CA LEU C 294 -12.59 -18.13 -5.10
C LEU C 294 -13.51 -18.62 -3.98
N ILE C 295 -14.17 -19.79 -4.15
CA ILE C 295 -14.97 -20.29 -3.03
C ILE C 295 -14.06 -20.50 -1.80
N ARG C 296 -12.90 -21.09 -2.06
CA ARG C 296 -11.90 -21.33 -1.02
C ARG C 296 -11.34 -20.01 -0.45
N GLN C 297 -11.10 -19.03 -1.32
CA GLN C 297 -10.58 -17.76 -0.86
C GLN C 297 -11.59 -17.05 0.07
N MET C 298 -12.89 -17.12 -0.22
CA MET C 298 -13.89 -16.63 0.70
C MET C 298 -13.81 -17.35 2.06
N VAL C 299 -13.65 -18.66 2.06
CA VAL C 299 -13.65 -19.40 3.34
C VAL C 299 -12.36 -19.12 4.12
N ARG C 300 -11.25 -18.99 3.44
CA ARG C 300 -9.98 -18.66 4.10
C ARG C 300 -10.08 -17.24 4.71
N ALA C 301 -10.65 -16.31 3.94
CA ALA C 301 -10.95 -14.92 4.42
C ALA C 301 -11.81 -14.98 5.67
N GLU C 302 -12.81 -15.86 5.64
CA GLU C 302 -13.76 -16.02 6.77
C GLU C 302 -13.01 -16.52 8.00
N LEU C 303 -12.17 -17.54 7.80
CA LEU C 303 -11.39 -18.11 8.91
C LEU C 303 -10.38 -17.07 9.44
N VAL C 304 -9.75 -16.31 8.55
CA VAL C 304 -8.79 -15.30 8.97
C VAL C 304 -9.52 -14.21 9.78
N ALA C 305 -10.64 -13.72 9.27
CA ALA C 305 -11.41 -12.68 9.98
C ALA C 305 -11.88 -13.16 11.35
N GLY C 306 -12.33 -14.38 11.47
CA GLY C 306 -12.88 -14.83 12.73
C GLY C 306 -11.78 -15.10 13.74
N LEU C 307 -10.63 -15.51 13.23
CA LEU C 307 -9.52 -15.69 14.12
C LEU C 307 -9.15 -14.30 14.67
N ALA C 308 -9.28 -13.26 13.85
CA ALA C 308 -8.97 -11.92 14.31
C ALA C 308 -9.96 -11.56 15.41
N VAL C 309 -11.24 -11.85 15.19
CA VAL C 309 -12.28 -11.51 16.17
C VAL C 309 -12.01 -12.28 17.47
N LEU C 310 -11.65 -13.56 17.36
CA LEU C 310 -11.43 -14.40 18.54
C LEU C 310 -10.22 -13.89 19.35
N ILE C 311 -9.07 -13.59 18.71
CA ILE C 311 -7.85 -13.30 19.48
C ILE C 311 -8.00 -11.90 20.08
N THR C 312 -8.40 -10.88 19.31
CA THR C 312 -8.55 -9.54 19.91
C THR C 312 -9.55 -9.59 21.06
N GLU C 313 -10.63 -10.38 20.92
CA GLU C 313 -11.67 -10.50 21.95
C GLU C 313 -11.11 -11.16 23.21
N HIS C 314 -10.43 -12.27 23.03
CA HIS C 314 -9.92 -13.01 24.19
C HIS C 314 -8.84 -12.21 24.96
N ILE C 315 -7.99 -11.46 24.27
CA ILE C 315 -7.03 -10.60 24.93
C ILE C 315 -7.76 -9.42 25.55
N GLY C 316 -8.68 -8.80 24.80
CA GLY C 316 -9.37 -7.59 25.24
C GLY C 316 -9.09 -6.37 24.38
N THR C 317 -8.31 -6.49 23.30
CA THR C 317 -7.97 -5.32 22.48
C THR C 317 -9.11 -4.92 21.54
N ASN C 318 -10.21 -5.68 21.55
CA ASN C 318 -11.25 -5.55 20.55
C ASN C 318 -12.04 -4.26 20.72
N LYS C 319 -11.97 -3.53 21.83
CA LYS C 319 -12.72 -2.27 21.89
C LYS C 319 -11.79 -1.08 21.63
N ILE C 320 -10.48 -1.31 21.54
CA ILE C 320 -9.57 -0.24 21.12
C ILE C 320 -9.92 0.14 19.68
N PRO C 321 -10.35 1.40 19.46
CA PRO C 321 -10.90 1.73 18.14
C PRO C 321 -9.92 1.45 16.99
N ALA C 322 -8.64 1.66 17.21
CA ALA C 322 -7.62 1.37 16.17
C ALA C 322 -7.60 -0.13 15.84
N VAL C 323 -7.74 -0.99 16.84
CA VAL C 323 -7.84 -2.44 16.63
C VAL C 323 -9.12 -2.75 15.84
N GLN C 324 -10.26 -2.23 16.31
CA GLN C 324 -11.57 -2.41 15.66
C GLN C 324 -11.53 -2.14 14.15
N THR C 325 -10.87 -1.06 13.72
CA THR C 325 -10.86 -0.73 12.29
C THR C 325 -10.04 -1.78 11.51
N ARG C 326 -8.99 -2.33 12.13
CA ARG C 326 -8.16 -3.32 11.45
C ARG C 326 -8.96 -4.64 11.33
N VAL C 327 -9.65 -5.04 12.37
CA VAL C 327 -10.50 -6.23 12.29
C VAL C 327 -11.61 -6.02 11.26
N ALA C 328 -12.18 -4.80 11.21
CA ALA C 328 -13.23 -4.48 10.23
C ALA C 328 -12.71 -4.67 8.79
N LYS C 329 -11.43 -4.40 8.58
CA LYS C 329 -10.79 -4.57 7.28
C LYS C 329 -10.69 -6.07 6.91
N LEU C 330 -10.34 -6.92 7.85
CA LEU C 330 -10.32 -8.36 7.57
C LEU C 330 -11.73 -8.82 7.22
N ILE C 331 -12.72 -8.36 7.98
CA ILE C 331 -14.15 -8.70 7.75
C ILE C 331 -14.58 -8.20 6.37
N GLY C 332 -14.14 -7.00 6.00
CA GLY C 332 -14.42 -6.44 4.68
C GLY C 332 -13.86 -7.29 3.55
N PHE C 333 -12.69 -7.84 3.77
CA PHE C 333 -12.02 -8.62 2.76
C PHE C 333 -12.81 -9.90 2.50
N HIS C 334 -13.31 -10.52 3.56
CA HIS C 334 -14.17 -11.65 3.44
C HIS C 334 -15.44 -11.32 2.63
N GLN C 335 -16.05 -10.19 2.95
CA GLN C 335 -17.29 -9.77 2.29
C GLN C 335 -17.02 -9.42 0.84
N ALA C 336 -15.86 -8.87 0.55
CA ALA C 336 -15.45 -8.66 -0.85
C ALA C 336 -15.36 -9.99 -1.62
N MET C 337 -14.82 -11.05 -1.03
CA MET C 337 -14.74 -12.32 -1.74
C MET C 337 -16.17 -12.84 -1.96
N LEU C 338 -17.00 -12.67 -0.93
CA LEU C 338 -18.41 -13.14 -0.99
C LEU C 338 -19.17 -12.31 -2.06
N ALA C 339 -18.92 -11.01 -2.20
CA ALA C 339 -19.61 -10.21 -3.20
C ALA C 339 -19.24 -10.70 -4.61
N HIS C 340 -17.95 -10.90 -4.87
CA HIS C 340 -17.57 -11.41 -6.18
C HIS C 340 -18.15 -12.80 -6.42
N LEU C 341 -18.27 -13.62 -5.39
CA LEU C 341 -18.73 -14.98 -5.57
C LEU C 341 -20.18 -14.95 -6.01
N ILE C 342 -20.99 -14.27 -5.20
CA ILE C 342 -22.43 -14.09 -5.44
C ILE C 342 -22.67 -13.43 -6.79
N ALA C 343 -21.89 -12.40 -7.09
CA ALA C 343 -22.14 -11.67 -8.36
C ALA C 343 -21.75 -12.56 -9.54
N SER C 344 -20.69 -13.35 -9.40
CA SER C 344 -20.34 -14.26 -10.48
C SER C 344 -21.50 -15.21 -10.74
N GLU C 345 -22.17 -15.65 -9.69
CA GLU C 345 -23.20 -16.67 -9.81
C GLU C 345 -24.44 -16.08 -10.46
N GLU C 346 -24.70 -14.84 -10.05
CA GLU C 346 -25.82 -14.05 -10.55
C GLU C 346 -25.67 -13.82 -12.06
N LEU C 347 -24.47 -13.50 -12.51
CA LEU C 347 -24.28 -13.08 -13.88
C LEU C 347 -23.61 -14.19 -14.70
N GLY C 348 -24.02 -15.43 -14.47
CA GLY C 348 -23.48 -16.55 -15.16
C GLY C 348 -24.10 -16.72 -16.52
N PHE C 349 -23.68 -17.77 -17.22
CA PHE C 349 -24.15 -18.03 -18.58
C PHE C 349 -24.09 -19.54 -18.85
N HIS C 350 -24.82 -19.95 -19.88
CA HIS C 350 -24.78 -21.34 -20.32
C HIS C 350 -23.61 -21.55 -21.28
N THR C 351 -22.99 -22.71 -21.13
CA THR C 351 -21.97 -23.21 -22.06
C THR C 351 -22.65 -23.98 -23.19
N PRO C 352 -21.91 -24.29 -24.29
CA PRO C 352 -22.44 -25.04 -25.45
C PRO C 352 -23.23 -26.29 -25.04
N GLY C 353 -22.80 -27.03 -24.01
CA GLY C 353 -23.53 -28.24 -23.54
C GLY C 353 -24.70 -27.97 -22.59
N GLY C 354 -25.05 -26.71 -22.29
CA GLY C 354 -26.16 -26.44 -21.37
C GLY C 354 -25.75 -26.42 -19.91
N HIS C 355 -24.46 -26.31 -19.58
CA HIS C 355 -24.07 -26.15 -18.17
C HIS C 355 -24.14 -24.65 -17.82
N TYR C 356 -24.49 -24.34 -16.57
CA TYR C 356 -24.46 -22.96 -16.16
C TYR C 356 -23.13 -22.65 -15.48
N LYS C 357 -22.40 -21.66 -15.99
CA LYS C 357 -21.09 -21.34 -15.48
C LYS C 357 -21.11 -19.92 -14.90
N PRO C 358 -20.52 -19.73 -13.71
CA PRO C 358 -20.46 -18.42 -13.13
C PRO C 358 -19.68 -17.46 -14.04
N ASN C 359 -19.86 -16.16 -13.84
CA ASN C 359 -19.21 -15.18 -14.70
C ASN C 359 -17.69 -15.27 -14.54
N ILE C 360 -17.02 -15.72 -15.60
CA ILE C 360 -15.55 -15.93 -15.60
C ILE C 360 -14.81 -14.64 -15.20
N LEU C 361 -15.22 -13.50 -15.69
CA LEU C 361 -14.44 -12.28 -15.40
C LEU C 361 -14.58 -11.88 -13.93
N ILE C 362 -15.76 -12.07 -13.38
CA ILE C 362 -16.01 -11.59 -12.03
C ILE C 362 -15.32 -12.52 -11.01
N TYR C 363 -15.39 -13.84 -11.18
CA TYR C 363 -14.71 -14.65 -10.16
C TYR C 363 -13.19 -14.57 -10.40
N ASP C 364 -12.73 -14.32 -11.60
CA ASP C 364 -11.27 -14.23 -11.80
C ASP C 364 -10.75 -12.92 -11.17
N PHE C 365 -11.58 -11.88 -11.21
CA PHE C 365 -11.21 -10.60 -10.56
C PHE C 365 -11.31 -10.73 -9.05
N GLY C 366 -12.24 -11.55 -8.58
CA GLY C 366 -12.30 -11.91 -7.18
C GLY C 366 -10.98 -12.53 -6.72
N ARG C 367 -10.49 -13.49 -7.48
CA ARG C 367 -9.22 -14.15 -7.21
C ARG C 367 -8.08 -13.12 -7.25
N ALA C 368 -8.11 -12.24 -8.24
CA ALA C 368 -7.07 -11.28 -8.38
C ALA C 368 -7.01 -10.51 -7.07
N LEU C 369 -8.20 -10.07 -6.65
CA LEU C 369 -8.30 -9.27 -5.47
C LEU C 369 -7.68 -10.02 -4.28
N TYR C 370 -7.99 -11.32 -4.17
CA TYR C 370 -7.47 -12.11 -3.06
C TYR C 370 -5.95 -12.18 -3.14
N LEU C 371 -5.45 -12.54 -4.33
CA LEU C 371 -4.02 -12.76 -4.57
C LEU C 371 -3.28 -11.46 -4.29
N GLU C 372 -3.90 -10.34 -4.56
CA GLU C 372 -3.20 -9.09 -4.35
C GLU C 372 -3.08 -8.75 -2.85
N ASN C 373 -4.03 -9.15 -2.01
CA ASN C 373 -4.20 -8.58 -0.67
C ASN C 373 -4.06 -9.60 0.47
N PHE C 374 -4.10 -10.93 0.22
CA PHE C 374 -4.13 -11.94 1.28
C PHE C 374 -2.91 -11.81 2.20
N SER C 375 -1.75 -11.50 1.63
CA SER C 375 -0.52 -11.38 2.38
C SER C 375 -0.63 -10.37 3.53
N GLN C 376 -1.07 -9.16 3.19
CA GLN C 376 -1.27 -8.06 4.12
C GLN C 376 -2.35 -8.45 5.14
N MET C 377 -3.43 -9.08 4.68
CA MET C 377 -4.54 -9.46 5.57
C MET C 377 -4.04 -10.50 6.60
N ILE C 378 -3.21 -11.44 6.16
CA ILE C 378 -2.71 -12.44 7.08
C ILE C 378 -1.71 -11.76 8.00
N TYR C 379 -0.96 -10.80 7.48
CA TYR C 379 0.01 -10.12 8.32
C TYR C 379 -0.70 -9.34 9.43
N GLU C 380 -1.82 -8.68 9.09
CA GLU C 380 -2.66 -8.02 10.10
C GLU C 380 -3.07 -9.00 11.22
N LEU C 381 -3.51 -10.20 10.85
CA LEU C 381 -4.02 -11.11 11.90
C LEU C 381 -2.87 -11.48 12.84
N VAL C 382 -1.69 -11.72 12.29
CA VAL C 382 -0.49 -12.16 13.03
C VAL C 382 -0.03 -11.03 13.97
N ASP C 383 -0.02 -9.84 13.44
CA ASP C 383 0.31 -8.66 14.22
C ASP C 383 -0.69 -8.45 15.36
N LEU C 384 -1.99 -8.39 15.04
CA LEU C 384 -3.09 -8.24 16.04
C LEU C 384 -2.96 -9.33 17.12
N SER C 385 -2.43 -10.48 16.76
CA SER C 385 -2.41 -11.60 17.72
C SER C 385 -1.22 -11.47 18.69
N GLY C 386 -0.31 -10.55 18.41
CA GLY C 386 0.68 -10.17 19.39
C GLY C 386 1.69 -11.27 19.65
N ARG C 387 2.02 -11.40 20.91
CA ARG C 387 2.98 -12.43 21.35
C ARG C 387 2.30 -13.80 21.35
N SER C 388 0.96 -13.84 21.30
CA SER C 388 0.17 -15.06 21.44
C SER C 388 0.34 -15.97 20.22
N ALA C 389 1.00 -15.41 19.20
CA ALA C 389 1.33 -16.09 17.95
C ALA C 389 2.44 -17.12 18.16
N LEU C 390 3.58 -16.61 18.62
CA LEU C 390 4.77 -17.40 18.81
C LEU C 390 4.80 -17.99 20.21
N ILE C 391 4.92 -17.13 21.21
CA ILE C 391 5.21 -17.53 22.55
C ILE C 391 3.90 -17.89 23.27
N PHE C 392 3.64 -19.19 23.37
CA PHE C 392 2.55 -19.66 24.22
C PHE C 392 2.92 -21.06 24.72
N ALA C 393 2.16 -21.46 25.72
CA ALA C 393 2.46 -22.63 26.48
C ALA C 393 2.24 -23.84 25.61
N SER C 394 3.11 -24.81 25.78
CA SER C 394 2.87 -26.16 25.38
C SER C 394 1.94 -26.79 26.40
N GLU C 395 1.38 -27.96 26.04
CA GLU C 395 0.32 -28.56 26.85
C GLU C 395 0.91 -29.01 28.19
N ASP C 396 2.07 -29.64 28.18
CA ASP C 396 2.63 -30.10 29.44
C ASP C 396 3.04 -28.89 30.31
N GLN C 397 3.42 -27.77 29.69
CA GLN C 397 3.73 -26.57 30.44
C GLN C 397 2.45 -26.12 31.13
N TRP C 398 1.40 -26.01 30.36
CA TRP C 398 0.16 -25.48 30.86
C TRP C 398 -0.33 -26.28 32.06
N ASN C 399 -0.19 -27.61 32.01
CA ASN C 399 -0.78 -28.47 33.04
C ASN C 399 0.18 -28.64 34.23
N ASP C 400 1.43 -28.22 34.10
CA ASP C 400 2.39 -28.47 35.20
C ASP C 400 1.94 -27.75 36.47
N ASP C 401 2.13 -28.40 37.60
CA ASP C 401 1.59 -27.91 38.89
C ASP C 401 2.15 -26.52 39.22
N LYS C 402 3.40 -26.24 38.84
CA LYS C 402 4.06 -24.94 39.20
C LYS C 402 3.69 -23.83 38.21
N LEU C 403 3.56 -24.17 36.95
CA LEU C 403 3.40 -23.16 35.90
C LEU C 403 1.91 -22.85 35.70
N ASN C 404 1.03 -23.83 35.93
CA ASN C 404 -0.35 -23.69 35.63
C ASN C 404 -0.86 -22.34 36.13
N GLY C 405 -0.65 -22.08 37.42
CA GLY C 405 -1.19 -20.87 38.03
C GLY C 405 -0.74 -19.64 37.28
N TRP C 406 0.49 -19.64 36.82
CA TRP C 406 1.04 -18.46 36.13
C TRP C 406 0.38 -18.29 34.76
N PHE C 407 0.30 -19.41 34.01
CA PHE C 407 -0.30 -19.33 32.69
C PHE C 407 -1.78 -18.93 32.76
N GLU C 408 -2.52 -19.43 33.75
CA GLU C 408 -3.95 -19.08 33.82
C GLU C 408 -4.06 -17.57 33.96
N ARG C 409 -3.27 -16.97 34.86
CA ARG C 409 -3.42 -15.54 35.21
C ARG C 409 -2.94 -14.68 34.03
N MET C 410 -1.82 -15.06 33.44
CA MET C 410 -1.31 -14.37 32.25
C MET C 410 -2.33 -14.39 31.09
N ASN C 411 -3.15 -15.43 31.03
CA ASN C 411 -4.06 -15.63 29.92
C ASN C 411 -5.50 -15.29 30.31
N ASN C 412 -5.73 -14.63 31.43
CA ASN C 412 -7.09 -14.22 31.75
C ASN C 412 -7.47 -13.00 30.90
N GLY C 413 -8.71 -12.98 30.45
CA GLY C 413 -9.36 -11.79 29.93
C GLY C 413 -10.87 -11.90 30.06
N PRO C 414 -11.62 -10.99 29.45
CA PRO C 414 -13.06 -10.95 29.51
C PRO C 414 -13.81 -12.14 28.90
N VAL C 415 -13.29 -12.86 27.90
CA VAL C 415 -14.14 -13.92 27.30
C VAL C 415 -13.50 -15.30 27.51
N GLY C 416 -14.35 -16.25 27.92
CA GLY C 416 -14.02 -17.68 27.99
C GLY C 416 -12.88 -18.02 28.93
N ARG C 417 -12.41 -19.26 28.79
CA ARG C 417 -11.38 -19.82 29.65
C ARG C 417 -10.00 -19.34 29.16
N PRO C 418 -9.02 -19.20 30.05
CA PRO C 418 -7.65 -18.81 29.65
C PRO C 418 -6.96 -19.75 28.64
N HIS C 419 -7.25 -21.03 28.73
CA HIS C 419 -6.66 -21.97 27.83
C HIS C 419 -7.15 -21.70 26.39
N ASP C 420 -8.26 -21.02 26.20
CA ASP C 420 -8.73 -20.75 24.84
C ASP C 420 -7.72 -19.88 24.07
N ARG C 421 -6.92 -19.03 24.74
CA ARG C 421 -5.92 -18.23 24.02
C ARG C 421 -4.87 -19.16 23.42
N VAL C 422 -4.57 -20.28 24.07
CA VAL C 422 -3.63 -21.26 23.54
C VAL C 422 -4.25 -21.97 22.33
N LYS C 423 -5.56 -22.26 22.44
CA LYS C 423 -6.31 -22.89 21.34
C LYS C 423 -6.29 -21.98 20.10
N ILE C 424 -6.56 -20.69 20.27
CA ILE C 424 -6.51 -19.74 19.16
C ILE C 424 -5.08 -19.61 18.65
N GLY C 425 -4.12 -19.55 19.57
CA GLY C 425 -2.72 -19.45 19.19
C GLY C 425 -2.26 -20.60 18.30
N ARG C 426 -2.66 -21.81 18.67
CA ARG C 426 -2.20 -23.04 17.98
C ARG C 426 -2.69 -23.06 16.53
N VAL C 427 -3.84 -22.51 16.27
CA VAL C 427 -4.40 -22.50 14.94
C VAL C 427 -3.74 -21.37 14.13
N ILE C 428 -3.55 -20.23 14.74
CA ILE C 428 -2.86 -19.16 14.05
C ILE C 428 -1.42 -19.62 13.80
N ARG C 429 -0.81 -20.30 14.76
CA ARG C 429 0.57 -20.74 14.54
C ARG C 429 0.63 -21.72 13.36
N ASP C 430 -0.19 -22.77 13.39
CA ASP C 430 -0.16 -23.76 12.33
C ASP C 430 -0.36 -23.12 10.95
N LEU C 431 -1.39 -22.29 10.84
CA LEU C 431 -1.81 -21.69 9.57
C LEU C 431 -0.80 -20.70 8.98
N PHE C 432 -0.15 -19.90 9.81
CA PHE C 432 0.62 -18.85 9.21
C PHE C 432 2.08 -18.83 9.66
N LEU C 433 2.45 -19.64 10.64
CA LEU C 433 3.80 -19.59 11.16
C LEU C 433 4.47 -20.98 11.12
N THR C 434 3.99 -21.96 10.39
CA THR C 434 4.76 -23.17 10.22
C THR C 434 5.06 -23.36 8.73
N ASP C 435 5.89 -24.38 8.44
CA ASP C 435 6.25 -24.80 7.11
C ASP C 435 4.95 -25.19 6.39
N TRP C 436 4.19 -26.03 7.08
CA TRP C 436 2.93 -26.53 6.62
C TRP C 436 2.07 -25.35 6.18
N GLY C 437 1.86 -24.36 7.05
CA GLY C 437 0.94 -23.27 6.73
C GLY C 437 1.51 -22.42 5.62
N SER C 438 2.83 -22.32 5.61
CA SER C 438 3.55 -21.52 4.68
C SER C 438 3.44 -22.08 3.28
N ARG C 439 3.39 -23.41 3.16
CA ARG C 439 3.11 -24.00 1.85
C ARG C 439 1.74 -23.54 1.36
N LEU C 440 0.75 -23.46 2.24
CA LEU C 440 -0.64 -23.06 1.85
C LEU C 440 -0.63 -21.59 1.45
N PHE C 441 0.14 -20.79 2.20
CA PHE C 441 0.45 -19.40 1.83
C PHE C 441 1.04 -19.32 0.42
N VAL C 442 2.08 -20.06 0.11
CA VAL C 442 2.77 -19.94 -1.22
C VAL C 442 1.88 -20.50 -2.31
N PHE C 443 1.20 -21.60 -2.00
CA PHE C 443 0.42 -22.29 -2.99
C PHE C 443 -0.76 -21.43 -3.48
N GLU C 444 -1.35 -20.57 -2.63
CA GLU C 444 -2.42 -19.67 -3.06
C GLU C 444 -2.14 -19.15 -4.46
N ASN C 445 -0.91 -18.70 -4.69
CA ASN C 445 -0.47 -18.12 -5.95
C ASN C 445 -0.31 -19.17 -7.05
N PHE C 446 -0.43 -20.44 -6.71
CA PHE C 446 -0.39 -21.47 -7.76
C PHE C 446 -1.74 -22.17 -7.91
N ASN C 447 -2.76 -21.80 -7.15
CA ASN C 447 -4.07 -22.49 -7.18
C ASN C 447 -4.91 -21.88 -8.29
N GLY C 448 -4.45 -22.09 -9.53
CA GLY C 448 -4.92 -21.35 -10.67
C GLY C 448 -3.90 -20.31 -11.12
N THR C 449 -4.15 -19.72 -12.28
CA THR C 449 -3.28 -18.74 -12.89
C THR C 449 -3.06 -17.57 -11.93
N PRO C 450 -1.83 -17.06 -11.83
CA PRO C 450 -1.53 -16.15 -10.73
C PRO C 450 -1.98 -14.72 -11.06
N LEU C 451 -1.90 -13.84 -10.09
CA LEU C 451 -2.35 -12.46 -10.28
C LEU C 451 -1.89 -11.91 -11.65
N GLN C 452 -0.59 -12.06 -11.96
CA GLN C 452 0.05 -11.55 -13.22
C GLN C 452 -0.67 -12.10 -14.45
N GLY C 453 -0.98 -13.40 -14.43
CA GLY C 453 -1.66 -14.05 -15.53
C GLY C 453 -3.12 -13.61 -15.74
N ILE C 454 -3.88 -13.38 -14.65
CA ILE C 454 -5.24 -12.97 -14.80
C ILE C 454 -5.25 -11.61 -15.51
N ARG C 455 -4.39 -10.71 -15.08
CA ARG C 455 -4.37 -9.36 -15.64
C ARG C 455 -3.89 -9.39 -17.09
N MET C 456 -2.88 -10.20 -17.41
CA MET C 456 -2.26 -10.15 -18.74
C MET C 456 -3.19 -10.79 -19.79
N LEU C 457 -3.77 -11.96 -19.54
CA LEU C 457 -4.60 -12.57 -20.65
C LEU C 457 -5.96 -11.88 -20.78
N THR C 458 -6.41 -11.18 -19.73
CA THR C 458 -7.57 -10.31 -19.86
C THR C 458 -7.28 -9.16 -20.83
N MET C 459 -6.17 -8.45 -20.63
CA MET C 459 -5.91 -7.19 -21.35
C MET C 459 -5.48 -7.42 -22.80
N GLN C 460 -5.06 -8.64 -23.18
CA GLN C 460 -4.72 -8.88 -24.60
C GLN C 460 -6.00 -9.16 -25.42
N ARG C 461 -7.14 -9.31 -24.73
CA ARG C 461 -8.42 -9.54 -25.40
C ARG C 461 -8.97 -8.20 -25.91
N ALA C 462 -9.55 -8.27 -27.12
CA ALA C 462 -9.97 -7.07 -27.88
C ALA C 462 -11.10 -6.32 -27.18
N GLU C 463 -11.90 -7.03 -26.39
CA GLU C 463 -13.08 -6.43 -25.79
C GLU C 463 -12.72 -5.56 -24.57
N PHE C 464 -11.46 -5.52 -24.13
CA PHE C 464 -11.07 -4.59 -23.06
C PHE C 464 -10.38 -3.36 -23.67
N SER C 465 -10.41 -3.26 -25.01
CA SER C 465 -9.85 -2.14 -25.71
C SER C 465 -10.86 -0.97 -25.70
N GLY C 466 -10.53 0.10 -26.41
CA GLY C 466 -11.38 1.29 -26.45
C GLY C 466 -12.62 1.08 -27.31
N SER C 467 -12.61 0.01 -28.10
CA SER C 467 -13.74 -0.36 -28.94
C SER C 467 -14.66 -1.37 -28.22
N GLY C 468 -14.29 -1.81 -27.02
CA GLY C 468 -15.14 -2.64 -26.16
C GLY C 468 -15.89 -1.79 -25.15
N PRO C 469 -16.63 -2.43 -24.24
CA PRO C 469 -17.56 -1.68 -23.36
C PRO C 469 -16.88 -0.76 -22.33
N TYR C 470 -15.59 -0.95 -22.02
CA TYR C 470 -14.89 0.03 -21.21
C TYR C 470 -14.71 1.32 -22.02
N GLY C 471 -14.72 1.24 -23.33
CA GLY C 471 -14.53 2.45 -24.08
C GLY C 471 -15.71 3.41 -24.03
N LYS C 472 -16.90 2.90 -23.71
CA LYS C 472 -18.15 3.56 -24.07
C LYS C 472 -18.35 4.85 -23.25
N LEU C 473 -18.47 4.74 -21.95
CA LEU C 473 -18.66 5.94 -21.14
C LEU C 473 -17.53 6.95 -21.35
N ALA C 474 -16.26 6.51 -21.31
CA ALA C 474 -15.12 7.42 -21.54
C ALA C 474 -15.29 8.23 -22.84
N ARG C 475 -15.49 7.53 -23.94
CA ARG C 475 -15.64 8.14 -25.28
C ARG C 475 -16.78 9.18 -25.29
N GLN C 476 -17.91 8.85 -24.68
CA GLN C 476 -19.07 9.76 -24.66
C GLN C 476 -18.73 11.04 -23.86
N VAL C 477 -18.16 10.88 -22.67
CA VAL C 477 -17.80 12.01 -21.81
C VAL C 477 -16.68 12.83 -22.47
N CYS C 478 -15.83 12.20 -23.28
CA CYS C 478 -14.75 12.93 -23.97
C CYS C 478 -15.21 13.54 -25.31
N GLY C 479 -16.48 13.36 -25.72
CA GLY C 479 -16.97 13.78 -27.04
C GLY C 479 -16.18 13.18 -28.19
N ILE C 480 -15.85 11.90 -28.11
CA ILE C 480 -15.05 11.26 -29.15
C ILE C 480 -16.02 10.39 -29.96
N ASP C 481 -15.89 10.41 -31.31
CA ASP C 481 -16.71 9.58 -32.23
C ASP C 481 -18.20 9.84 -31.94
N ASP C 495 -25.22 -17.83 -28.00
CA ASP C 495 -25.49 -18.39 -29.34
C ASP C 495 -24.21 -19.01 -29.93
N TYR C 496 -23.99 -20.32 -29.69
CA TYR C 496 -22.71 -20.99 -30.01
C TYR C 496 -22.67 -21.50 -31.47
N ALA C 497 -23.81 -21.45 -32.18
CA ALA C 497 -23.89 -21.86 -33.61
C ALA C 497 -23.19 -20.81 -34.49
N LYS C 498 -23.50 -19.53 -34.31
CA LYS C 498 -22.89 -18.43 -35.11
C LYS C 498 -21.36 -18.34 -34.87
N ALA C 499 -20.91 -18.67 -33.67
CA ALA C 499 -19.54 -18.37 -33.22
C ALA C 499 -18.53 -19.36 -33.80
N LEU C 500 -17.42 -18.79 -34.28
CA LEU C 500 -16.38 -19.56 -34.94
C LEU C 500 -15.55 -20.28 -33.87
N ASP C 501 -15.55 -19.72 -32.65
CA ASP C 501 -14.82 -20.28 -31.52
C ASP C 501 -15.74 -20.32 -30.29
N ALA C 502 -16.18 -21.51 -29.93
CA ALA C 502 -17.04 -21.73 -28.76
C ALA C 502 -16.32 -21.31 -27.48
N ALA C 503 -15.04 -21.66 -27.34
CA ALA C 503 -14.30 -21.34 -26.10
C ALA C 503 -13.97 -19.84 -26.01
N ARG C 504 -13.79 -19.18 -27.17
CA ARG C 504 -13.67 -17.69 -27.25
C ARG C 504 -15.04 -17.07 -26.93
N HIS C 505 -16.11 -17.67 -27.43
CA HIS C 505 -17.44 -17.10 -27.23
C HIS C 505 -17.77 -16.98 -25.73
N GLN C 506 -17.38 -17.96 -24.90
CA GLN C 506 -17.75 -17.94 -23.47
C GLN C 506 -17.24 -16.65 -22.82
N GLU C 507 -16.04 -16.21 -23.22
CA GLU C 507 -15.37 -15.03 -22.66
C GLU C 507 -16.18 -13.78 -23.02
N GLU C 508 -16.51 -13.69 -24.30
CA GLU C 508 -17.24 -12.57 -24.82
C GLU C 508 -18.60 -12.48 -24.10
N VAL C 509 -19.31 -13.61 -24.04
CA VAL C 509 -20.60 -13.70 -23.34
C VAL C 509 -20.42 -13.27 -21.88
N ALA C 510 -19.33 -13.73 -21.24
CA ALA C 510 -19.07 -13.41 -19.82
C ALA C 510 -18.97 -11.90 -19.65
N LEU C 511 -18.22 -11.21 -20.52
CA LEU C 511 -18.07 -9.76 -20.38
C LEU C 511 -19.41 -9.06 -20.63
N ALA C 512 -20.11 -9.46 -21.69
CA ALA C 512 -21.41 -8.81 -22.01
C ALA C 512 -22.36 -8.90 -20.79
N GLY C 513 -22.43 -10.08 -20.18
CA GLY C 513 -23.26 -10.28 -18.98
C GLY C 513 -22.80 -9.46 -17.79
N ALA C 514 -21.49 -9.23 -17.65
CA ALA C 514 -20.94 -8.42 -16.55
C ALA C 514 -21.19 -6.93 -16.83
N MET C 515 -21.22 -6.51 -18.09
CA MET C 515 -21.29 -5.08 -18.40
C MET C 515 -22.69 -4.66 -18.88
N ALA C 516 -23.76 -5.41 -18.60
CA ALA C 516 -25.16 -4.94 -18.85
C ALA C 516 -26.14 -5.58 -17.85
N MET D 1 -47.94 16.29 -12.09
CA MET D 1 -47.57 15.97 -13.52
C MET D 1 -46.08 15.64 -13.56
N ILE D 2 -45.41 15.82 -14.71
CA ILE D 2 -43.94 15.64 -14.77
C ILE D 2 -43.27 16.99 -15.05
N ARG D 3 -42.58 17.49 -14.01
CA ARG D 3 -42.01 18.82 -13.97
C ARG D 3 -41.02 18.96 -15.12
N THR D 4 -40.92 20.16 -15.70
CA THR D 4 -39.97 20.38 -16.79
C THR D 4 -38.79 21.20 -16.27
N GLY D 5 -37.73 21.24 -17.07
CA GLY D 5 -36.53 22.03 -16.77
C GLY D 5 -36.84 23.51 -16.64
N THR D 6 -37.66 24.02 -17.56
CA THR D 6 -38.13 25.41 -17.55
C THR D 6 -38.86 25.78 -16.26
N GLN D 7 -39.82 24.98 -15.84
CA GLN D 7 -40.57 25.29 -14.61
C GLN D 7 -39.59 25.34 -13.44
N TYR D 8 -38.57 24.48 -13.52
CA TYR D 8 -37.62 24.35 -12.43
C TYR D 8 -36.91 25.71 -12.26
N LEU D 9 -36.32 26.16 -13.34
CA LEU D 9 -35.50 27.36 -13.34
C LEU D 9 -36.32 28.52 -12.78
N GLU D 10 -37.51 28.70 -13.35
CA GLU D 10 -38.44 29.78 -12.97
C GLU D 10 -38.64 29.76 -11.44
N SER D 11 -38.78 28.55 -10.87
CA SER D 11 -39.07 28.37 -9.45
C SER D 11 -37.93 28.85 -8.55
N LEU D 12 -36.70 28.93 -9.09
CA LEU D 12 -35.53 29.34 -8.27
C LEU D 12 -35.59 30.85 -7.95
N ASN D 13 -36.28 31.63 -8.81
CA ASN D 13 -36.39 33.06 -8.58
C ASN D 13 -37.51 33.32 -7.54
N ASP D 14 -37.26 33.00 -6.27
CA ASP D 14 -38.31 33.06 -5.23
C ASP D 14 -37.81 33.85 -4.00
N GLY D 15 -36.78 34.69 -4.16
CA GLY D 15 -36.30 35.51 -3.03
C GLY D 15 -35.58 34.75 -1.93
N ARG D 16 -35.00 33.58 -2.25
CA ARG D 16 -34.16 32.84 -1.28
C ARG D 16 -32.84 33.62 -1.02
N ASN D 17 -32.37 33.56 0.24
CA ASN D 17 -31.16 34.29 0.70
C ASN D 17 -29.93 33.38 0.52
N VAL D 18 -29.12 33.59 -0.53
CA VAL D 18 -27.97 32.72 -0.83
C VAL D 18 -26.65 33.52 -0.95
N TRP D 19 -25.67 33.17 -0.13
CA TRP D 19 -24.26 33.48 -0.38
C TRP D 19 -23.58 32.36 -1.19
N VAL D 20 -22.85 32.80 -2.21
CA VAL D 20 -21.83 32.01 -2.89
C VAL D 20 -20.51 32.80 -2.84
N GLY D 21 -19.56 32.28 -2.07
CA GLY D 21 -18.40 33.04 -1.65
C GLY D 21 -18.81 34.35 -1.02
N ASN D 22 -18.25 35.44 -1.53
CA ASN D 22 -18.52 36.79 -1.04
C ASN D 22 -19.83 37.32 -1.64
N GLU D 23 -20.36 36.70 -2.68
CA GLU D 23 -21.43 37.32 -3.45
C GLU D 23 -22.80 36.94 -2.90
N LYS D 24 -23.74 37.86 -3.10
CA LYS D 24 -25.15 37.64 -2.84
C LYS D 24 -25.81 37.27 -4.18
N ILE D 25 -26.55 36.16 -4.23
CA ILE D 25 -27.15 35.72 -5.51
C ILE D 25 -28.59 36.25 -5.64
N ASP D 26 -28.78 37.11 -6.63
CA ASP D 26 -30.07 37.70 -6.88
C ASP D 26 -31.03 36.60 -7.34
N ASN D 27 -30.54 35.77 -8.29
CA ASN D 27 -31.31 34.69 -8.87
C ASN D 27 -30.39 33.51 -9.23
N VAL D 28 -30.55 32.41 -8.50
CA VAL D 28 -29.77 31.19 -8.71
C VAL D 28 -29.88 30.69 -10.15
N ALA D 29 -30.96 30.95 -10.89
CA ALA D 29 -31.08 30.37 -12.26
C ALA D 29 -30.22 31.11 -13.29
N THR D 30 -29.95 32.40 -13.08
CA THR D 30 -29.24 33.24 -14.08
C THR D 30 -27.89 33.77 -13.56
N HIS D 31 -27.58 33.65 -12.29
CA HIS D 31 -26.31 34.22 -11.76
C HIS D 31 -25.13 33.45 -12.34
N PRO D 32 -24.09 34.15 -12.85
CA PRO D 32 -22.92 33.55 -13.55
C PRO D 32 -22.23 32.42 -12.77
N LYS D 33 -22.41 32.35 -11.46
CA LYS D 33 -21.67 31.44 -10.59
C LYS D 33 -22.51 30.21 -10.27
N THR D 34 -23.83 30.31 -10.44
CA THR D 34 -24.78 29.28 -10.05
C THR D 34 -25.58 28.74 -11.24
N ARG D 35 -25.60 29.40 -12.39
CA ARG D 35 -26.59 29.12 -13.44
C ARG D 35 -26.27 27.81 -14.20
N ASP D 36 -25.00 27.41 -14.23
CA ASP D 36 -24.67 26.23 -15.03
C ASP D 36 -25.19 24.98 -14.30
N TYR D 37 -25.04 24.92 -13.00
CA TYR D 37 -25.48 23.78 -12.23
C TYR D 37 -27.01 23.77 -12.14
N ALA D 38 -27.61 24.96 -12.05
CA ALA D 38 -29.08 25.12 -12.12
C ALA D 38 -29.58 24.43 -13.40
N GLN D 39 -28.90 24.70 -14.51
CA GLN D 39 -29.22 24.14 -15.79
C GLN D 39 -29.05 22.60 -15.78
N ARG D 40 -28.13 22.08 -14.97
CA ARG D 40 -27.94 20.62 -14.87
C ARG D 40 -29.14 19.98 -14.15
N HIS D 41 -29.64 20.67 -13.14
CA HIS D 41 -30.86 20.23 -12.51
C HIS D 41 -32.01 20.32 -13.53
N ALA D 42 -32.04 21.36 -14.37
CA ALA D 42 -33.07 21.48 -15.41
C ALA D 42 -32.95 20.28 -16.37
N ASP D 43 -31.72 19.98 -16.82
CA ASP D 43 -31.47 18.82 -17.68
C ASP D 43 -32.07 17.57 -17.02
N PHE D 44 -31.93 17.46 -15.71
CA PHE D 44 -32.43 16.27 -14.98
C PHE D 44 -33.96 16.12 -15.12
N TYR D 45 -34.72 17.20 -14.87
CA TYR D 45 -36.20 17.18 -15.11
C TYR D 45 -36.47 16.82 -16.57
N ASP D 46 -35.82 17.48 -17.51
CA ASP D 46 -36.12 17.32 -18.95
C ASP D 46 -35.79 15.88 -19.41
N LEU D 47 -34.83 15.23 -18.75
CA LEU D 47 -34.51 13.82 -19.00
C LEU D 47 -35.80 12.98 -19.00
N HIS D 48 -36.69 13.22 -18.04
CA HIS D 48 -37.90 12.44 -17.86
C HIS D 48 -38.95 12.75 -18.95
N HIS D 49 -38.67 13.69 -19.85
CA HIS D 49 -39.53 13.97 -20.99
C HIS D 49 -38.89 13.49 -22.28
N ARG D 50 -37.74 12.83 -22.22
CA ARG D 50 -37.12 12.42 -23.47
C ARG D 50 -37.74 11.07 -23.88
N PRO D 51 -38.29 11.02 -25.12
CA PRO D 51 -39.11 9.87 -25.59
C PRO D 51 -38.33 8.54 -25.57
N ASP D 52 -37.02 8.53 -25.92
CA ASP D 52 -36.22 7.28 -25.92
C ASP D 52 -35.91 6.81 -24.49
N LEU D 53 -36.08 7.67 -23.50
CA LEU D 53 -35.71 7.34 -22.13
C LEU D 53 -36.94 7.01 -21.29
N GLN D 54 -38.14 7.05 -21.87
CA GLN D 54 -39.41 7.01 -21.12
C GLN D 54 -39.57 5.68 -20.37
N ASP D 55 -39.16 4.56 -20.95
CA ASP D 55 -39.36 3.27 -20.27
C ASP D 55 -38.47 3.22 -19.01
N VAL D 56 -37.26 3.82 -19.10
CA VAL D 56 -36.26 3.80 -18.03
C VAL D 56 -36.53 4.90 -16.98
N MET D 57 -37.07 6.06 -17.38
CA MET D 57 -37.08 7.27 -16.52
C MET D 57 -38.43 7.46 -15.81
N THR D 58 -39.45 6.71 -16.21
CA THR D 58 -40.83 6.95 -15.71
C THR D 58 -41.57 5.61 -15.50
N TYR D 59 -42.49 5.58 -14.55
CA TYR D 59 -43.47 4.51 -14.44
C TYR D 59 -44.89 5.07 -14.47
N ILE D 60 -45.83 4.17 -14.76
CA ILE D 60 -47.27 4.41 -14.58
C ILE D 60 -47.64 4.03 -13.16
N ASP D 61 -48.26 4.94 -12.39
CA ASP D 61 -48.56 4.65 -10.97
C ASP D 61 -49.88 3.85 -10.91
N GLU D 62 -50.30 3.51 -9.70
CA GLU D 62 -51.56 2.76 -9.48
C GLU D 62 -52.76 3.57 -9.99
N GLY D 63 -52.68 4.91 -9.87
CA GLY D 63 -53.76 5.78 -10.32
C GLY D 63 -53.85 5.90 -11.83
N GLY D 64 -52.76 5.65 -12.56
CA GLY D 64 -52.75 5.77 -14.03
C GLY D 64 -51.84 6.90 -14.54
N GLN D 65 -51.26 7.70 -13.63
CA GLN D 65 -50.40 8.86 -14.01
C GLN D 65 -48.96 8.40 -14.25
N ARG D 66 -48.34 8.94 -15.30
CA ARG D 66 -46.89 8.81 -15.51
C ARG D 66 -46.15 9.61 -14.43
N ARG D 67 -45.25 8.95 -13.69
CA ARG D 67 -44.47 9.57 -12.60
C ARG D 67 -42.98 9.42 -12.87
N ALA D 68 -42.20 10.36 -12.35
CA ALA D 68 -40.75 10.27 -12.46
C ALA D 68 -40.25 9.14 -11.55
N MET D 69 -39.26 8.43 -12.06
CA MET D 69 -38.78 7.20 -11.41
C MET D 69 -38.15 7.51 -10.04
N GLN D 70 -37.93 8.78 -9.71
CA GLN D 70 -37.42 9.12 -8.36
C GLN D 70 -38.49 8.91 -7.28
N TRP D 71 -39.75 8.75 -7.68
CA TRP D 71 -40.83 8.62 -6.72
C TRP D 71 -41.25 7.14 -6.55
N PHE D 72 -40.80 6.26 -7.43
CA PHE D 72 -41.09 4.77 -7.43
C PHE D 72 -40.53 4.05 -6.19
N GLY D 73 -41.40 3.28 -5.53
CA GLY D 73 -41.05 2.38 -4.42
C GLY D 73 -40.84 0.95 -4.90
N HIS D 74 -39.69 0.37 -4.57
CA HIS D 74 -39.33 -0.97 -5.05
C HIS D 74 -39.66 -1.98 -3.96
N ARG D 75 -40.52 -2.94 -4.30
CA ARG D 75 -41.10 -3.85 -3.31
C ARG D 75 -40.51 -5.25 -3.46
N ASP D 76 -39.71 -5.44 -4.50
CA ASP D 76 -38.92 -6.66 -4.63
C ASP D 76 -37.57 -6.30 -5.29
N LYS D 77 -36.83 -7.32 -5.69
CA LYS D 77 -35.49 -7.17 -6.23
C LYS D 77 -35.57 -6.52 -7.62
N GLU D 78 -36.47 -7.01 -8.48
CA GLU D 78 -36.44 -6.60 -9.91
C GLU D 78 -36.85 -5.13 -9.97
N GLN D 79 -37.63 -4.70 -8.99
CA GLN D 79 -38.03 -3.30 -8.91
C GLN D 79 -36.83 -2.48 -8.42
N LEU D 80 -36.12 -3.03 -7.44
CA LEU D 80 -34.94 -2.37 -6.96
C LEU D 80 -34.02 -2.10 -8.16
N ARG D 81 -33.86 -3.11 -9.03
CA ARG D 81 -32.87 -3.04 -10.13
C ARG D 81 -33.33 -2.06 -11.21
N ARG D 82 -34.65 -1.95 -11.40
CA ARG D 82 -35.27 -0.89 -12.23
C ARG D 82 -34.87 0.50 -11.69
N LYS D 83 -34.98 0.67 -10.38
CA LYS D 83 -34.59 1.93 -9.76
C LYS D 83 -33.08 2.17 -9.95
N ARG D 84 -32.23 1.18 -9.67
CA ARG D 84 -30.79 1.38 -9.85
C ARG D 84 -30.49 1.82 -11.29
N LYS D 85 -31.09 1.09 -12.23
CA LYS D 85 -30.89 1.38 -13.63
C LYS D 85 -31.30 2.82 -13.96
N TYR D 86 -32.39 3.29 -13.37
CA TYR D 86 -32.79 4.71 -13.48
C TYR D 86 -31.67 5.60 -12.95
N HIS D 87 -31.25 5.41 -11.70
CA HIS D 87 -30.15 6.22 -11.11
C HIS D 87 -28.86 6.17 -11.94
N GLU D 88 -28.57 5.02 -12.51
CA GLU D 88 -27.40 4.83 -13.30
C GLU D 88 -27.52 5.60 -14.59
N THR D 89 -28.68 5.49 -15.21
CA THR D 89 -28.92 6.19 -16.45
C THR D 89 -28.81 7.72 -16.24
N VAL D 90 -29.47 8.25 -15.23
CA VAL D 90 -29.36 9.69 -14.92
C VAL D 90 -27.88 10.06 -14.88
N MET D 91 -27.09 9.35 -14.06
CA MET D 91 -25.73 9.83 -13.80
C MET D 91 -24.83 9.63 -15.04
N ARG D 92 -25.16 8.68 -15.93
CA ARG D 92 -24.38 8.45 -17.14
C ARG D 92 -24.61 9.55 -18.17
N GLU D 93 -25.85 9.99 -18.27
CA GLU D 93 -26.28 11.10 -19.11
C GLU D 93 -25.66 12.43 -18.63
N MET D 94 -25.57 12.64 -17.31
CA MET D 94 -25.17 13.94 -16.73
C MET D 94 -23.67 13.93 -16.33
N ALA D 95 -22.81 13.98 -17.34
CA ALA D 95 -21.35 14.26 -17.18
C ALA D 95 -20.62 13.15 -16.41
N GLY D 96 -21.02 11.91 -16.62
CA GLY D 96 -20.30 10.75 -16.08
C GLY D 96 -20.30 10.73 -14.57
N ALA D 97 -21.46 10.86 -13.96
CA ALA D 97 -21.63 10.80 -12.49
C ALA D 97 -20.89 11.95 -11.78
N SER D 98 -20.74 13.11 -12.41
CA SER D 98 -20.02 14.24 -11.81
C SER D 98 -20.91 15.03 -10.84
N PHE D 99 -22.21 14.75 -10.76
CA PHE D 99 -23.09 15.50 -9.85
C PHE D 99 -23.82 14.54 -8.92
N PRO D 100 -23.30 14.38 -7.70
CA PRO D 100 -23.79 13.36 -6.78
C PRO D 100 -25.10 13.64 -6.01
N ARG D 101 -25.63 14.86 -6.04
CA ARG D 101 -26.86 15.18 -5.29
C ARG D 101 -27.88 15.85 -6.24
N THR D 102 -28.09 15.17 -7.35
CA THR D 102 -29.23 15.39 -8.19
C THR D 102 -30.50 15.01 -7.43
N PRO D 103 -31.67 15.51 -7.86
CA PRO D 103 -32.91 15.38 -7.07
C PRO D 103 -33.36 13.93 -6.76
N ASP D 104 -33.07 12.99 -7.65
CA ASP D 104 -33.38 11.57 -7.42
C ASP D 104 -32.65 11.01 -6.20
N VAL D 105 -31.50 11.57 -5.85
CA VAL D 105 -30.72 11.09 -4.74
C VAL D 105 -31.30 11.67 -3.45
N ASN D 106 -31.37 13.00 -3.43
CA ASN D 106 -31.95 13.79 -2.32
C ASN D 106 -33.27 13.14 -1.89
N ASN D 107 -34.17 12.92 -2.84
CA ASN D 107 -35.54 12.44 -2.55
C ASN D 107 -35.55 10.93 -2.22
N TYR D 108 -34.51 10.16 -2.59
CA TYR D 108 -34.52 8.69 -2.32
C TYR D 108 -34.83 8.44 -0.84
N VAL D 109 -34.29 9.32 -0.07
CA VAL D 109 -34.25 9.22 1.33
C VAL D 109 -35.66 9.17 1.93
N LEU D 110 -36.64 9.78 1.27
CA LEU D 110 -38.00 9.85 1.83
C LEU D 110 -38.65 8.45 1.88
N THR D 111 -38.11 7.44 1.18
CA THR D 111 -38.64 6.06 1.26
C THR D 111 -38.86 5.64 2.72
N THR D 112 -37.91 5.96 3.61
CA THR D 112 -37.96 5.46 5.00
C THR D 112 -39.22 5.93 5.74
N TYR D 113 -39.66 7.17 5.53
CA TYR D 113 -40.82 7.72 6.25
C TYR D 113 -42.08 7.02 5.73
N ILE D 114 -42.18 6.88 4.41
CA ILE D 114 -43.34 6.27 3.79
C ILE D 114 -43.43 4.81 4.23
N ASP D 115 -42.32 4.13 4.27
CA ASP D 115 -42.30 2.70 4.53
C ASP D 115 -42.89 2.43 5.93
N ASP D 116 -42.65 3.31 6.89
CA ASP D 116 -43.10 3.10 8.25
C ASP D 116 -43.11 4.45 8.99
N PRO D 117 -44.15 5.26 8.76
CA PRO D 117 -44.28 6.59 9.39
C PRO D 117 -44.52 6.57 10.92
N ALA D 118 -45.36 5.65 11.40
CA ALA D 118 -45.88 5.75 12.77
C ALA D 118 -44.78 6.06 13.79
N PRO D 119 -43.67 5.31 13.80
CA PRO D 119 -42.78 5.49 14.96
C PRO D 119 -42.20 6.91 15.11
N TRP D 120 -42.20 7.69 14.03
CA TRP D 120 -41.74 9.05 14.06
C TRP D 120 -42.69 9.91 14.93
N GLU D 121 -43.99 9.62 14.80
CA GLU D 121 -45.04 10.30 15.60
C GLU D 121 -44.97 9.80 17.04
N THR D 122 -45.10 8.49 17.20
CA THR D 122 -45.33 7.89 18.52
C THR D 122 -44.10 8.10 19.42
N GLN D 123 -42.93 8.34 18.84
CA GLN D 123 -41.72 8.40 19.67
C GLN D 123 -41.42 9.86 20.02
N SER D 124 -42.20 10.79 19.48
CA SER D 124 -42.02 12.21 19.79
C SER D 124 -42.15 12.45 21.30
N ILE D 125 -41.23 13.22 21.86
CA ILE D 125 -41.35 13.69 23.24
C ILE D 125 -41.53 15.22 23.21
N GLY D 126 -42.61 15.68 23.84
CA GLY D 126 -42.79 17.10 24.16
C GLY D 126 -43.45 17.88 23.04
N ASP D 127 -44.25 17.22 22.19
CA ASP D 127 -45.01 17.91 21.11
C ASP D 127 -46.47 18.12 21.50
N ASP D 128 -46.87 17.60 22.68
CA ASP D 128 -48.26 17.60 23.17
C ASP D 128 -49.22 17.15 22.05
N GLY D 129 -48.83 16.08 21.34
CA GLY D 129 -49.73 15.35 20.39
C GLY D 129 -49.89 15.99 19.01
N HIS D 130 -49.16 17.07 18.71
CA HIS D 130 -49.43 17.82 17.49
C HIS D 130 -48.91 17.12 16.23
N ILE D 131 -47.89 16.26 16.34
CA ILE D 131 -47.25 15.66 15.14
C ILE D 131 -48.02 14.40 14.70
N LYS D 132 -48.30 14.34 13.39
CA LYS D 132 -49.16 13.30 12.84
C LYS D 132 -48.44 12.59 11.67
N ALA D 133 -48.25 11.27 11.86
CA ALA D 133 -47.64 10.34 10.88
C ALA D 133 -48.20 10.57 9.48
N GLY D 134 -49.53 10.56 9.35
CA GLY D 134 -50.18 10.78 8.06
C GLY D 134 -49.79 12.10 7.45
N LYS D 135 -49.46 13.09 8.26
CA LYS D 135 -49.03 14.38 7.70
C LYS D 135 -47.64 14.26 7.05
N ILE D 136 -46.75 13.49 7.66
CA ILE D 136 -45.45 13.13 7.06
C ILE D 136 -45.70 12.59 5.65
N VAL D 137 -46.58 11.60 5.56
CA VAL D 137 -46.90 10.94 4.29
C VAL D 137 -47.45 11.97 3.29
N ASP D 138 -48.31 12.88 3.73
CA ASP D 138 -48.97 13.81 2.79
C ASP D 138 -47.92 14.76 2.21
N PHE D 139 -46.95 15.15 3.05
CA PHE D 139 -45.86 16.00 2.58
C PHE D 139 -45.06 15.31 1.46
N ILE D 140 -44.64 14.06 1.69
CA ILE D 140 -43.89 13.30 0.68
C ILE D 140 -44.75 13.17 -0.59
N ARG D 141 -46.06 12.98 -0.41
CA ARG D 141 -47.00 12.80 -1.55
C ARG D 141 -47.06 14.13 -2.34
N TYR D 142 -47.10 15.22 -1.57
CA TYR D 142 -47.05 16.58 -2.09
C TYR D 142 -45.76 16.74 -2.92
N ALA D 143 -44.63 16.43 -2.26
CA ALA D 143 -43.29 16.46 -2.91
C ALA D 143 -43.32 15.65 -4.20
N ARG D 144 -43.94 14.46 -4.15
CA ARG D 144 -44.09 13.59 -5.33
C ARG D 144 -44.90 14.27 -6.44
N GLU D 145 -46.06 14.79 -6.05
CA GLU D 145 -47.00 15.47 -6.94
C GLU D 145 -46.30 16.58 -7.75
N HIS D 146 -45.39 17.33 -7.13
CA HIS D 146 -44.85 18.50 -7.85
C HIS D 146 -43.37 18.32 -8.23
N ASP D 147 -42.79 17.15 -7.95
CA ASP D 147 -41.42 16.82 -8.38
C ASP D 147 -40.43 17.75 -7.63
N LEU D 148 -40.67 17.86 -6.32
CA LEU D 148 -39.95 18.82 -5.47
C LEU D 148 -38.68 18.18 -4.88
N ASN D 149 -37.60 18.96 -4.98
CA ASN D 149 -36.30 18.58 -4.49
C ASN D 149 -36.18 18.92 -3.00
N CYS D 150 -36.30 17.90 -2.15
CA CYS D 150 -36.09 18.05 -0.72
C CYS D 150 -34.63 17.73 -0.38
N ALA D 151 -33.87 18.80 -0.12
CA ALA D 151 -32.44 18.70 0.13
C ALA D 151 -32.25 18.36 1.60
N PRO D 152 -31.62 17.20 1.85
CA PRO D 152 -31.36 16.75 3.19
C PRO D 152 -30.19 17.48 3.86
N GLN D 153 -30.41 17.86 5.13
CA GLN D 153 -29.42 18.47 5.99
C GLN D 153 -29.52 17.86 7.39
N PHE D 154 -28.74 16.80 7.65
CA PHE D 154 -28.77 16.08 8.91
C PHE D 154 -27.48 16.27 9.71
N VAL D 155 -26.34 16.04 9.07
CA VAL D 155 -25.07 15.91 9.80
C VAL D 155 -24.75 17.27 10.44
N ASP D 156 -24.15 17.27 11.65
CA ASP D 156 -23.75 18.51 12.37
C ASP D 156 -22.23 18.59 12.45
N PRO D 171 -24.65 25.26 19.24
CA PRO D 171 -24.44 25.84 17.90
C PRO D 171 -25.25 25.14 16.79
N GLY D 172 -25.62 23.87 16.98
CA GLY D 172 -26.56 23.18 16.08
C GLY D 172 -27.98 23.69 16.26
N LEU D 173 -28.82 23.44 15.27
CA LEU D 173 -30.26 23.83 15.29
C LEU D 173 -30.94 23.26 16.54
N ARG D 174 -31.66 24.12 17.27
CA ARG D 174 -32.50 23.67 18.40
C ARG D 174 -33.90 24.30 18.33
N VAL D 175 -34.84 23.67 19.02
CA VAL D 175 -36.21 24.21 19.13
C VAL D 175 -36.23 25.29 20.22
N VAL D 176 -36.51 26.55 19.89
CA VAL D 176 -36.48 27.61 20.93
C VAL D 176 -37.89 27.97 21.40
N GLU D 177 -38.93 27.72 20.59
CA GLU D 177 -40.30 28.08 20.97
C GLU D 177 -41.27 27.01 20.44
N LYS D 178 -42.13 26.49 21.34
CA LYS D 178 -43.27 25.62 20.96
C LYS D 178 -44.59 26.34 21.25
N ASN D 179 -45.56 26.25 20.33
CA ASN D 179 -46.93 26.74 20.59
C ASN D 179 -47.93 25.82 19.87
N GLU D 180 -49.10 26.35 19.45
CA GLU D 180 -50.22 25.51 18.97
C GLU D 180 -50.29 25.52 17.42
N LYS D 181 -49.45 26.35 16.80
CA LYS D 181 -49.36 26.42 15.33
C LYS D 181 -48.13 25.63 14.85
N GLY D 182 -47.02 25.66 15.60
CA GLY D 182 -45.82 24.93 15.18
C GLY D 182 -44.64 25.07 16.12
N ILE D 183 -43.43 25.04 15.54
CA ILE D 183 -42.20 25.18 16.31
C ILE D 183 -41.38 26.33 15.69
N VAL D 184 -40.42 26.80 16.48
CA VAL D 184 -39.49 27.78 16.03
C VAL D 184 -38.07 27.23 16.28
N VAL D 185 -37.26 27.30 15.23
CA VAL D 185 -35.95 26.70 15.25
C VAL D 185 -34.93 27.82 15.01
N ASN D 186 -33.77 27.68 15.66
CA ASN D 186 -32.72 28.68 15.61
C ASN D 186 -31.37 27.95 15.66
N GLY D 187 -30.53 28.23 14.68
CA GLY D 187 -29.21 27.62 14.63
C GLY D 187 -28.76 27.30 13.22
N VAL D 188 -27.79 26.40 13.16
CA VAL D 188 -27.13 26.09 11.90
C VAL D 188 -27.28 24.60 11.59
N LYS D 189 -27.44 24.31 10.30
CA LYS D 189 -27.20 22.98 9.75
C LYS D 189 -25.97 23.10 8.85
N ALA D 190 -24.86 22.60 9.38
CA ALA D 190 -23.52 22.91 8.93
C ALA D 190 -23.20 22.18 7.61
N ILE D 191 -23.88 21.09 7.33
CA ILE D 191 -23.59 20.35 6.11
C ILE D 191 -24.83 20.41 5.20
N GLY D 192 -24.58 20.79 3.97
CA GLY D 192 -25.61 20.80 2.97
C GLY D 192 -24.99 20.89 1.61
N THR D 193 -25.52 20.10 0.68
CA THR D 193 -25.02 20.06 -0.66
C THR D 193 -26.14 20.35 -1.66
N GLY D 194 -26.00 21.46 -2.38
CA GLY D 194 -26.89 21.84 -3.44
C GLY D 194 -28.20 22.43 -2.93
N VAL D 195 -28.19 22.94 -1.70
CA VAL D 195 -29.43 23.40 -1.05
C VAL D 195 -29.93 24.64 -1.79
N ALA D 196 -29.01 25.43 -2.33
CA ALA D 196 -29.35 26.65 -3.09
C ALA D 196 -30.10 26.32 -4.40
N PHE D 197 -30.19 25.05 -4.74
CA PHE D 197 -30.80 24.65 -5.98
C PHE D 197 -32.05 23.80 -5.71
N ALA D 198 -32.40 23.58 -4.46
CA ALA D 198 -33.48 22.70 -4.08
C ALA D 198 -34.78 23.49 -3.84
N ASP D 199 -35.86 22.76 -3.58
CA ASP D 199 -37.14 23.36 -3.33
C ASP D 199 -37.35 23.48 -1.82
N TRP D 200 -37.10 22.39 -1.12
CA TRP D 200 -37.29 22.29 0.31
C TRP D 200 -36.02 21.76 0.97
N ILE D 201 -35.87 22.10 2.24
CA ILE D 201 -34.80 21.62 3.07
C ILE D 201 -35.37 20.52 3.95
N HIS D 202 -34.68 19.40 4.05
CA HIS D 202 -35.16 18.30 4.86
C HIS D 202 -34.22 18.15 6.06
N ILE D 203 -34.75 18.55 7.22
CA ILE D 203 -34.00 18.67 8.44
C ILE D 203 -34.05 17.34 9.18
N GLY D 204 -32.91 16.97 9.70
CA GLY D 204 -32.81 15.78 10.49
C GLY D 204 -31.60 15.88 11.38
N VAL D 205 -31.31 14.83 12.11
CA VAL D 205 -30.16 14.82 12.98
C VAL D 205 -29.75 13.37 13.28
N PHE D 206 -28.48 13.17 13.59
CA PHE D 206 -28.02 11.89 14.12
C PHE D 206 -27.74 12.04 15.62
N PHE D 207 -28.18 11.06 16.39
CA PHE D 207 -27.87 11.02 17.81
C PHE D 207 -26.35 11.07 17.98
N ARG D 208 -25.92 11.89 18.96
CA ARG D 208 -24.55 11.88 19.54
C ARG D 208 -24.67 11.76 21.07
N PRO D 209 -23.68 11.16 21.74
CA PRO D 209 -23.74 11.06 23.20
C PRO D 209 -24.21 12.34 23.88
N GLY D 210 -25.24 12.22 24.73
CA GLY D 210 -25.76 13.35 25.51
C GLY D 210 -26.27 14.50 24.64
N ILE D 211 -27.13 14.18 23.67
CA ILE D 211 -27.83 15.19 22.88
C ILE D 211 -29.11 15.55 23.64
N PRO D 212 -29.51 16.83 23.62
CA PRO D 212 -30.79 17.25 24.23
C PRO D 212 -32.03 17.06 23.32
N GLY D 213 -33.20 16.94 23.96
CA GLY D 213 -34.46 16.77 23.25
C GLY D 213 -34.78 17.93 22.32
N ASP D 214 -34.27 19.11 22.66
CA ASP D 214 -34.58 20.33 21.89
C ASP D 214 -33.70 20.39 20.63
N GLN D 215 -32.69 19.50 20.49
CA GLN D 215 -31.85 19.46 19.25
C GLN D 215 -32.23 18.24 18.39
N VAL D 216 -33.20 17.42 18.81
CA VAL D 216 -33.70 16.30 17.99
C VAL D 216 -34.94 16.77 17.21
N ILE D 217 -34.81 16.87 15.89
CA ILE D 217 -35.73 17.60 15.02
C ILE D 217 -35.71 16.96 13.63
N PHE D 218 -36.84 16.56 13.14
CA PHE D 218 -36.97 16.23 11.77
C PHE D 218 -38.13 17.05 11.24
N ALA D 219 -37.91 17.78 10.17
CA ALA D 219 -38.96 18.55 9.57
C ALA D 219 -38.56 18.84 8.15
N ALA D 220 -39.48 19.42 7.40
CA ALA D 220 -39.19 19.98 6.06
C ALA D 220 -39.58 21.46 6.03
N THR D 221 -38.84 22.28 5.28
CA THR D 221 -39.17 23.73 5.16
C THR D 221 -38.67 24.29 3.81
N PRO D 222 -39.45 25.19 3.23
CA PRO D 222 -39.02 25.74 1.95
C PRO D 222 -37.63 26.41 2.04
N VAL D 223 -36.93 26.50 0.91
CA VAL D 223 -35.59 27.08 0.88
C VAL D 223 -35.72 28.59 1.11
N ASN D 224 -36.81 29.22 0.66
CA ASN D 224 -36.98 30.67 0.82
C ASN D 224 -37.80 31.00 2.09
N THR D 225 -37.92 30.04 3.02
CA THR D 225 -38.56 30.30 4.32
C THR D 225 -37.89 31.49 5.00
N PRO D 226 -38.69 32.50 5.41
CA PRO D 226 -38.10 33.63 6.13
C PRO D 226 -37.22 33.17 7.30
N GLY D 227 -36.00 33.73 7.38
CA GLY D 227 -35.02 33.38 8.42
C GLY D 227 -33.96 32.39 7.93
N VAL D 228 -34.14 31.85 6.73
CA VAL D 228 -33.22 30.85 6.18
C VAL D 228 -32.19 31.55 5.31
N THR D 229 -30.91 31.27 5.58
CA THR D 229 -29.81 31.80 4.81
C THR D 229 -28.90 30.64 4.40
N ILE D 230 -28.69 30.50 3.11
CA ILE D 230 -27.88 29.43 2.56
C ILE D 230 -26.49 30.03 2.35
N VAL D 231 -25.46 29.44 2.95
CA VAL D 231 -24.14 30.04 2.88
C VAL D 231 -23.16 29.04 2.27
N CYS D 232 -22.79 29.32 1.03
CA CYS D 232 -22.07 28.38 0.17
C CYS D 232 -20.66 28.88 -0.11
N ARG D 233 -19.76 27.91 -0.28
CA ARG D 233 -18.38 28.13 -0.72
C ARG D 233 -18.38 28.76 -2.11
N GLU D 234 -17.23 29.31 -2.50
CA GLU D 234 -17.10 29.97 -3.81
C GLU D 234 -17.35 28.94 -4.91
N SER D 235 -17.82 29.43 -6.07
CA SER D 235 -18.15 28.54 -7.17
C SER D 235 -16.89 28.21 -7.96
N LEU D 236 -16.75 26.94 -8.35
CA LEU D 236 -15.56 26.44 -9.00
C LEU D 236 -15.84 26.23 -10.49
N VAL D 237 -16.99 26.68 -10.95
CA VAL D 237 -17.39 26.53 -12.34
C VAL D 237 -16.34 27.24 -13.17
N LYS D 238 -16.04 26.66 -14.33
CA LYS D 238 -15.06 27.25 -15.24
C LYS D 238 -15.80 28.02 -16.34
N ASP D 239 -15.10 29.02 -16.89
CA ASP D 239 -15.70 29.99 -17.77
C ASP D 239 -15.87 29.42 -19.18
N ASP D 240 -14.86 28.64 -19.61
CA ASP D 240 -14.67 28.28 -21.01
C ASP D 240 -14.96 26.77 -21.21
N LYS D 241 -16.11 26.43 -21.77
CA LYS D 241 -16.57 25.02 -21.86
C LYS D 241 -15.72 24.23 -22.86
N VAL D 242 -15.06 24.87 -23.80
CA VAL D 242 -14.22 24.13 -24.75
C VAL D 242 -12.95 23.60 -24.03
N GLU D 243 -12.32 24.44 -23.25
CA GLU D 243 -11.11 24.07 -22.50
C GLU D 243 -11.50 23.12 -21.35
N HIS D 244 -12.67 23.35 -20.77
CA HIS D 244 -13.17 22.62 -19.63
C HIS D 244 -14.62 22.14 -19.87
N PRO D 245 -14.77 21.06 -20.65
CA PRO D 245 -16.05 20.50 -21.04
C PRO D 245 -16.88 20.00 -19.86
N LEU D 246 -16.23 19.68 -18.74
CA LEU D 246 -17.00 19.19 -17.62
C LEU D 246 -17.12 20.27 -16.56
N ALA D 247 -16.09 21.06 -16.34
CA ALA D 247 -16.12 21.91 -15.17
C ALA D 247 -16.86 23.21 -15.49
N ALA D 248 -17.04 23.50 -16.78
CA ALA D 248 -17.93 24.59 -17.20
C ALA D 248 -19.42 24.23 -16.99
N GLN D 249 -19.71 22.95 -16.71
CA GLN D 249 -21.09 22.51 -16.71
C GLN D 249 -21.76 22.88 -15.38
N GLY D 250 -20.99 23.26 -14.35
CA GLY D 250 -21.59 23.83 -13.13
C GLY D 250 -21.06 23.18 -11.87
N ASP D 251 -21.03 23.95 -10.79
CA ASP D 251 -20.49 23.47 -9.51
C ASP D 251 -21.67 23.23 -8.56
N GLU D 252 -21.73 22.01 -8.08
CA GLU D 252 -22.67 21.62 -7.11
C GLU D 252 -22.19 22.15 -5.76
N LEU D 253 -22.72 23.30 -5.33
CA LEU D 253 -22.14 24.04 -4.21
C LEU D 253 -22.36 23.25 -2.92
N ASP D 254 -21.39 23.29 -2.02
CA ASP D 254 -21.58 22.81 -0.68
C ASP D 254 -21.65 24.04 0.23
N GLY D 255 -22.22 23.89 1.41
CA GLY D 255 -22.32 25.04 2.28
C GLY D 255 -23.07 24.72 3.56
N MET D 256 -23.41 25.77 4.31
CA MET D 256 -24.19 25.61 5.53
C MET D 256 -25.51 26.39 5.39
N THR D 257 -26.45 26.09 6.26
CA THR D 257 -27.74 26.82 6.31
C THR D 257 -27.93 27.37 7.73
N VAL D 258 -28.19 28.66 7.81
CA VAL D 258 -28.47 29.33 9.06
C VAL D 258 -30.00 29.50 9.18
N PHE D 259 -30.54 29.19 10.36
CA PHE D 259 -31.97 29.37 10.64
C PHE D 259 -32.14 30.41 11.76
N GLU D 260 -32.60 31.58 11.36
CA GLU D 260 -32.84 32.67 12.32
C GLU D 260 -34.30 32.63 12.78
N ASN D 261 -34.57 31.97 13.90
CA ASN D 261 -35.94 31.84 14.50
C ASN D 261 -36.95 31.53 13.39
N VAL D 262 -36.75 30.42 12.72
CA VAL D 262 -37.55 30.07 11.56
C VAL D 262 -38.81 29.31 12.03
N PHE D 263 -39.95 29.67 11.43
CA PHE D 263 -41.21 29.02 11.79
C PHE D 263 -41.57 27.89 10.84
N ILE D 264 -41.79 26.71 11.45
CA ILE D 264 -42.28 25.49 10.78
C ILE D 264 -43.60 25.04 11.41
N PRO D 265 -44.62 24.83 10.59
CA PRO D 265 -45.87 24.30 11.16
C PRO D 265 -45.75 22.83 11.58
N TRP D 266 -46.60 22.39 12.51
CA TRP D 266 -46.62 20.99 12.99
C TRP D 266 -46.85 19.99 11.85
N SER D 267 -47.52 20.44 10.80
CA SER D 267 -47.87 19.60 9.68
C SER D 267 -46.62 19.08 8.97
N HIS D 268 -45.57 19.92 8.98
CA HIS D 268 -44.31 19.73 8.27
C HIS D 268 -43.20 19.43 9.28
N VAL D 269 -43.59 18.95 10.46
CA VAL D 269 -42.66 18.43 11.46
C VAL D 269 -42.90 16.92 11.55
N PHE D 270 -41.83 16.15 11.55
CA PHE D 270 -41.94 14.71 11.48
C PHE D 270 -41.68 14.08 12.86
N HIS D 271 -40.84 14.71 13.67
CA HIS D 271 -40.53 14.15 14.95
C HIS D 271 -39.64 15.11 15.72
N ILE D 272 -39.80 15.14 17.04
CA ILE D 272 -38.94 15.97 17.90
C ILE D 272 -38.59 15.23 19.20
N GLY D 273 -37.51 15.66 19.84
CA GLY D 273 -37.35 15.48 21.27
C GLY D 273 -36.73 14.15 21.70
N ASN D 274 -36.64 13.13 20.84
CA ASN D 274 -36.31 11.78 21.36
C ASN D 274 -34.93 11.31 20.89
N PRO D 275 -33.92 11.47 21.75
CA PRO D 275 -32.56 11.03 21.47
C PRO D 275 -32.47 9.58 20.98
N ASN D 276 -33.29 8.69 21.57
CA ASN D 276 -33.29 7.27 21.25
C ASN D 276 -33.68 7.06 19.78
N HIS D 277 -34.70 7.79 19.36
CA HIS D 277 -35.15 7.67 17.99
C HIS D 277 -33.99 8.05 17.05
N ALA D 278 -33.16 9.00 17.46
CA ALA D 278 -32.10 9.51 16.60
C ALA D 278 -30.90 8.56 16.56
N LYS D 279 -30.98 7.40 17.21
CA LYS D 279 -29.93 6.40 17.08
C LYS D 279 -30.12 5.68 15.73
N LEU D 280 -31.30 5.08 15.53
CA LEU D 280 -31.50 4.09 14.47
C LEU D 280 -32.16 4.70 13.22
N TYR D 281 -33.14 5.56 13.40
CA TYR D 281 -34.09 5.88 12.34
C TYR D 281 -33.47 6.82 11.30
N PRO D 282 -32.62 7.75 11.72
CA PRO D 282 -31.90 8.58 10.76
C PRO D 282 -30.96 7.76 9.87
N GLN D 283 -30.39 6.68 10.41
CA GLN D 283 -29.50 5.82 9.64
C GLN D 283 -30.30 5.08 8.57
N ARG D 284 -31.57 4.78 8.89
CA ARG D 284 -32.51 4.15 7.97
C ARG D 284 -32.87 5.14 6.86
N VAL D 285 -32.93 6.42 7.18
CA VAL D 285 -33.10 7.47 6.16
C VAL D 285 -31.85 7.51 5.26
N PHE D 286 -30.66 7.53 5.85
CA PHE D 286 -29.45 7.78 5.03
C PHE D 286 -29.03 6.51 4.25
N ASP D 287 -29.49 5.33 4.70
CA ASP D 287 -29.21 4.07 3.98
C ASP D 287 -29.38 4.23 2.46
N TRP D 288 -30.44 4.93 2.04
CA TRP D 288 -30.80 5.08 0.63
C TRP D 288 -29.72 5.90 -0.08
N LEU D 289 -29.23 6.91 0.61
CA LEU D 289 -28.16 7.74 0.11
C LEU D 289 -26.87 6.94 -0.07
N HIS D 290 -26.59 6.04 0.85
CA HIS D 290 -25.40 5.14 0.78
C HIS D 290 -25.55 4.12 -0.36
N TYR D 291 -26.68 3.39 -0.44
CA TYR D 291 -26.86 2.51 -1.57
C TYR D 291 -26.62 3.28 -2.89
N HIS D 292 -27.15 4.50 -2.99
CA HIS D 292 -26.99 5.33 -4.25
C HIS D 292 -25.51 5.66 -4.46
N ALA D 293 -24.81 5.91 -3.34
CA ALA D 293 -23.33 6.18 -3.31
C ALA D 293 -22.53 5.10 -4.05
N LEU D 294 -22.82 3.84 -3.78
CA LEU D 294 -22.13 2.74 -4.46
C LEU D 294 -22.52 2.70 -5.95
N ILE D 295 -23.78 2.98 -6.30
CA ILE D 295 -24.13 2.95 -7.71
C ILE D 295 -23.17 3.90 -8.43
N ARG D 296 -23.05 5.08 -7.85
CA ARG D 296 -22.27 6.19 -8.40
C ARG D 296 -20.77 5.85 -8.45
N GLN D 297 -20.27 5.24 -7.37
CA GLN D 297 -18.88 4.86 -7.23
C GLN D 297 -18.55 3.82 -8.31
N MET D 298 -19.49 2.91 -8.58
CA MET D 298 -19.29 2.00 -9.69
C MET D 298 -19.12 2.80 -11.00
N VAL D 299 -19.94 3.81 -11.21
CA VAL D 299 -19.88 4.49 -12.50
C VAL D 299 -18.60 5.34 -12.55
N ARG D 300 -18.17 5.92 -11.44
CA ARG D 300 -16.88 6.66 -11.44
C ARG D 300 -15.73 5.70 -11.78
N ALA D 301 -15.70 4.53 -11.14
CA ALA D 301 -14.70 3.48 -11.39
C ALA D 301 -14.66 3.08 -12.86
N GLU D 302 -15.82 2.88 -13.45
CA GLU D 302 -15.93 2.56 -14.88
C GLU D 302 -15.35 3.71 -15.73
N LEU D 303 -15.64 4.96 -15.34
CA LEU D 303 -15.15 6.09 -16.11
C LEU D 303 -13.62 6.18 -16.06
N VAL D 304 -13.04 5.98 -14.87
CA VAL D 304 -11.65 6.06 -14.67
C VAL D 304 -10.97 4.96 -15.50
N ALA D 305 -11.48 3.73 -15.43
CA ALA D 305 -10.88 2.63 -16.17
C ALA D 305 -10.92 2.95 -17.67
N GLY D 306 -12.04 3.52 -18.10
CA GLY D 306 -12.23 3.79 -19.53
C GLY D 306 -11.26 4.85 -20.03
N LEU D 307 -10.98 5.83 -19.17
CA LEU D 307 -10.05 6.92 -19.53
C LEU D 307 -8.64 6.36 -19.57
N ALA D 308 -8.30 5.43 -18.67
CA ALA D 308 -6.95 4.82 -18.71
C ALA D 308 -6.74 4.04 -20.03
N VAL D 309 -7.78 3.32 -20.47
CA VAL D 309 -7.76 2.61 -21.74
C VAL D 309 -7.68 3.64 -22.86
N LEU D 310 -8.52 4.68 -22.84
CA LEU D 310 -8.49 5.59 -23.97
C LEU D 310 -7.10 6.23 -24.04
N ILE D 311 -6.57 6.72 -22.93
CA ILE D 311 -5.31 7.50 -22.95
C ILE D 311 -4.11 6.58 -23.20
N THR D 312 -4.08 5.35 -22.67
CA THR D 312 -2.97 4.42 -23.00
C THR D 312 -3.05 3.99 -24.48
N GLU D 313 -4.26 3.82 -25.00
CA GLU D 313 -4.41 3.48 -26.41
C GLU D 313 -4.05 4.65 -27.32
N HIS D 314 -4.32 5.90 -26.92
CA HIS D 314 -4.02 7.00 -27.83
C HIS D 314 -2.50 7.24 -27.85
N ILE D 315 -1.87 7.24 -26.69
CA ILE D 315 -0.41 7.39 -26.61
C ILE D 315 0.24 6.15 -27.25
N GLY D 316 -0.29 4.97 -26.99
CA GLY D 316 0.29 3.75 -27.54
C GLY D 316 1.14 2.97 -26.55
N THR D 317 0.99 3.28 -25.26
CA THR D 317 1.64 2.56 -24.19
C THR D 317 0.79 1.35 -23.73
N ASN D 318 -0.31 1.07 -24.42
CA ASN D 318 -1.25 0.07 -23.87
C ASN D 318 -0.70 -1.34 -24.09
N LYS D 319 0.34 -1.47 -24.91
CA LYS D 319 0.90 -2.79 -25.26
C LYS D 319 2.00 -3.17 -24.26
N ILE D 320 2.54 -2.18 -23.56
CA ILE D 320 3.58 -2.42 -22.56
C ILE D 320 3.02 -3.22 -21.37
N PRO D 321 3.56 -4.42 -21.13
CA PRO D 321 2.96 -5.31 -20.11
C PRO D 321 2.78 -4.61 -18.74
N ALA D 322 3.70 -3.72 -18.35
CA ALA D 322 3.61 -2.99 -17.07
C ALA D 322 2.37 -2.07 -17.02
N VAL D 323 1.99 -1.52 -18.15
CA VAL D 323 0.83 -0.66 -18.24
C VAL D 323 -0.45 -1.52 -18.29
N GLN D 324 -0.42 -2.60 -19.05
CA GLN D 324 -1.51 -3.57 -19.03
C GLN D 324 -1.90 -3.91 -17.59
N THR D 325 -0.96 -4.28 -16.76
CA THR D 325 -1.32 -4.73 -15.43
C THR D 325 -1.85 -3.55 -14.60
N ARG D 326 -1.37 -2.35 -14.91
CA ARG D 326 -1.87 -1.20 -14.20
C ARG D 326 -3.30 -0.90 -14.64
N VAL D 327 -3.58 -1.01 -15.93
CA VAL D 327 -4.90 -0.71 -16.40
C VAL D 327 -5.85 -1.81 -15.92
N ALA D 328 -5.40 -3.08 -15.87
CA ALA D 328 -6.29 -4.23 -15.48
C ALA D 328 -6.82 -4.00 -14.06
N LYS D 329 -5.96 -3.40 -13.26
CA LYS D 329 -6.24 -3.13 -11.89
C LYS D 329 -7.37 -2.10 -11.76
N LEU D 330 -7.34 -1.09 -12.64
CA LEU D 330 -8.42 -0.12 -12.69
C LEU D 330 -9.71 -0.87 -13.06
N ILE D 331 -9.64 -1.73 -14.11
CA ILE D 331 -10.83 -2.52 -14.56
C ILE D 331 -11.33 -3.39 -13.40
N GLY D 332 -10.41 -3.99 -12.67
CA GLY D 332 -10.78 -4.85 -11.57
C GLY D 332 -11.50 -4.11 -10.47
N PHE D 333 -11.11 -2.88 -10.22
CA PHE D 333 -11.70 -2.06 -9.19
C PHE D 333 -13.16 -1.78 -9.55
N HIS D 334 -13.42 -1.51 -10.83
CA HIS D 334 -14.79 -1.31 -11.31
C HIS D 334 -15.61 -2.59 -11.09
N GLN D 335 -15.03 -3.72 -11.40
CA GLN D 335 -15.67 -5.01 -11.25
C GLN D 335 -15.92 -5.28 -9.76
N ALA D 336 -15.06 -4.80 -8.87
CA ALA D 336 -15.29 -4.96 -7.45
C ALA D 336 -16.46 -4.08 -6.99
N MET D 337 -16.61 -2.86 -7.54
CA MET D 337 -17.74 -2.02 -7.21
C MET D 337 -19.03 -2.72 -7.68
N LEU D 338 -18.99 -3.32 -8.87
CA LEU D 338 -20.15 -3.98 -9.44
C LEU D 338 -20.50 -5.23 -8.63
N ALA D 339 -19.51 -6.00 -8.22
CA ALA D 339 -19.75 -7.19 -7.41
C ALA D 339 -20.47 -6.82 -6.11
N HIS D 340 -19.98 -5.75 -5.44
CA HIS D 340 -20.64 -5.33 -4.19
C HIS D 340 -22.08 -4.91 -4.49
N LEU D 341 -22.29 -4.09 -5.51
CA LEU D 341 -23.62 -3.54 -5.79
C LEU D 341 -24.59 -4.69 -6.08
N ILE D 342 -24.19 -5.58 -6.97
CA ILE D 342 -25.01 -6.72 -7.34
C ILE D 342 -25.22 -7.66 -6.14
N ALA D 343 -24.22 -7.97 -5.35
CA ALA D 343 -24.50 -8.88 -4.26
C ALA D 343 -25.39 -8.20 -3.21
N SER D 344 -25.31 -6.87 -3.10
CA SER D 344 -26.13 -6.16 -2.15
C SER D 344 -27.60 -6.29 -2.54
N GLU D 345 -27.89 -6.19 -3.85
CA GLU D 345 -29.28 -6.28 -4.34
C GLU D 345 -29.82 -7.70 -4.18
N GLU D 346 -28.93 -8.66 -4.47
CA GLU D 346 -29.25 -10.09 -4.41
C GLU D 346 -29.58 -10.53 -2.99
N LEU D 347 -28.87 -10.00 -1.99
CA LEU D 347 -29.01 -10.45 -0.62
C LEU D 347 -29.72 -9.40 0.24
N GLY D 348 -30.70 -8.73 -0.35
CA GLY D 348 -31.51 -7.75 0.34
C GLY D 348 -32.69 -8.42 1.05
N PHE D 349 -33.58 -7.59 1.58
CA PHE D 349 -34.57 -7.99 2.58
C PHE D 349 -35.74 -7.00 2.57
N HIS D 350 -36.89 -7.43 3.06
CA HIS D 350 -38.04 -6.53 3.10
C HIS D 350 -38.00 -5.72 4.39
N THR D 351 -38.33 -4.43 4.30
CA THR D 351 -38.51 -3.55 5.46
C THR D 351 -39.93 -3.75 6.04
N PRO D 352 -40.24 -3.16 7.22
CA PRO D 352 -41.57 -3.23 7.87
C PRO D 352 -42.79 -3.02 6.94
N GLY D 353 -42.73 -1.99 6.10
CA GLY D 353 -43.83 -1.71 5.18
C GLY D 353 -43.70 -2.49 3.87
N GLY D 354 -42.73 -3.41 3.80
CA GLY D 354 -42.66 -4.36 2.69
C GLY D 354 -41.97 -3.80 1.46
N HIS D 355 -41.15 -2.76 1.63
CA HIS D 355 -40.24 -2.33 0.55
C HIS D 355 -39.06 -3.30 0.53
N TYR D 356 -38.42 -3.46 -0.63
CA TYR D 356 -37.23 -4.31 -0.68
C TYR D 356 -35.99 -3.42 -0.58
N LYS D 357 -35.17 -3.65 0.44
CA LYS D 357 -33.96 -2.86 0.68
C LYS D 357 -32.72 -3.72 0.40
N PRO D 358 -31.75 -3.19 -0.38
CA PRO D 358 -30.47 -3.83 -0.63
C PRO D 358 -29.70 -4.04 0.68
N ASN D 359 -28.76 -4.98 0.66
CA ASN D 359 -28.14 -5.46 1.88
C ASN D 359 -27.16 -4.40 2.38
N ILE D 360 -27.55 -3.78 3.49
CA ILE D 360 -26.85 -2.65 4.11
C ILE D 360 -25.38 -2.98 4.30
N LEU D 361 -25.12 -4.18 4.76
CA LEU D 361 -23.77 -4.51 5.15
C LEU D 361 -22.85 -4.51 3.93
N ILE D 362 -23.30 -5.10 2.83
CA ILE D 362 -22.49 -5.36 1.63
C ILE D 362 -22.30 -4.06 0.84
N TYR D 363 -23.36 -3.28 0.62
CA TYR D 363 -23.18 -2.02 -0.11
C TYR D 363 -22.29 -1.07 0.71
N ASP D 364 -22.35 -1.10 2.03
CA ASP D 364 -21.47 -0.19 2.80
C ASP D 364 -20.01 -0.69 2.78
N PHE D 365 -19.75 -1.99 2.81
CA PHE D 365 -18.35 -2.47 2.69
C PHE D 365 -17.85 -2.08 1.30
N GLY D 366 -18.75 -2.12 0.33
CA GLY D 366 -18.50 -1.58 -1.00
C GLY D 366 -18.07 -0.13 -0.98
N ARG D 367 -18.79 0.71 -0.26
CA ARG D 367 -18.38 2.11 -0.09
C ARG D 367 -17.01 2.18 0.56
N ALA D 368 -16.75 1.34 1.55
CA ALA D 368 -15.48 1.35 2.31
C ALA D 368 -14.28 1.13 1.40
N LEU D 369 -14.47 0.24 0.42
CA LEU D 369 -13.44 -0.20 -0.47
C LEU D 369 -13.09 0.91 -1.46
N TYR D 370 -14.11 1.57 -1.99
CA TYR D 370 -13.91 2.71 -2.88
C TYR D 370 -13.13 3.78 -2.12
N LEU D 371 -13.62 4.17 -0.95
CA LEU D 371 -13.05 5.32 -0.24
C LEU D 371 -11.62 4.99 0.22
N GLU D 372 -11.30 3.71 0.35
CA GLU D 372 -9.97 3.29 0.74
C GLU D 372 -9.02 3.27 -0.46
N ASN D 373 -9.51 3.05 -1.67
CA ASN D 373 -8.64 2.85 -2.82
C ASN D 373 -8.83 3.90 -3.92
N PHE D 374 -9.89 4.73 -3.93
CA PHE D 374 -10.20 5.56 -5.11
C PHE D 374 -8.99 6.43 -5.44
N SER D 375 -8.45 6.99 -4.37
CA SER D 375 -7.39 7.96 -4.46
C SER D 375 -6.14 7.34 -5.09
N GLN D 376 -5.81 6.09 -4.79
CA GLN D 376 -4.66 5.53 -5.51
C GLN D 376 -5.08 5.20 -6.97
N MET D 377 -6.34 4.91 -7.24
CA MET D 377 -6.76 4.52 -8.60
C MET D 377 -6.68 5.74 -9.53
N ILE D 378 -7.01 6.90 -8.99
CA ILE D 378 -6.95 8.15 -9.70
C ILE D 378 -5.49 8.46 -9.96
N TYR D 379 -4.64 8.46 -8.93
CA TYR D 379 -3.19 8.64 -9.15
C TYR D 379 -2.72 7.75 -10.31
N GLU D 380 -3.19 6.50 -10.35
CA GLU D 380 -2.79 5.62 -11.42
C GLU D 380 -3.20 6.16 -12.80
N LEU D 381 -4.43 6.64 -12.98
CA LEU D 381 -4.85 7.22 -14.29
C LEU D 381 -3.99 8.45 -14.65
N VAL D 382 -3.81 9.32 -13.66
CA VAL D 382 -3.03 10.54 -13.81
C VAL D 382 -1.59 10.20 -14.24
N ASP D 383 -0.97 9.21 -13.59
CA ASP D 383 0.42 8.90 -13.87
C ASP D 383 0.54 8.24 -15.25
N LEU D 384 -0.36 7.30 -15.57
CA LEU D 384 -0.47 6.68 -16.92
C LEU D 384 -0.70 7.72 -18.01
N SER D 385 -1.37 8.82 -17.69
CA SER D 385 -1.68 9.77 -18.74
C SER D 385 -0.46 10.65 -19.02
N GLY D 386 0.54 10.56 -18.14
CA GLY D 386 1.83 11.25 -18.33
C GLY D 386 1.69 12.75 -18.37
N ARG D 387 2.17 13.36 -19.47
CA ARG D 387 2.20 14.81 -19.61
C ARG D 387 0.86 15.29 -20.17
N SER D 388 -0.01 14.39 -20.59
CA SER D 388 -1.16 14.71 -21.42
C SER D 388 -2.32 15.28 -20.60
N ALA D 389 -2.09 15.48 -19.31
CA ALA D 389 -3.12 15.95 -18.40
C ALA D 389 -2.89 17.44 -18.03
N LEU D 390 -1.64 17.81 -17.79
CA LEU D 390 -1.36 19.20 -17.47
C LEU D 390 -1.02 19.94 -18.78
N ILE D 391 -0.03 19.44 -19.55
CA ILE D 391 0.52 20.16 -20.70
C ILE D 391 -0.12 19.62 -21.97
N PHE D 392 -1.18 20.28 -22.44
CA PHE D 392 -1.67 20.09 -23.82
C PHE D 392 -2.16 21.43 -24.39
N ALA D 393 -2.29 21.45 -25.69
CA ALA D 393 -2.65 22.64 -26.44
C ALA D 393 -3.99 23.20 -25.98
N SER D 394 -4.09 24.51 -25.81
CA SER D 394 -5.41 25.14 -25.78
C SER D 394 -5.99 25.10 -27.21
N GLU D 395 -7.27 25.41 -27.39
CA GLU D 395 -7.90 25.21 -28.73
C GLU D 395 -7.30 26.19 -29.76
N ASP D 396 -7.13 27.45 -29.38
CA ASP D 396 -6.56 28.43 -30.31
C ASP D 396 -5.12 28.04 -30.68
N GLN D 397 -4.32 27.61 -29.71
CA GLN D 397 -2.96 27.12 -29.98
C GLN D 397 -3.05 26.02 -31.03
N TRP D 398 -3.97 25.12 -30.82
CA TRP D 398 -4.06 23.95 -31.67
C TRP D 398 -4.30 24.36 -33.12
N ASN D 399 -5.11 25.39 -33.34
CA ASN D 399 -5.61 25.69 -34.69
C ASN D 399 -4.76 26.80 -35.32
N ASP D 400 -3.74 27.25 -34.60
CA ASP D 400 -2.88 28.27 -35.12
C ASP D 400 -2.07 27.69 -36.29
N ASP D 401 -1.92 28.48 -37.35
CA ASP D 401 -1.37 27.97 -38.61
C ASP D 401 0.09 27.58 -38.44
N LYS D 402 0.78 28.27 -37.54
CA LYS D 402 2.16 27.91 -37.23
C LYS D 402 2.19 26.69 -36.30
N LEU D 403 1.32 26.61 -35.29
CA LEU D 403 1.50 25.57 -34.25
C LEU D 403 0.77 24.26 -34.60
N ASN D 404 -0.20 24.31 -35.52
CA ASN D 404 -1.06 23.16 -35.77
C ASN D 404 -0.23 21.92 -36.16
N GLY D 405 0.73 22.09 -37.05
CA GLY D 405 1.48 20.96 -37.60
C GLY D 405 2.38 20.29 -36.56
N TRP D 406 2.94 21.09 -35.62
CA TRP D 406 3.75 20.52 -34.53
C TRP D 406 2.81 19.77 -33.56
N PHE D 407 1.73 20.39 -33.16
CA PHE D 407 0.81 19.72 -32.27
C PHE D 407 0.30 18.40 -32.85
N GLU D 408 -0.08 18.40 -34.12
CA GLU D 408 -0.58 17.16 -34.76
C GLU D 408 0.50 16.07 -34.73
N ARG D 409 1.75 16.45 -34.99
CA ARG D 409 2.84 15.49 -35.03
C ARG D 409 3.13 14.93 -33.64
N MET D 410 2.93 15.75 -32.59
CA MET D 410 3.24 15.32 -31.20
C MET D 410 2.12 14.45 -30.61
N ASN D 411 0.91 14.60 -31.12
CA ASN D 411 -0.22 13.89 -30.57
C ASN D 411 -0.63 12.72 -31.48
N ASN D 412 0.19 12.41 -32.48
CA ASN D 412 -0.07 11.29 -33.37
C ASN D 412 0.16 9.97 -32.64
N GLY D 413 -0.61 8.95 -33.00
CA GLY D 413 -0.37 7.59 -32.52
C GLY D 413 -1.26 6.60 -33.26
N PRO D 414 -1.26 5.33 -32.86
CA PRO D 414 -1.94 4.27 -33.61
C PRO D 414 -3.40 4.62 -33.95
N VAL D 415 -4.22 4.79 -32.91
CA VAL D 415 -5.68 4.96 -33.08
C VAL D 415 -5.99 6.43 -33.40
N GLY D 416 -7.17 6.64 -33.96
CA GLY D 416 -7.90 7.92 -33.99
C GLY D 416 -7.15 9.08 -34.62
N ARG D 417 -7.56 10.27 -34.19
CA ARG D 417 -7.08 11.54 -34.68
C ARG D 417 -6.30 12.23 -33.55
N PRO D 418 -5.20 12.95 -33.88
CA PRO D 418 -4.36 13.53 -32.82
C PRO D 418 -5.09 14.42 -31.79
N HIS D 419 -6.09 15.17 -32.22
CA HIS D 419 -6.89 16.04 -31.34
C HIS D 419 -7.60 15.24 -30.24
N ASP D 420 -7.91 13.97 -30.46
CA ASP D 420 -8.55 13.15 -29.42
C ASP D 420 -7.71 13.15 -28.13
N ARG D 421 -6.39 13.21 -28.25
CA ARG D 421 -5.56 13.29 -27.05
C ARG D 421 -6.02 14.49 -26.20
N VAL D 422 -6.15 15.65 -26.81
CA VAL D 422 -6.57 16.85 -26.08
C VAL D 422 -7.98 16.60 -25.55
N LYS D 423 -8.88 16.07 -26.38
CA LYS D 423 -10.19 15.70 -25.86
C LYS D 423 -10.06 14.91 -24.56
N ILE D 424 -9.20 13.87 -24.52
CA ILE D 424 -9.14 12.95 -23.36
C ILE D 424 -8.47 13.68 -22.19
N GLY D 425 -7.38 14.36 -22.52
CA GLY D 425 -6.70 15.24 -21.60
C GLY D 425 -7.64 16.23 -20.92
N ARG D 426 -8.54 16.88 -21.63
CA ARG D 426 -9.39 17.88 -20.97
C ARG D 426 -10.29 17.21 -19.93
N VAL D 427 -10.74 15.99 -20.19
CA VAL D 427 -11.63 15.33 -19.30
C VAL D 427 -10.84 14.89 -18.08
N ILE D 428 -9.62 14.37 -18.28
CA ILE D 428 -8.82 13.93 -17.14
C ILE D 428 -8.50 15.16 -16.28
N ARG D 429 -8.14 16.27 -16.94
CA ARG D 429 -7.76 17.47 -16.22
C ARG D 429 -8.94 17.93 -15.36
N ASP D 430 -10.09 18.07 -16.00
CA ASP D 430 -11.27 18.59 -15.32
C ASP D 430 -11.63 17.69 -14.15
N LEU D 431 -11.62 16.37 -14.36
CA LEU D 431 -12.08 15.47 -13.30
C LEU D 431 -11.12 15.42 -12.11
N PHE D 432 -9.80 15.51 -12.35
CA PHE D 432 -8.85 15.18 -11.31
C PHE D 432 -7.81 16.29 -11.06
N LEU D 433 -7.78 17.36 -11.85
CA LEU D 433 -6.71 18.31 -11.65
C LEU D 433 -7.30 19.72 -11.54
N THR D 434 -8.59 19.86 -11.28
CA THR D 434 -9.16 21.17 -11.06
C THR D 434 -9.79 21.19 -9.68
N ASP D 435 -9.92 22.40 -9.13
CA ASP D 435 -10.70 22.68 -7.95
C ASP D 435 -12.04 21.91 -8.07
N TRP D 436 -12.67 22.10 -9.21
CA TRP D 436 -13.96 21.57 -9.51
C TRP D 436 -13.94 20.05 -9.32
N GLY D 437 -12.99 19.40 -9.99
CA GLY D 437 -12.85 17.96 -9.89
C GLY D 437 -12.45 17.53 -8.48
N SER D 438 -11.54 18.26 -7.85
CA SER D 438 -11.07 17.98 -6.47
C SER D 438 -12.21 17.97 -5.46
N ARG D 439 -13.19 18.85 -5.65
CA ARG D 439 -14.31 18.88 -4.77
C ARG D 439 -15.04 17.52 -4.81
N LEU D 440 -15.27 16.97 -6.00
CA LEU D 440 -15.99 15.67 -6.11
C LEU D 440 -15.18 14.63 -5.34
N PHE D 441 -13.86 14.77 -5.40
CA PHE D 441 -12.86 13.93 -4.69
C PHE D 441 -13.17 13.93 -3.17
N VAL D 442 -13.08 15.12 -2.58
CA VAL D 442 -13.37 15.38 -1.14
C VAL D 442 -14.81 15.03 -0.77
N PHE D 443 -15.73 15.18 -1.71
CA PHE D 443 -17.13 14.96 -1.38
C PHE D 443 -17.37 13.48 -1.07
N GLU D 444 -16.63 12.56 -1.70
CA GLU D 444 -16.88 11.09 -1.55
C GLU D 444 -16.71 10.70 -0.08
N ASN D 445 -15.81 11.37 0.63
CA ASN D 445 -15.63 11.15 2.07
C ASN D 445 -16.80 11.70 2.89
N PHE D 446 -17.71 12.46 2.24
CA PHE D 446 -18.89 13.04 2.88
C PHE D 446 -20.18 12.72 2.07
N ASN D 447 -20.17 11.67 1.24
CA ASN D 447 -21.39 11.20 0.57
C ASN D 447 -22.07 10.17 1.47
N GLY D 448 -22.43 10.61 2.68
CA GLY D 448 -22.80 9.73 3.78
C GLY D 448 -21.67 9.58 4.79
N THR D 449 -21.63 8.43 5.45
CA THR D 449 -20.74 8.20 6.58
C THR D 449 -19.34 7.87 6.03
N PRO D 450 -18.27 8.47 6.63
CA PRO D 450 -16.85 8.29 6.17
C PRO D 450 -16.29 6.88 6.42
N LEU D 451 -15.13 6.57 5.80
CA LEU D 451 -14.53 5.21 5.79
C LEU D 451 -14.38 4.65 7.22
N GLN D 452 -13.89 5.49 8.14
CA GLN D 452 -13.65 5.05 9.54
C GLN D 452 -14.98 4.81 10.25
N GLY D 453 -16.04 5.52 9.86
CA GLY D 453 -17.37 5.36 10.48
C GLY D 453 -18.03 4.04 10.11
N ILE D 454 -17.79 3.58 8.87
CA ILE D 454 -18.37 2.34 8.36
C ILE D 454 -17.84 1.15 9.18
N ARG D 455 -16.55 1.16 9.36
CA ARG D 455 -15.86 0.19 10.17
C ARG D 455 -16.38 0.30 11.62
N MET D 456 -16.43 1.51 12.20
CA MET D 456 -16.72 1.68 13.63
C MET D 456 -18.18 1.32 13.96
N LEU D 457 -19.15 1.66 13.10
CA LEU D 457 -20.59 1.45 13.42
C LEU D 457 -20.96 -0.02 13.19
N THR D 458 -20.23 -0.66 12.28
CA THR D 458 -20.34 -2.09 12.07
C THR D 458 -19.85 -2.84 13.31
N MET D 459 -18.68 -2.43 13.84
CA MET D 459 -17.94 -3.21 14.87
C MET D 459 -18.54 -3.02 16.27
N GLN D 460 -19.35 -1.97 16.47
CA GLN D 460 -19.95 -1.71 17.81
C GLN D 460 -21.22 -2.58 18.00
N ARG D 461 -21.64 -3.32 16.96
CA ARG D 461 -22.77 -4.24 17.03
C ARG D 461 -22.24 -5.64 17.35
N ALA D 462 -23.00 -6.43 18.12
CA ALA D 462 -22.47 -7.69 18.70
C ALA D 462 -22.60 -8.89 17.72
N GLU D 463 -23.21 -8.71 16.55
CA GLU D 463 -23.27 -9.79 15.55
C GLU D 463 -21.99 -9.85 14.72
N PHE D 464 -20.98 -9.01 15.02
CA PHE D 464 -19.63 -9.16 14.47
C PHE D 464 -18.65 -9.52 15.58
N SER D 465 -19.19 -10.00 16.70
CA SER D 465 -18.38 -10.47 17.81
C SER D 465 -18.18 -11.98 17.65
N GLY D 466 -17.50 -12.60 18.61
CA GLY D 466 -17.09 -14.02 18.53
C GLY D 466 -18.25 -14.98 18.70
N SER D 467 -19.33 -14.48 19.32
CA SER D 467 -20.59 -15.18 19.42
C SER D 467 -21.36 -15.07 18.08
N GLY D 468 -21.07 -14.07 17.26
CA GLY D 468 -21.69 -13.93 15.93
C GLY D 468 -21.24 -14.99 14.93
N PRO D 469 -21.67 -14.81 13.66
CA PRO D 469 -21.37 -15.75 12.54
C PRO D 469 -19.89 -15.78 12.14
N TYR D 470 -19.16 -14.66 12.32
CA TYR D 470 -17.72 -14.67 12.04
C TYR D 470 -16.96 -15.56 13.02
N GLY D 471 -17.51 -15.77 14.20
CA GLY D 471 -16.88 -16.63 15.18
C GLY D 471 -16.99 -18.10 14.85
N LYS D 472 -18.00 -18.50 14.10
CA LYS D 472 -18.38 -19.90 14.07
C LYS D 472 -17.27 -20.73 13.41
N LEU D 473 -16.87 -20.46 12.18
CA LEU D 473 -15.84 -21.29 11.60
C LEU D 473 -14.56 -21.28 12.48
N ALA D 474 -14.09 -20.09 12.88
CA ALA D 474 -12.92 -19.95 13.75
C ALA D 474 -13.07 -20.80 15.03
N ARG D 475 -14.24 -20.73 15.71
CA ARG D 475 -14.43 -21.55 16.94
C ARG D 475 -14.32 -23.06 16.62
N GLN D 476 -14.89 -23.55 15.53
CA GLN D 476 -14.83 -25.00 15.19
C GLN D 476 -13.36 -25.36 14.90
N VAL D 477 -12.68 -24.56 14.09
CA VAL D 477 -11.30 -24.91 13.77
C VAL D 477 -10.46 -24.88 15.07
N CYS D 478 -10.80 -24.03 16.02
CA CYS D 478 -9.98 -23.90 17.24
C CYS D 478 -10.35 -24.94 18.32
N GLY D 479 -11.45 -25.69 18.18
CA GLY D 479 -11.86 -26.64 19.22
C GLY D 479 -12.46 -25.94 20.43
N ILE D 480 -13.07 -24.78 20.19
CA ILE D 480 -13.60 -23.97 21.27
C ILE D 480 -15.09 -24.27 21.43
N ASP D 481 -15.44 -24.80 22.62
CA ASP D 481 -16.83 -24.93 23.13
C ASP D 481 -17.82 -25.12 21.95
#